data_4JD6
#
_entry.id   4JD6
#
_cell.length_a   82.226
_cell.length_b   154.908
_cell.length_c   115.286
_cell.angle_alpha   90.00
_cell.angle_beta   104.70
_cell.angle_gamma   90.00
#
_symmetry.space_group_name_H-M   'P 1 21 1'
#
loop_
_entity.id
_entity.type
_entity.pdbx_description
1 polymer 'Enhanced intracellular survival protein'
2 non-polymer 'COENZYME A'
3 non-polymer TOBRAMYCIN
#
_entity_poly.entity_id   1
_entity_poly.type   'polypeptide(L)'
_entity_poly.pdbx_seq_one_letter_code
;MGSSHHHHHHSSGLVPRGSHMLQSDSMTVTLCSPTEDDWPGMFLLAAASFTDFIGPESATAWRTLVPTDGAVVVRDGAGP
GSEVVGMALYMDLRLTVPGEVVLPTAGLSFVAVAPTHRRRGLLRAMCAELHRRIADSGYPVAALHASEGGIYGRFGYGPA
TTLHELTVDRRFARFHADAPGGGLGGSSVRLVRPTEHRGEFEAIYERWRQQVPGGLLRPQVLWDELLAEAKAAPGGDRES
FALLHPDGYALYRVDRTDLKLARVSELRAVTADAHCALWRALIGLDSMERISIITHPQDPLPHLLTDTRLARTTWRQDGL
WLRIMNVPAALEARGYAHEVGEFSTVLEVSDGGRFALKIGDGRARCTPTDAAAEIEMDRDVLGSLYLGAHRASTLAAANR
LRTKDSQLLRRLDAAFASDVPVQTAFEF
;
_entity_poly.pdbx_strand_id   A,B,C,D,E,F
#
# COMPACT_ATOMS: atom_id res chain seq x y z
N VAL A 29 -25.74 -6.38 40.31
CA VAL A 29 -25.04 -5.18 39.78
C VAL A 29 -25.06 -4.05 40.83
N THR A 30 -23.94 -3.90 41.53
CA THR A 30 -23.81 -2.92 42.62
C THR A 30 -22.50 -2.14 42.53
N LEU A 31 -22.54 -0.86 42.91
CA LEU A 31 -21.40 0.03 42.83
C LEU A 31 -20.81 0.33 44.22
N CYS A 32 -19.49 0.19 44.34
CA CYS A 32 -18.78 0.44 45.60
C CYS A 32 -17.30 0.74 45.38
N SER A 33 -16.60 1.09 46.46
CA SER A 33 -15.15 1.31 46.44
C SER A 33 -14.40 -0.01 46.37
N PRO A 34 -13.22 -0.03 45.73
CA PRO A 34 -12.45 -1.27 45.61
C PRO A 34 -11.60 -1.60 46.84
N THR A 35 -11.46 -2.89 47.11
CA THR A 35 -10.58 -3.39 48.16
C THR A 35 -9.29 -3.92 47.54
N GLU A 36 -8.48 -4.62 48.33
CA GLU A 36 -7.22 -5.19 47.84
C GLU A 36 -7.46 -6.41 46.95
N ASP A 37 -8.58 -7.11 47.19
CA ASP A 37 -8.94 -8.30 46.42
C ASP A 37 -9.47 -7.98 45.02
N ASP A 38 -9.86 -6.73 44.81
CA ASP A 38 -10.44 -6.28 43.54
C ASP A 38 -9.42 -5.96 42.46
N TRP A 39 -8.21 -5.58 42.89
CA TRP A 39 -7.14 -5.17 41.97
C TRP A 39 -6.74 -6.22 40.95
N PRO A 40 -6.57 -7.50 41.37
CA PRO A 40 -6.28 -8.55 40.38
C PRO A 40 -7.36 -8.66 39.30
N GLY A 41 -8.62 -8.47 39.70
CA GLY A 41 -9.73 -8.46 38.75
C GLY A 41 -9.76 -7.21 37.89
N MET A 42 -9.31 -6.10 38.46
CA MET A 42 -9.25 -4.82 37.76
C MET A 42 -8.21 -4.81 36.64
N PHE A 43 -7.06 -5.44 36.90
CA PHE A 43 -5.99 -5.53 35.90
C PHE A 43 -6.40 -6.37 34.71
N LEU A 44 -7.27 -7.35 34.95
CA LEU A 44 -7.84 -8.19 33.89
C LEU A 44 -8.69 -7.35 32.94
N LEU A 45 -9.54 -6.50 33.50
CA LEU A 45 -10.41 -5.61 32.73
C LEU A 45 -9.59 -4.57 31.97
N ALA A 46 -8.57 -4.04 32.64
CA ALA A 46 -7.68 -3.02 32.06
C ALA A 46 -6.89 -3.56 30.88
N ALA A 47 -6.42 -4.79 30.98
CA ALA A 47 -5.63 -5.44 29.93
C ALA A 47 -6.49 -5.81 28.72
N ALA A 48 -7.77 -6.11 28.98
CA ALA A 48 -8.70 -6.49 27.92
C ALA A 48 -9.35 -5.29 27.24
N SER A 49 -9.30 -4.13 27.88
CA SER A 49 -9.90 -2.92 27.35
C SER A 49 -8.90 -1.98 26.69
N PHE A 50 -7.72 -1.85 27.29
CA PHE A 50 -6.67 -0.98 26.77
C PHE A 50 -5.52 -1.80 26.19
N THR A 51 -5.30 -1.67 24.89
CA THR A 51 -4.26 -2.41 24.18
C THR A 51 -2.87 -2.00 24.65
N ASP A 52 -2.70 -0.71 24.93
CA ASP A 52 -1.43 -0.17 25.41
C ASP A 52 -1.34 -0.14 26.94
N PHE A 53 -2.00 -1.11 27.57
CA PHE A 53 -1.94 -1.27 29.02
C PHE A 53 -0.52 -1.63 29.44
N ILE A 54 0.08 -0.78 30.27
CA ILE A 54 1.47 -0.92 30.73
C ILE A 54 1.76 -2.20 31.52
N GLY A 55 0.73 -3.01 31.73
CA GLY A 55 0.87 -4.27 32.46
C GLY A 55 0.52 -4.11 33.94
N PRO A 56 0.28 -5.23 34.64
CA PRO A 56 -0.04 -5.24 36.07
C PRO A 56 1.07 -4.67 36.94
N GLU A 57 2.28 -4.59 36.38
CA GLU A 57 3.45 -4.07 37.09
C GLU A 57 3.41 -2.54 37.27
N SER A 58 3.29 -1.83 36.16
CA SER A 58 3.39 -0.37 36.15
C SER A 58 2.13 0.32 36.67
N ALA A 59 0.99 -0.36 36.60
CA ALA A 59 -0.29 0.18 37.05
C ALA A 59 -0.35 0.40 38.57
N THR A 60 0.48 -0.34 39.31
CA THR A 60 0.58 -0.19 40.76
C THR A 60 1.37 1.08 41.12
N ALA A 61 2.34 1.43 40.28
CA ALA A 61 3.13 2.65 40.45
C ALA A 61 2.31 3.90 40.14
N TRP A 62 1.37 3.76 39.20
CA TRP A 62 0.43 4.83 38.86
C TRP A 62 -0.65 4.97 39.90
N ARG A 63 -0.85 3.92 40.69
CA ARG A 63 -1.89 3.89 41.73
C ARG A 63 -1.58 4.81 42.91
N THR A 64 -0.29 5.09 43.12
CA THR A 64 0.16 5.96 44.21
C THR A 64 -0.37 7.40 44.11
N LEU A 65 -0.89 7.75 42.94
CA LEU A 65 -1.45 9.08 42.68
C LEU A 65 -2.97 9.12 42.88
N VAL A 66 -3.59 7.95 43.00
CA VAL A 66 -5.02 7.86 43.23
C VAL A 66 -5.30 7.99 44.73
N PRO A 67 -6.08 9.02 45.13
CA PRO A 67 -6.41 9.25 46.54
C PRO A 67 -7.40 8.22 47.10
N THR A 68 -7.50 8.15 48.42
CA THR A 68 -8.43 7.24 49.09
C THR A 68 -9.87 7.54 48.67
N ASP A 69 -10.60 6.49 48.30
CA ASP A 69 -11.94 6.59 47.73
C ASP A 69 -11.97 7.36 46.40
N GLY A 70 -10.87 7.27 45.66
CA GLY A 70 -10.75 7.91 44.35
C GLY A 70 -10.90 6.92 43.21
N ALA A 71 -11.53 5.78 43.51
CA ALA A 71 -11.78 4.73 42.53
C ALA A 71 -13.11 4.05 42.82
N VAL A 72 -13.79 3.59 41.77
CA VAL A 72 -15.07 2.89 41.90
C VAL A 72 -15.11 1.62 41.06
N VAL A 73 -15.70 0.56 41.61
CA VAL A 73 -15.83 -0.72 40.90
C VAL A 73 -17.27 -1.25 40.91
N VAL A 74 -17.64 -1.93 39.83
CA VAL A 74 -18.95 -2.56 39.71
C VAL A 74 -18.77 -4.07 39.57
N ARG A 75 -19.44 -4.82 40.44
CA ARG A 75 -19.38 -6.28 40.42
C ARG A 75 -20.69 -6.90 39.98
N ASP A 76 -20.62 -8.13 39.46
CA ASP A 76 -21.80 -8.85 38.99
C ASP A 76 -22.19 -9.95 39.97
N GLY A 77 -23.19 -9.67 40.80
CA GLY A 77 -23.69 -10.61 41.80
C GLY A 77 -24.52 -9.93 42.87
N SER A 82 -18.59 -13.16 42.74
CA SER A 82 -18.86 -11.99 41.90
C SER A 82 -17.57 -11.41 41.34
N GLU A 83 -17.54 -11.20 40.03
CA GLU A 83 -16.38 -10.62 39.34
C GLU A 83 -16.62 -9.16 38.98
N VAL A 84 -15.54 -8.36 38.98
CA VAL A 84 -15.60 -6.94 38.63
C VAL A 84 -15.82 -6.77 37.12
N VAL A 85 -16.85 -6.01 36.77
CA VAL A 85 -17.25 -5.83 35.37
C VAL A 85 -17.33 -4.35 34.95
N GLY A 86 -16.80 -3.47 35.78
CA GLY A 86 -16.77 -2.04 35.51
C GLY A 86 -15.91 -1.28 36.51
N MET A 87 -15.04 -0.41 35.99
CA MET A 87 -14.12 0.35 36.84
C MET A 87 -13.87 1.77 36.32
N ALA A 88 -13.64 2.69 37.25
CA ALA A 88 -13.31 4.08 36.93
C ALA A 88 -12.58 4.73 38.12
N LEU A 89 -11.59 5.57 37.82
CA LEU A 89 -10.82 6.26 38.87
C LEU A 89 -10.30 7.64 38.43
N TYR A 90 -9.87 8.44 39.40
CA TYR A 90 -9.20 9.71 39.10
C TYR A 90 -7.91 9.86 39.89
N MET A 91 -6.98 10.65 39.34
CA MET A 91 -5.69 10.91 39.97
C MET A 91 -5.58 12.36 40.42
N ASP A 92 -4.86 12.56 41.52
CA ASP A 92 -4.62 13.90 42.05
C ASP A 92 -3.51 14.58 41.25
N LEU A 93 -3.90 15.52 40.40
CA LEU A 93 -2.97 16.21 39.52
C LEU A 93 -3.00 17.72 39.74
N ARG A 94 -1.97 18.41 39.26
CA ARG A 94 -1.86 19.86 39.40
C ARG A 94 -1.73 20.54 38.04
N LEU A 95 -2.86 21.03 37.52
CA LEU A 95 -2.92 21.67 36.21
C LEU A 95 -2.68 23.17 36.28
N THR A 96 -1.81 23.66 35.40
CA THR A 96 -1.53 25.09 35.29
C THR A 96 -2.49 25.73 34.30
N VAL A 97 -3.19 26.76 34.75
CA VAL A 97 -4.14 27.51 33.92
C VAL A 97 -3.53 28.85 33.49
N PRO A 98 -4.13 29.54 32.49
CA PRO A 98 -3.63 30.86 32.09
C PRO A 98 -3.42 31.81 33.26
N GLY A 99 -2.24 32.41 33.34
CA GLY A 99 -1.87 33.29 34.43
C GLY A 99 -1.00 32.61 35.48
N GLU A 100 -0.39 31.49 35.09
CA GLU A 100 0.53 30.69 35.94
C GLU A 100 -0.07 30.23 37.27
N VAL A 101 -1.40 30.07 37.31
CA VAL A 101 -2.09 29.59 38.50
C VAL A 101 -2.24 28.08 38.41
N VAL A 102 -1.86 27.38 39.49
CA VAL A 102 -1.91 25.92 39.53
C VAL A 102 -3.13 25.44 40.32
N LEU A 103 -4.03 24.75 39.63
CA LEU A 103 -5.26 24.22 40.24
C LEU A 103 -5.17 22.73 40.53
N PRO A 104 -5.76 22.29 41.66
CA PRO A 104 -5.92 20.86 41.93
C PRO A 104 -6.93 20.26 40.95
N THR A 105 -6.54 19.20 40.25
CA THR A 105 -7.34 18.64 39.18
C THR A 105 -7.52 17.13 39.32
N ALA A 106 -8.77 16.68 39.16
CA ALA A 106 -9.09 15.26 39.15
C ALA A 106 -8.86 14.69 37.76
N GLY A 107 -7.88 13.79 37.65
CA GLY A 107 -7.51 13.19 36.37
C GLY A 107 -8.17 11.85 36.12
N LEU A 108 -9.31 11.88 35.44
CA LEU A 108 -10.07 10.67 35.10
C LEU A 108 -9.28 9.71 34.23
N SER A 109 -9.10 8.49 34.74
CA SER A 109 -8.29 7.46 34.09
C SER A 109 -8.82 6.07 34.40
N PHE A 110 -8.35 5.07 33.64
CA PHE A 110 -8.73 3.65 33.83
C PHE A 110 -10.24 3.39 33.74
N VAL A 111 -10.94 4.23 32.98
CA VAL A 111 -12.39 4.11 32.86
C VAL A 111 -12.75 3.04 31.82
N ALA A 112 -13.23 1.90 32.29
CA ALA A 112 -13.53 0.76 31.43
C ALA A 112 -14.68 -0.09 31.95
N VAL A 113 -15.55 -0.51 31.03
CA VAL A 113 -16.64 -1.43 31.33
C VAL A 113 -16.41 -2.72 30.53
N ALA A 114 -16.61 -3.87 31.18
CA ALA A 114 -16.47 -5.17 30.54
C ALA A 114 -17.41 -5.31 29.34
N PRO A 115 -16.92 -5.90 28.23
CA PRO A 115 -17.68 -6.03 26.97
C PRO A 115 -18.96 -6.85 27.12
N THR A 116 -19.11 -7.52 28.26
CA THR A 116 -20.29 -8.32 28.56
C THR A 116 -21.39 -7.50 29.24
N HIS A 117 -21.08 -6.26 29.59
CA HIS A 117 -22.02 -5.40 30.33
C HIS A 117 -22.14 -4.00 29.78
N ARG A 118 -21.97 -3.85 28.47
CA ARG A 118 -22.19 -2.55 27.82
C ARG A 118 -23.68 -2.33 27.52
N ARG A 119 -24.04 -1.08 27.22
CA ARG A 119 -25.43 -0.66 26.99
C ARG A 119 -26.35 -0.92 28.18
N ARG A 120 -25.75 -1.14 29.35
CA ARG A 120 -26.48 -1.47 30.57
C ARG A 120 -26.61 -0.25 31.49
N GLY A 121 -25.72 0.72 31.30
CA GLY A 121 -25.75 1.96 32.07
C GLY A 121 -24.76 2.00 33.22
N LEU A 122 -23.64 1.31 33.05
CA LEU A 122 -22.60 1.25 34.10
C LEU A 122 -21.75 2.52 34.16
N LEU A 123 -21.40 3.07 33.00
CA LEU A 123 -20.59 4.29 32.92
C LEU A 123 -21.34 5.49 33.51
N ARG A 124 -22.60 5.64 33.13
CA ARG A 124 -23.46 6.72 33.62
C ARG A 124 -23.49 6.76 35.14
N ALA A 125 -23.51 5.58 35.76
CA ALA A 125 -23.49 5.44 37.21
C ALA A 125 -22.12 5.75 37.80
N MET A 126 -21.07 5.24 37.16
CA MET A 126 -19.70 5.39 37.65
C MET A 126 -19.18 6.82 37.55
N CYS A 127 -19.39 7.45 36.40
CA CYS A 127 -18.97 8.85 36.19
C CYS A 127 -19.73 9.82 37.08
N ALA A 128 -21.01 9.53 37.32
CA ALA A 128 -21.83 10.35 38.22
C ALA A 128 -21.38 10.21 39.68
N GLU A 129 -20.94 9.01 40.05
CA GLU A 129 -20.45 8.74 41.40
C GLU A 129 -19.07 9.35 41.65
N LEU A 130 -18.22 9.36 40.62
CA LEU A 130 -16.90 9.97 40.73
C LEU A 130 -16.96 11.49 40.78
N HIS A 131 -17.77 12.09 39.91
CA HIS A 131 -17.98 13.55 39.93
C HIS A 131 -18.50 14.02 41.26
N ARG A 132 -19.38 13.22 41.86
CA ARG A 132 -19.85 13.44 43.23
C ARG A 132 -18.69 13.51 44.21
N ARG A 133 -17.79 12.53 44.12
CA ARG A 133 -16.62 12.45 44.99
C ARG A 133 -15.61 13.55 44.71
N ILE A 134 -15.52 13.95 43.44
CA ILE A 134 -14.63 15.03 43.00
C ILE A 134 -15.11 16.38 43.55
N ALA A 135 -16.42 16.61 43.50
CA ALA A 135 -17.03 17.82 44.04
C ALA A 135 -16.94 17.88 45.56
N ASP A 136 -17.04 16.71 46.20
CA ASP A 136 -16.90 16.61 47.66
C ASP A 136 -15.43 16.76 48.10
N SER A 137 -14.51 16.44 47.19
CA SER A 137 -13.08 16.65 47.43
C SER A 137 -12.63 18.05 47.00
N GLY A 138 -13.59 18.92 46.70
CA GLY A 138 -13.35 20.34 46.43
C GLY A 138 -12.47 20.68 45.25
N TYR A 139 -12.47 19.81 44.23
CA TYR A 139 -11.73 20.08 42.99
C TYR A 139 -12.50 21.08 42.13
N PRO A 140 -11.81 22.14 41.67
CA PRO A 140 -12.42 23.11 40.76
C PRO A 140 -12.69 22.55 39.36
N VAL A 141 -11.79 21.70 38.86
CA VAL A 141 -11.89 21.15 37.51
C VAL A 141 -11.55 19.65 37.44
N ALA A 142 -12.14 18.97 36.47
CA ALA A 142 -11.83 17.57 36.18
C ALA A 142 -11.26 17.45 34.76
N ALA A 143 -10.34 16.50 34.57
CA ALA A 143 -9.63 16.36 33.30
C ALA A 143 -9.39 14.90 32.89
N LEU A 144 -9.43 14.66 31.58
CA LEU A 144 -9.17 13.32 31.01
C LEU A 144 -8.67 13.38 29.56
N HIS A 145 -8.18 12.24 29.07
CA HIS A 145 -7.85 12.07 27.65
C HIS A 145 -8.79 11.06 27.04
N ALA A 146 -9.53 11.49 26.02
CA ALA A 146 -10.58 10.66 25.43
C ALA A 146 -10.05 9.67 24.40
N SER A 147 -10.64 8.47 24.39
CA SER A 147 -10.38 7.47 23.35
C SER A 147 -11.23 7.76 22.13
N GLU A 148 -12.39 8.37 22.36
CA GLU A 148 -13.28 8.84 21.30
C GLU A 148 -13.86 10.20 21.69
N GLY A 149 -13.98 11.09 20.71
CA GLY A 149 -14.43 12.46 20.95
C GLY A 149 -15.93 12.65 21.12
N GLY A 150 -16.65 11.55 21.33
CA GLY A 150 -18.12 11.60 21.44
C GLY A 150 -18.69 10.99 22.71
N ILE A 151 -17.87 10.20 23.41
CA ILE A 151 -18.30 9.53 24.64
C ILE A 151 -18.50 10.54 25.78
N TYR A 152 -17.60 11.50 25.91
CA TYR A 152 -17.57 12.41 27.05
C TYR A 152 -18.11 13.80 26.76
N GLY A 153 -18.70 13.98 25.57
CA GLY A 153 -19.31 15.24 25.17
C GLY A 153 -20.52 15.61 26.01
N ARG A 154 -21.27 14.61 26.45
CA ARG A 154 -22.49 14.81 27.24
C ARG A 154 -22.22 14.84 28.74
N PHE A 155 -21.06 14.33 29.15
CA PHE A 155 -20.69 14.27 30.56
C PHE A 155 -20.07 15.55 31.10
N GLY A 156 -19.98 16.58 30.25
CA GLY A 156 -19.48 17.89 30.64
C GLY A 156 -18.05 18.17 30.25
N TYR A 157 -17.42 17.22 29.57
CA TYR A 157 -16.03 17.35 29.14
C TYR A 157 -15.94 17.94 27.73
N GLY A 158 -15.12 18.97 27.58
CA GLY A 158 -14.89 19.60 26.28
C GLY A 158 -13.40 19.63 25.93
N PRO A 159 -13.08 19.54 24.62
CA PRO A 159 -11.69 19.57 24.16
C PRO A 159 -11.00 20.88 24.56
N ALA A 160 -10.08 20.78 25.52
CA ALA A 160 -9.44 21.96 26.10
C ALA A 160 -8.12 22.34 25.43
N THR A 161 -7.40 21.35 24.89
CA THR A 161 -6.17 21.58 24.15
C THR A 161 -6.25 20.94 22.76
N THR A 162 -5.26 21.23 21.91
CA THR A 162 -5.21 20.68 20.57
C THR A 162 -3.83 20.11 20.27
N LEU A 163 -3.79 18.85 19.84
CA LEU A 163 -2.55 18.20 19.42
C LEU A 163 -2.26 18.51 17.95
N HIS A 164 -0.97 18.48 17.59
CA HIS A 164 -0.50 19.00 16.32
C HIS A 164 0.79 18.32 15.94
N GLU A 165 0.68 17.23 15.18
CA GLU A 165 1.87 16.47 14.78
C GLU A 165 2.57 17.11 13.57
N LEU A 166 3.80 17.58 13.80
CA LEU A 166 4.60 18.18 12.74
C LEU A 166 5.71 17.24 12.27
N THR A 167 5.71 16.92 10.98
CA THR A 167 6.76 16.12 10.37
C THR A 167 7.60 16.99 9.45
N VAL A 168 8.88 17.15 9.79
CA VAL A 168 9.79 18.01 9.05
C VAL A 168 10.77 17.17 8.23
N ASP A 169 10.75 17.36 6.92
CA ASP A 169 11.76 16.78 6.04
C ASP A 169 13.05 17.56 6.26
N ARG A 170 13.91 17.03 7.12
CA ARG A 170 15.11 17.73 7.60
C ARG A 170 16.21 17.89 6.54
N ARG A 171 16.14 17.08 5.48
CA ARG A 171 17.09 17.15 4.37
C ARG A 171 16.97 18.47 3.61
N PHE A 172 15.74 18.96 3.47
CA PHE A 172 15.46 20.23 2.81
C PHE A 172 15.46 21.40 3.79
N ALA A 173 15.44 21.09 5.08
CA ALA A 173 15.30 22.10 6.12
C ALA A 173 16.52 23.00 6.26
N ARG A 174 16.29 24.30 6.12
CA ARG A 174 17.31 25.32 6.34
C ARG A 174 16.74 26.45 7.18
N PHE A 175 17.47 26.83 8.23
CA PHE A 175 17.01 27.86 9.16
C PHE A 175 17.06 29.26 8.57
N HIS A 176 16.10 30.08 8.97
CA HIS A 176 16.00 31.47 8.51
C HIS A 176 17.10 32.31 9.09
N ALA A 177 17.43 33.40 8.41
CA ALA A 177 18.48 34.32 8.87
C ALA A 177 18.14 35.00 10.20
N ASP A 178 16.84 35.03 10.52
CA ASP A 178 16.35 35.65 11.74
C ASP A 178 16.40 34.72 12.95
N ALA A 179 16.61 33.43 12.70
CA ALA A 179 16.64 32.41 13.76
C ALA A 179 17.80 32.63 14.74
N PRO A 180 17.51 32.62 16.05
CA PRO A 180 18.50 32.80 17.12
C PRO A 180 19.63 31.77 17.07
N GLY A 181 20.85 32.22 17.35
CA GLY A 181 22.03 31.37 17.30
C GLY A 181 22.42 31.03 15.87
N GLY A 182 22.35 32.03 14.99
CA GLY A 182 22.65 31.86 13.57
C GLY A 182 24.13 31.85 13.25
N GLY A 183 24.94 32.37 14.18
CA GLY A 183 26.39 32.42 14.00
C GLY A 183 27.10 31.15 14.46
N LEU A 184 28.37 31.02 14.07
CA LEU A 184 29.19 29.88 14.45
C LEU A 184 29.65 29.97 15.92
N GLY A 185 30.05 28.83 16.48
CA GLY A 185 30.49 28.75 17.86
C GLY A 185 30.01 27.49 18.55
N GLY A 186 30.59 27.19 19.70
CA GLY A 186 30.26 26.00 20.48
C GLY A 186 28.82 25.99 20.94
N SER A 187 28.05 25.03 20.42
CA SER A 187 26.63 24.89 20.76
C SER A 187 26.46 24.44 22.21
N SER A 188 25.48 25.01 22.90
CA SER A 188 25.20 24.70 24.30
C SER A 188 24.29 23.48 24.47
N VAL A 189 24.09 22.74 23.38
CA VAL A 189 23.28 21.53 23.38
C VAL A 189 24.18 20.29 23.37
N ARG A 190 23.85 19.31 24.19
CA ARG A 190 24.62 18.07 24.30
C ARG A 190 23.76 16.84 24.00
N LEU A 191 24.40 15.81 23.45
CA LEU A 191 23.75 14.51 23.24
C LEU A 191 24.05 13.60 24.43
N VAL A 192 23.05 13.40 25.29
CA VAL A 192 23.24 12.62 26.53
C VAL A 192 22.20 11.50 26.68
N ARG A 193 22.57 10.47 27.44
CA ARG A 193 21.63 9.40 27.81
C ARG A 193 20.63 9.93 28.84
N PRO A 194 19.32 9.70 28.59
CA PRO A 194 18.25 10.26 29.43
C PRO A 194 18.26 9.77 30.87
N THR A 195 18.67 8.52 31.07
CA THR A 195 18.67 7.90 32.40
C THR A 195 19.77 8.44 33.32
N GLU A 196 20.77 9.08 32.71
CA GLU A 196 21.94 9.59 33.45
C GLU A 196 21.81 11.06 33.87
N HIS A 197 20.72 11.71 33.48
CA HIS A 197 20.52 13.13 33.75
C HIS A 197 19.13 13.46 34.25
N ARG A 198 18.57 12.54 35.05
CA ARG A 198 17.20 12.68 35.56
C ARG A 198 16.97 13.97 36.37
N GLY A 199 17.95 14.32 37.21
CA GLY A 199 17.87 15.51 38.04
C GLY A 199 17.69 16.80 37.26
N GLU A 200 18.36 16.89 36.12
CA GLU A 200 18.28 18.06 35.24
C GLU A 200 16.93 18.16 34.52
N PHE A 201 16.43 17.03 34.02
CA PHE A 201 15.15 16.99 33.30
C PHE A 201 13.98 17.37 34.21
N GLU A 202 14.01 16.87 35.44
CA GLU A 202 12.98 17.18 36.43
C GLU A 202 12.97 18.66 36.79
N ALA A 203 14.16 19.26 36.83
CA ALA A 203 14.30 20.69 37.13
C ALA A 203 13.81 21.57 35.98
N ILE A 204 14.08 21.15 34.75
CA ILE A 204 13.65 21.90 33.55
C ILE A 204 12.13 21.79 33.34
N TYR A 205 11.60 20.57 33.48
CA TYR A 205 10.16 20.33 33.31
C TYR A 205 9.33 21.07 34.36
N GLU A 206 9.82 21.11 35.59
CA GLU A 206 9.14 21.82 36.68
C GLU A 206 9.02 23.31 36.39
N ARG A 207 10.08 23.88 35.80
CA ARG A 207 10.07 25.28 35.36
C ARG A 207 9.07 25.47 34.22
N TRP A 208 9.05 24.50 33.29
CA TRP A 208 8.18 24.56 32.12
C TRP A 208 6.73 24.43 32.47
N ARG A 209 6.39 23.45 33.32
CA ARG A 209 5.01 23.15 33.66
C ARG A 209 4.31 24.23 34.48
N GLN A 210 5.10 25.08 35.13
CA GLN A 210 4.57 26.14 35.98
C GLN A 210 4.25 27.43 35.21
N GLN A 211 4.92 27.63 34.08
CA GLN A 211 4.76 28.85 33.28
C GLN A 211 3.89 28.66 32.03
N VAL A 212 3.68 27.41 31.64
CA VAL A 212 2.89 27.10 30.44
C VAL A 212 1.52 26.54 30.82
N PRO A 213 0.43 27.17 30.31
CA PRO A 213 -0.93 26.68 30.52
C PRO A 213 -1.12 25.28 29.94
N GLY A 214 -1.83 24.43 30.69
CA GLY A 214 -2.01 23.03 30.32
C GLY A 214 -0.95 22.13 30.93
N GLY A 215 0.06 22.75 31.55
CA GLY A 215 1.15 22.02 32.20
C GLY A 215 0.70 21.30 33.46
N LEU A 216 1.20 20.08 33.64
CA LEU A 216 0.84 19.25 34.78
C LEU A 216 2.06 18.88 35.59
N LEU A 217 1.89 18.81 36.91
CA LEU A 217 2.94 18.39 37.82
C LEU A 217 3.23 16.90 37.61
N ARG A 218 4.48 16.57 37.34
CA ARG A 218 4.90 15.18 37.18
C ARG A 218 5.66 14.70 38.41
N PRO A 219 5.00 13.86 39.23
CA PRO A 219 5.55 13.35 40.50
C PRO A 219 6.70 12.36 40.30
N GLN A 220 7.23 11.85 41.42
CA GLN A 220 8.36 10.92 41.41
C GLN A 220 8.08 9.64 40.64
N VAL A 221 6.87 9.12 40.75
CA VAL A 221 6.48 7.83 40.17
C VAL A 221 6.36 7.85 38.64
N LEU A 222 5.96 8.98 38.07
CA LEU A 222 5.80 9.10 36.62
C LEU A 222 7.14 9.29 35.91
N TRP A 223 8.12 9.84 36.63
CA TRP A 223 9.49 9.96 36.11
C TRP A 223 10.18 8.63 36.13
N ASP A 224 9.80 7.77 37.08
CA ASP A 224 10.29 6.40 37.14
C ASP A 224 9.84 5.59 35.93
N GLU A 225 8.58 5.78 35.54
CA GLU A 225 7.99 5.05 34.43
C GLU A 225 8.44 5.57 33.07
N LEU A 226 8.66 6.89 32.97
CA LEU A 226 9.10 7.51 31.73
C LEU A 226 10.52 7.06 31.35
N LEU A 227 11.41 7.02 32.35
CA LEU A 227 12.80 6.59 32.15
C LEU A 227 12.91 5.08 31.95
N ALA A 228 11.89 4.35 32.38
CA ALA A 228 11.82 2.90 32.17
C ALA A 228 11.46 2.57 30.72
N GLU A 229 10.85 3.53 30.04
CA GLU A 229 10.43 3.37 28.63
C GLU A 229 11.49 3.88 27.66
N ALA A 230 12.59 4.41 28.19
CA ALA A 230 13.70 4.90 27.38
C ALA A 230 14.54 3.77 26.83
N LYS A 231 14.80 2.76 27.67
CA LYS A 231 15.57 1.57 27.28
C LYS A 231 14.81 0.76 26.23
N ALA A 232 15.56 0.22 25.26
CA ALA A 232 15.00 -0.55 24.17
C ALA A 232 14.44 -1.89 24.64
N ALA A 233 13.17 -2.13 24.37
CA ALA A 233 12.52 -3.39 24.70
C ALA A 233 12.80 -4.43 23.61
N PRO A 234 13.04 -5.69 24.02
CA PRO A 234 13.29 -6.77 23.04
C PRO A 234 12.09 -6.97 22.11
N GLY A 235 12.27 -6.57 20.84
CA GLY A 235 11.23 -6.68 19.83
C GLY A 235 10.14 -5.63 19.93
N GLY A 236 10.46 -4.51 20.59
CA GLY A 236 9.50 -3.42 20.76
C GLY A 236 10.05 -2.09 20.31
N ASP A 237 10.08 -1.12 21.22
CA ASP A 237 10.61 0.21 20.94
C ASP A 237 12.13 0.24 20.98
N ARG A 238 12.72 1.24 20.34
CA ARG A 238 14.17 1.41 20.30
C ARG A 238 14.64 2.33 21.42
N GLU A 239 15.97 2.37 21.62
CA GLU A 239 16.57 3.15 22.71
C GLU A 239 16.38 4.66 22.49
N SER A 240 15.92 5.33 23.53
CA SER A 240 15.69 6.77 23.49
C SER A 240 16.96 7.56 23.76
N PHE A 241 17.08 8.71 23.10
CA PHE A 241 18.22 9.61 23.30
C PHE A 241 17.73 11.01 23.62
N ALA A 242 18.57 11.78 24.31
CA ALA A 242 18.19 13.11 24.77
C ALA A 242 19.17 14.20 24.31
N LEU A 243 18.61 15.34 23.92
CA LEU A 243 19.39 16.53 23.63
C LEU A 243 19.16 17.54 24.77
N LEU A 244 20.25 17.91 25.45
CA LEU A 244 20.15 18.71 26.67
C LEU A 244 20.68 20.14 26.54
N HIS A 245 19.82 21.08 26.91
CA HIS A 245 20.14 22.50 26.95
C HIS A 245 19.95 22.96 28.37
N PRO A 246 20.74 23.96 28.82
CA PRO A 246 20.57 24.51 30.16
C PRO A 246 19.14 24.95 30.49
N ASP A 247 18.35 25.25 29.47
CA ASP A 247 16.97 25.74 29.65
C ASP A 247 15.91 24.93 28.88
N GLY A 248 16.28 23.74 28.42
CA GLY A 248 15.36 22.86 27.69
C GLY A 248 15.90 21.49 27.38
N TYR A 249 15.02 20.57 26.99
CA TYR A 249 15.44 19.22 26.59
C TYR A 249 14.55 18.59 25.51
N ALA A 250 15.12 17.60 24.82
CA ALA A 250 14.43 16.91 23.75
C ALA A 250 14.58 15.39 23.87
N LEU A 251 13.46 14.71 24.12
CA LEU A 251 13.43 13.25 24.13
C LEU A 251 12.96 12.71 22.79
N TYR A 252 13.84 11.96 22.12
CA TYR A 252 13.52 11.38 20.83
C TYR A 252 13.95 9.91 20.74
N ARG A 253 13.39 9.20 19.77
CA ARG A 253 13.72 7.81 19.50
C ARG A 253 13.43 7.47 18.05
N VAL A 254 14.24 6.59 17.47
CA VAL A 254 14.02 6.12 16.10
C VAL A 254 12.82 5.18 16.09
N ASP A 255 11.96 5.32 15.09
CA ASP A 255 10.79 4.45 14.93
C ASP A 255 11.21 3.01 14.71
N ARG A 256 10.48 2.09 15.32
CA ARG A 256 10.80 0.66 15.28
C ARG A 256 10.86 0.05 13.87
N THR A 257 9.96 0.51 12.99
CA THR A 257 9.88 0.02 11.62
C THR A 257 10.45 1.01 10.60
N ASP A 258 10.15 2.29 10.78
CA ASP A 258 10.72 3.34 9.95
C ASP A 258 12.07 3.79 10.50
N LEU A 259 13.13 3.23 9.92
CA LEU A 259 14.50 3.49 10.39
C LEU A 259 15.02 4.90 10.04
N LYS A 260 14.28 5.61 9.19
CA LYS A 260 14.66 6.95 8.76
C LYS A 260 13.93 8.05 9.52
N LEU A 261 12.99 7.64 10.38
CA LEU A 261 12.19 8.59 11.16
C LEU A 261 12.62 8.67 12.62
N ALA A 262 12.79 9.89 13.11
CA ALA A 262 13.05 10.12 14.53
C ALA A 262 11.83 10.77 15.17
N ARG A 263 11.23 10.05 16.12
CA ARG A 263 10.02 10.51 16.79
C ARG A 263 10.34 11.22 18.10
N VAL A 264 10.20 12.54 18.10
CA VAL A 264 10.36 13.33 19.32
C VAL A 264 9.16 13.11 20.23
N SER A 265 9.34 12.23 21.22
CA SER A 265 8.29 11.90 22.18
C SER A 265 8.00 13.08 23.12
N GLU A 266 9.02 13.88 23.40
CA GLU A 266 8.89 15.00 24.33
C GLU A 266 9.84 16.15 23.99
N LEU A 267 9.31 17.37 24.01
CA LEU A 267 10.10 18.59 23.83
C LEU A 267 9.64 19.65 24.82
N ARG A 268 10.47 19.88 25.84
CA ARG A 268 10.21 20.94 26.81
C ARG A 268 11.30 22.00 26.75
N ALA A 269 10.88 23.24 26.52
CA ALA A 269 11.81 24.37 26.44
C ALA A 269 11.24 25.58 27.18
N VAL A 270 12.04 26.10 28.12
CA VAL A 270 11.62 27.23 28.94
C VAL A 270 11.78 28.55 28.18
N THR A 271 13.01 28.84 27.73
CA THR A 271 13.31 30.08 27.00
C THR A 271 13.10 29.92 25.49
N ALA A 272 12.94 31.05 24.81
CA ALA A 272 12.77 31.08 23.36
C ALA A 272 14.04 30.62 22.63
N ASP A 273 15.19 30.85 23.23
CA ASP A 273 16.48 30.41 22.69
C ASP A 273 16.62 28.88 22.72
N ALA A 274 16.18 28.28 23.82
CA ALA A 274 16.27 26.83 24.02
C ALA A 274 15.50 26.04 22.96
N HIS A 275 14.31 26.53 22.63
CA HIS A 275 13.46 25.94 21.59
C HIS A 275 14.18 25.88 20.26
N CYS A 276 14.78 27.01 19.89
CA CYS A 276 15.51 27.13 18.62
C CYS A 276 16.80 26.30 18.62
N ALA A 277 17.51 26.32 19.75
CA ALA A 277 18.78 25.60 19.90
C ALA A 277 18.60 24.09 19.80
N LEU A 278 17.51 23.59 20.39
CA LEU A 278 17.20 22.16 20.37
C LEU A 278 16.77 21.68 18.97
N TRP A 279 16.13 22.56 18.21
CA TRP A 279 15.68 22.23 16.86
C TRP A 279 16.79 22.24 15.84
N ARG A 280 17.84 23.01 16.11
CA ARG A 280 19.05 22.98 15.30
C ARG A 280 19.77 21.65 15.48
N ALA A 281 19.68 21.10 16.69
CA ALA A 281 20.24 19.79 17.01
C ALA A 281 19.42 18.64 16.41
N LEU A 282 18.10 18.78 16.45
CA LEU A 282 17.19 17.76 15.93
C LEU A 282 17.27 17.61 14.41
N ILE A 283 17.38 18.74 13.72
CA ILE A 283 17.60 18.75 12.26
C ILE A 283 19.05 18.36 11.95
N GLY A 284 19.89 18.40 12.97
CA GLY A 284 21.29 17.99 12.87
C GLY A 284 21.48 16.49 12.71
N LEU A 285 20.44 15.72 12.98
CA LEU A 285 20.47 14.26 12.86
C LEU A 285 20.58 13.82 11.40
N ASP A 286 21.82 13.77 10.91
CA ASP A 286 22.11 13.45 9.51
C ASP A 286 21.79 12.00 9.13
N SER A 287 21.46 11.19 10.14
CA SER A 287 21.10 9.79 9.92
C SER A 287 19.63 9.64 9.49
N MET A 288 18.81 10.63 9.85
CA MET A 288 17.37 10.57 9.65
C MET A 288 16.91 11.36 8.42
N GLU A 289 15.76 10.96 7.87
CA GLU A 289 15.11 11.69 6.79
C GLU A 289 14.08 12.67 7.32
N ARG A 290 13.33 12.25 8.34
CA ARG A 290 12.23 13.04 8.90
C ARG A 290 12.22 13.05 10.42
N ILE A 291 11.89 14.21 10.98
CA ILE A 291 11.74 14.37 12.42
C ILE A 291 10.28 14.70 12.72
N SER A 292 9.61 13.83 13.46
CA SER A 292 8.19 14.00 13.77
C SER A 292 7.98 14.30 15.25
N ILE A 293 7.11 15.28 15.53
CA ILE A 293 6.80 15.70 16.89
C ILE A 293 5.32 16.04 17.05
N ILE A 294 4.71 15.53 18.12
CA ILE A 294 3.34 15.89 18.47
C ILE A 294 3.41 17.11 19.40
N THR A 295 2.98 18.27 18.89
CA THR A 295 3.08 19.53 19.63
C THR A 295 1.76 20.31 19.62
N HIS A 296 1.84 21.62 19.83
CA HIS A 296 0.68 22.51 19.84
C HIS A 296 0.64 23.35 18.59
N PRO A 297 -0.56 23.86 18.22
CA PRO A 297 -0.71 24.60 16.96
C PRO A 297 0.09 25.89 16.89
N GLN A 298 0.37 26.50 18.04
CA GLN A 298 1.10 27.77 18.11
C GLN A 298 2.62 27.62 18.19
N ASP A 299 3.11 26.42 17.84
CA ASP A 299 4.55 26.13 17.86
C ASP A 299 5.28 27.02 16.84
N PRO A 300 6.36 27.70 17.30
CA PRO A 300 7.09 28.64 16.45
C PRO A 300 8.05 28.00 15.42
N LEU A 301 8.06 26.67 15.36
CA LEU A 301 8.97 25.93 14.47
C LEU A 301 8.88 26.28 12.96
N PRO A 302 7.66 26.31 12.38
CA PRO A 302 7.56 26.58 10.95
C PRO A 302 8.21 27.89 10.52
N HIS A 303 8.12 28.91 11.38
CA HIS A 303 8.70 30.23 11.09
C HIS A 303 10.19 30.29 11.28
N LEU A 304 10.75 29.30 11.97
CA LEU A 304 12.21 29.18 12.14
C LEU A 304 12.93 28.83 10.85
N LEU A 305 12.26 28.08 9.98
CA LEU A 305 12.83 27.65 8.72
C LEU A 305 12.61 28.67 7.60
N THR A 306 13.45 28.59 6.56
CA THR A 306 13.29 29.42 5.36
C THR A 306 12.00 29.02 4.63
N ASP A 307 11.72 27.72 4.61
CA ASP A 307 10.50 27.18 4.04
C ASP A 307 9.57 26.76 5.18
N THR A 308 8.52 27.54 5.39
CA THR A 308 7.54 27.28 6.46
C THR A 308 6.70 26.04 6.17
N ARG A 309 6.61 25.69 4.89
CA ARG A 309 5.80 24.58 4.41
C ARG A 309 6.45 23.22 4.69
N LEU A 310 7.72 23.23 5.08
CA LEU A 310 8.46 22.01 5.41
C LEU A 310 8.00 21.38 6.72
N ALA A 311 7.59 22.23 7.67
CA ALA A 311 6.99 21.76 8.91
C ALA A 311 5.53 21.39 8.65
N ARG A 312 5.32 20.18 8.15
CA ARG A 312 4.00 19.72 7.70
C ARG A 312 3.16 19.15 8.85
N THR A 313 1.98 19.73 9.05
CA THR A 313 1.01 19.21 9.99
C THR A 313 0.37 17.96 9.39
N THR A 314 0.87 16.80 9.79
CA THR A 314 0.39 15.52 9.26
C THR A 314 -0.83 15.00 10.02
N TRP A 315 -1.00 15.49 11.25
CA TRP A 315 -2.01 14.94 12.16
C TRP A 315 -2.51 15.97 13.13
N ARG A 316 -3.83 16.04 13.25
CA ARG A 316 -4.51 16.97 14.16
C ARG A 316 -5.59 16.25 14.97
N GLN A 317 -5.60 16.49 16.28
CA GLN A 317 -6.54 15.85 17.20
C GLN A 317 -6.66 16.66 18.48
N ASP A 318 -7.75 16.46 19.22
CA ASP A 318 -7.90 17.06 20.55
C ASP A 318 -7.05 16.31 21.58
N GLY A 319 -6.52 17.05 22.54
CA GLY A 319 -5.67 16.47 23.58
C GLY A 319 -6.37 16.33 24.90
N LEU A 320 -6.15 17.29 25.79
CA LEU A 320 -6.73 17.29 27.13
C LEU A 320 -8.19 17.73 27.09
N TRP A 321 -9.04 17.04 27.84
CA TRP A 321 -10.46 17.39 27.97
C TRP A 321 -10.73 17.93 29.34
N LEU A 322 -11.59 18.96 29.42
CA LEU A 322 -11.89 19.61 30.70
C LEU A 322 -13.38 19.72 31.03
N ARG A 323 -13.70 19.37 32.27
CA ARG A 323 -15.02 19.56 32.84
C ARG A 323 -14.88 20.45 34.08
N ILE A 324 -15.47 21.64 34.03
CA ILE A 324 -15.44 22.55 35.16
C ILE A 324 -16.42 22.08 36.23
N MET A 325 -15.88 21.67 37.37
CA MET A 325 -16.67 21.19 38.50
C MET A 325 -17.25 22.35 39.30
N ASN A 326 -16.35 23.24 39.75
CA ASN A 326 -16.73 24.43 40.49
C ASN A 326 -16.57 25.67 39.61
N VAL A 327 -17.70 26.16 39.08
CA VAL A 327 -17.71 27.25 38.09
C VAL A 327 -17.11 28.56 38.61
N PRO A 328 -17.57 29.08 39.77
CA PRO A 328 -16.97 30.31 40.28
C PRO A 328 -15.51 30.19 40.68
N ALA A 329 -15.13 29.05 41.27
CA ALA A 329 -13.76 28.82 41.74
C ALA A 329 -12.75 28.74 40.59
N ALA A 330 -13.16 28.13 39.48
CA ALA A 330 -12.29 27.95 38.32
C ALA A 330 -12.08 29.24 37.53
N LEU A 331 -13.16 29.97 37.28
CA LEU A 331 -13.12 31.19 36.48
C LEU A 331 -12.35 32.31 37.18
N GLU A 332 -12.48 32.40 38.50
CA GLU A 332 -11.80 33.43 39.29
C GLU A 332 -10.30 33.19 39.39
N ALA A 333 -9.90 31.92 39.47
CA ALA A 333 -8.49 31.54 39.60
C ALA A 333 -7.70 31.77 38.31
N ARG A 334 -8.41 31.85 37.19
CA ARG A 334 -7.77 32.01 35.88
C ARG A 334 -7.39 33.47 35.59
N GLY A 335 -6.29 33.64 34.86
CA GLY A 335 -5.85 34.95 34.41
C GLY A 335 -6.38 35.25 33.01
N TYR A 336 -6.82 36.48 32.80
CA TYR A 336 -7.42 36.90 31.54
C TYR A 336 -6.59 37.97 30.83
N ALA A 337 -6.98 38.31 29.61
CA ALA A 337 -6.26 39.30 28.81
C ALA A 337 -6.52 40.73 29.25
N HIS A 338 -5.47 41.54 29.30
CA HIS A 338 -5.56 42.94 29.68
C HIS A 338 -6.06 43.79 28.55
N GLU A 339 -5.88 43.29 27.33
CA GLU A 339 -6.19 44.04 26.11
C GLU A 339 -7.69 44.02 25.77
N VAL A 340 -8.53 44.01 26.79
CA VAL A 340 -9.98 44.05 26.62
C VAL A 340 -10.61 44.98 27.67
N GLY A 341 -11.64 45.73 27.24
CA GLY A 341 -12.36 46.64 28.13
C GLY A 341 -13.15 45.91 29.19
N GLU A 342 -13.20 46.49 30.39
CA GLU A 342 -13.91 45.90 31.52
C GLU A 342 -15.40 45.75 31.25
N PHE A 343 -15.91 44.53 31.39
CA PHE A 343 -17.32 44.23 31.15
C PHE A 343 -17.89 43.24 32.16
N SER A 344 -19.22 43.22 32.26
CA SER A 344 -19.92 42.31 33.17
C SER A 344 -21.15 41.69 32.49
N THR A 345 -21.35 40.40 32.72
CA THR A 345 -22.46 39.65 32.12
C THR A 345 -22.90 38.48 32.99
N VAL A 346 -24.11 37.99 32.74
CA VAL A 346 -24.64 36.82 33.45
C VAL A 346 -24.57 35.58 32.56
N LEU A 347 -23.81 34.58 33.02
CA LEU A 347 -23.58 33.34 32.30
C LEU A 347 -24.41 32.21 32.89
N GLU A 348 -25.01 31.40 32.02
CA GLU A 348 -25.80 30.25 32.44
C GLU A 348 -25.21 28.94 31.94
N VAL A 349 -25.07 27.97 32.85
CA VAL A 349 -24.66 26.62 32.50
C VAL A 349 -25.90 25.74 32.50
N SER A 350 -26.11 25.03 31.39
CA SER A 350 -27.34 24.26 31.12
C SER A 350 -28.05 23.69 32.35
N ASP A 351 -27.31 22.97 33.19
CA ASP A 351 -27.85 22.45 34.45
C ASP A 351 -26.90 22.68 35.62
N GLY A 352 -25.96 23.61 35.43
CA GLY A 352 -24.98 23.96 36.46
C GLY A 352 -25.34 25.20 37.26
N GLY A 353 -26.45 25.84 36.87
CA GLY A 353 -26.94 27.03 37.58
C GLY A 353 -26.81 28.30 36.77
N ARG A 354 -26.68 29.42 37.48
CA ARG A 354 -26.55 30.73 36.84
C ARG A 354 -25.50 31.56 37.57
N PHE A 355 -24.61 32.19 36.81
CA PHE A 355 -23.46 32.89 37.38
C PHE A 355 -23.25 34.28 36.78
N ALA A 356 -22.92 35.24 37.64
CA ALA A 356 -22.57 36.59 37.21
C ALA A 356 -21.06 36.71 37.08
N LEU A 357 -20.61 37.24 35.94
CA LEU A 357 -19.18 37.31 35.63
C LEU A 357 -18.73 38.74 35.36
N LYS A 358 -17.69 39.16 36.09
CA LYS A 358 -17.09 40.48 35.92
C LYS A 358 -15.61 40.34 35.57
N ILE A 359 -15.25 40.72 34.34
CA ILE A 359 -13.87 40.62 33.87
C ILE A 359 -13.25 42.00 33.68
N GLY A 360 -12.10 42.21 34.30
CA GLY A 360 -11.36 43.48 34.19
C GLY A 360 -9.96 43.36 34.77
N ASP A 361 -9.00 43.98 34.09
CA ASP A 361 -7.59 44.02 34.50
C ASP A 361 -6.93 42.64 34.62
N GLY A 362 -7.45 41.66 33.87
CA GLY A 362 -6.88 40.32 33.84
C GLY A 362 -7.43 39.36 34.88
N ARG A 363 -8.20 39.89 35.82
CA ARG A 363 -8.82 39.06 36.87
C ARG A 363 -10.35 39.09 36.74
N ALA A 364 -11.01 38.10 37.34
CA ALA A 364 -12.46 37.98 37.23
C ALA A 364 -13.16 37.76 38.57
N ARG A 365 -14.36 38.31 38.68
CA ARG A 365 -15.27 38.07 39.80
C ARG A 365 -16.40 37.16 39.36
N CYS A 366 -16.63 36.09 40.11
CA CYS A 366 -17.71 35.15 39.79
C CYS A 366 -18.39 34.61 41.05
N THR A 367 -19.70 34.84 41.13
CA THR A 367 -20.54 34.35 42.22
C THR A 367 -21.89 33.89 41.65
N PRO A 368 -22.54 32.89 42.30
CA PRO A 368 -23.86 32.44 41.87
C PRO A 368 -24.92 33.54 41.94
N THR A 369 -25.88 33.49 41.02
CA THR A 369 -26.96 34.49 40.94
C THR A 369 -28.25 33.87 40.39
N ASP A 370 -29.28 34.70 40.23
CA ASP A 370 -30.54 34.27 39.63
C ASP A 370 -31.12 35.33 38.69
N ALA A 371 -30.30 36.34 38.37
CA ALA A 371 -30.68 37.39 37.43
C ALA A 371 -30.59 36.91 35.99
N ALA A 372 -31.45 37.43 35.13
CA ALA A 372 -31.53 37.03 33.72
C ALA A 372 -30.17 36.84 33.05
N ALA A 373 -30.01 35.69 32.40
CA ALA A 373 -28.74 35.34 31.76
C ALA A 373 -28.64 35.90 30.34
N GLU A 374 -27.42 36.30 29.96
CA GLU A 374 -27.16 36.86 28.64
C GLU A 374 -26.49 35.84 27.71
N ILE A 375 -25.80 34.87 28.30
CA ILE A 375 -25.15 33.79 27.56
C ILE A 375 -25.50 32.41 28.11
N GLU A 376 -25.93 31.52 27.21
CA GLU A 376 -26.29 30.15 27.57
C GLU A 376 -25.35 29.15 26.89
N MET A 377 -24.77 28.25 27.68
CA MET A 377 -23.89 27.21 27.16
C MET A 377 -23.94 25.94 28.01
N ASP A 378 -23.62 24.82 27.38
CA ASP A 378 -23.49 23.55 28.09
C ASP A 378 -22.18 23.52 28.89
N ARG A 379 -22.08 22.59 29.83
CA ARG A 379 -20.92 22.52 30.72
C ARG A 379 -19.60 22.25 29.98
N ASP A 380 -19.69 21.49 28.88
CA ASP A 380 -18.51 21.13 28.08
C ASP A 380 -17.99 22.30 27.24
N VAL A 381 -18.89 23.22 26.88
CA VAL A 381 -18.53 24.40 26.10
C VAL A 381 -17.57 25.29 26.89
N LEU A 382 -17.83 25.42 28.19
CA LEU A 382 -16.97 26.17 29.10
C LEU A 382 -15.60 25.51 29.25
N GLY A 383 -15.58 24.18 29.20
CA GLY A 383 -14.34 23.40 29.26
C GLY A 383 -13.39 23.73 28.13
N SER A 384 -13.95 23.87 26.92
CA SER A 384 -13.17 24.19 25.72
C SER A 384 -12.67 25.63 25.73
N LEU A 385 -13.48 26.53 26.27
CA LEU A 385 -13.14 27.95 26.35
C LEU A 385 -12.10 28.26 27.42
N TYR A 386 -12.09 27.45 28.47
CA TYR A 386 -11.31 27.74 29.68
C TYR A 386 -9.82 28.00 29.42
N LEU A 387 -9.14 27.02 28.82
CA LEU A 387 -7.72 27.16 28.51
C LEU A 387 -7.46 28.12 27.35
N GLY A 388 -8.51 28.39 26.58
CA GLY A 388 -8.44 29.37 25.48
C GLY A 388 -7.96 28.80 24.17
N ALA A 389 -8.22 27.52 23.95
CA ALA A 389 -7.87 26.87 22.68
C ALA A 389 -8.93 27.15 21.62
N HIS A 390 -10.17 27.25 22.05
CA HIS A 390 -11.30 27.48 21.15
C HIS A 390 -11.93 28.82 21.41
N ARG A 391 -12.23 29.54 20.32
CA ARG A 391 -12.88 30.85 20.42
C ARG A 391 -14.39 30.71 20.62
N ALA A 392 -14.98 31.66 21.34
CA ALA A 392 -16.41 31.66 21.62
C ALA A 392 -17.26 31.93 20.38
N SER A 393 -16.69 32.69 19.45
CA SER A 393 -17.35 32.99 18.18
C SER A 393 -17.51 31.74 17.32
N THR A 394 -16.52 30.85 17.39
CA THR A 394 -16.55 29.57 16.66
C THR A 394 -17.67 28.69 17.23
N LEU A 395 -17.78 28.66 18.55
CA LEU A 395 -18.81 27.87 19.24
C LEU A 395 -20.19 28.49 19.11
N ALA A 396 -20.24 29.80 18.88
CA ALA A 396 -21.50 30.53 18.68
C ALA A 396 -22.08 30.24 17.30
N ALA A 397 -21.21 30.10 16.30
CA ALA A 397 -21.61 29.76 14.93
C ALA A 397 -22.16 28.34 14.86
N ALA A 398 -21.67 27.48 15.75
CA ALA A 398 -22.16 26.11 15.88
C ALA A 398 -23.31 26.03 16.87
N ASN A 399 -23.73 27.19 17.38
CA ASN A 399 -24.84 27.33 18.34
C ASN A 399 -24.64 26.54 19.63
N ARG A 400 -23.37 26.37 20.03
CA ARG A 400 -23.02 25.70 21.28
C ARG A 400 -23.16 26.65 22.46
N LEU A 401 -22.87 27.93 22.21
CA LEU A 401 -23.17 29.00 23.16
C LEU A 401 -24.04 30.07 22.49
N ARG A 402 -25.12 30.44 23.18
CA ARG A 402 -26.13 31.34 22.60
C ARG A 402 -26.17 32.70 23.28
N THR A 403 -26.29 33.75 22.47
CA THR A 403 -26.43 35.11 22.96
C THR A 403 -27.07 36.02 21.91
N LYS A 404 -27.76 37.05 22.39
CA LYS A 404 -28.38 38.06 21.53
C LYS A 404 -27.38 39.18 21.23
N ASP A 405 -26.49 39.44 22.19
CA ASP A 405 -25.49 40.51 22.07
C ASP A 405 -24.22 40.02 21.39
N SER A 406 -23.98 40.54 20.18
CA SER A 406 -22.80 40.17 19.38
C SER A 406 -21.53 40.86 19.87
N GLN A 407 -21.69 41.97 20.58
CA GLN A 407 -20.57 42.71 21.16
C GLN A 407 -19.93 41.91 22.31
N LEU A 408 -20.76 41.19 23.05
CA LEU A 408 -20.31 40.34 24.15
C LEU A 408 -19.42 39.20 23.66
N LEU A 409 -19.76 38.66 22.49
CA LEU A 409 -18.99 37.59 21.86
C LEU A 409 -17.54 37.99 21.58
N ARG A 410 -17.36 39.18 21.00
CA ARG A 410 -16.05 39.70 20.66
C ARG A 410 -15.20 39.93 21.91
N ARG A 411 -15.87 40.33 22.99
CA ARG A 411 -15.20 40.55 24.28
C ARG A 411 -14.83 39.23 24.96
N LEU A 412 -15.68 38.22 24.80
CA LEU A 412 -15.41 36.89 25.35
C LEU A 412 -14.28 36.17 24.61
N ASP A 413 -14.15 36.44 23.31
CA ASP A 413 -13.06 35.90 22.49
C ASP A 413 -11.71 36.42 22.95
N ALA A 414 -11.64 37.73 23.21
CA ALA A 414 -10.39 38.40 23.57
C ALA A 414 -9.98 38.11 25.01
N ALA A 415 -10.96 38.09 25.92
CA ALA A 415 -10.70 37.90 27.35
C ALA A 415 -10.21 36.49 27.68
N PHE A 416 -10.84 35.49 27.08
CA PHE A 416 -10.49 34.08 27.32
C PHE A 416 -9.22 33.62 26.61
N ALA A 417 -8.77 34.40 25.63
CA ALA A 417 -7.56 34.09 24.88
C ALA A 417 -6.33 34.07 25.78
N SER A 418 -5.59 32.96 25.75
CA SER A 418 -4.42 32.78 26.59
C SER A 418 -3.23 33.57 26.05
N ASP A 419 -2.51 34.23 26.95
CA ASP A 419 -1.32 35.01 26.60
C ASP A 419 -0.19 34.08 26.13
N VAL A 420 0.24 33.18 27.02
CA VAL A 420 1.19 32.13 26.67
C VAL A 420 0.40 30.97 26.06
N PRO A 421 0.74 30.58 24.81
CA PRO A 421 0.02 29.53 24.08
C PRO A 421 -0.12 28.22 24.87
N VAL A 422 -1.29 27.60 24.75
CA VAL A 422 -1.63 26.40 25.51
C VAL A 422 -0.89 25.18 24.96
N GLN A 423 -0.40 24.33 25.87
CA GLN A 423 0.29 23.10 25.49
C GLN A 423 -0.19 21.90 26.31
N THR A 424 -0.21 20.73 25.68
CA THR A 424 -0.56 19.49 26.37
C THR A 424 0.69 18.94 27.06
N ALA A 425 0.59 18.72 28.37
CA ALA A 425 1.72 18.26 29.18
C ALA A 425 2.08 16.80 28.90
N PHE A 426 1.29 15.88 29.43
CA PHE A 426 1.45 14.45 29.17
C PHE A 426 0.11 13.73 29.11
N GLU A 427 0.12 12.52 28.58
CA GLU A 427 -1.08 11.73 28.40
C GLU A 427 -1.30 10.79 29.60
N PHE A 428 -2.52 10.80 30.13
CA PHE A 428 -2.87 9.97 31.28
C PHE A 428 -4.23 9.29 31.12
N VAL B 29 20.20 -43.95 0.22
CA VAL B 29 18.78 -43.49 0.37
C VAL B 29 17.88 -44.67 0.74
N THR B 30 17.57 -44.78 2.03
CA THR B 30 16.78 -45.88 2.56
C THR B 30 15.70 -45.40 3.54
N LEU B 31 14.61 -46.15 3.63
CA LEU B 31 13.48 -45.80 4.48
C LEU B 31 13.35 -46.76 5.66
N CYS B 32 13.24 -46.20 6.86
CA CYS B 32 13.08 -46.98 8.09
C CYS B 32 12.46 -46.16 9.23
N SER B 33 12.12 -46.82 10.33
CA SER B 33 11.58 -46.16 11.52
C SER B 33 12.69 -45.42 12.26
N PRO B 34 12.36 -44.29 12.91
CA PRO B 34 13.37 -43.47 13.58
C PRO B 34 13.76 -43.99 14.95
N THR B 35 14.99 -43.68 15.35
CA THR B 35 15.49 -44.03 16.69
C THR B 35 15.65 -42.74 17.52
N GLU B 36 16.28 -42.87 18.68
CA GLU B 36 16.49 -41.74 19.59
C GLU B 36 17.48 -40.73 19.03
N ASP B 37 18.46 -41.22 18.27
CA ASP B 37 19.51 -40.37 17.68
C ASP B 37 19.01 -39.54 16.49
N ASP B 38 17.89 -39.94 15.91
CA ASP B 38 17.33 -39.27 14.72
C ASP B 38 16.60 -37.97 15.03
N TRP B 39 16.06 -37.86 16.24
CA TRP B 39 15.23 -36.71 16.62
C TRP B 39 15.87 -35.35 16.51
N PRO B 40 17.14 -35.19 16.94
CA PRO B 40 17.80 -33.90 16.73
C PRO B 40 17.93 -33.51 15.25
N GLY B 41 18.00 -34.50 14.37
CA GLY B 41 18.04 -34.27 12.93
C GLY B 41 16.67 -33.95 12.35
N MET B 42 15.64 -34.56 12.93
CA MET B 42 14.26 -34.33 12.50
C MET B 42 13.79 -32.90 12.80
N PHE B 43 14.21 -32.37 13.95
CA PHE B 43 13.86 -31.00 14.35
C PHE B 43 14.53 -29.94 13.49
N LEU B 44 15.66 -30.30 12.89
CA LEU B 44 16.36 -29.44 11.94
C LEU B 44 15.56 -29.32 10.65
N LEU B 45 15.06 -30.45 10.17
CA LEU B 45 14.23 -30.51 8.97
C LEU B 45 12.92 -29.78 9.18
N ALA B 46 12.32 -29.97 10.37
CA ALA B 46 11.06 -29.35 10.73
C ALA B 46 11.16 -27.82 10.83
N ALA B 47 12.29 -27.35 11.37
CA ALA B 47 12.52 -25.91 11.52
C ALA B 47 12.80 -25.23 10.19
N ALA B 48 13.44 -25.95 9.27
CA ALA B 48 13.78 -25.42 7.95
C ALA B 48 12.64 -25.53 6.94
N SER B 49 11.69 -26.43 7.20
CA SER B 49 10.56 -26.66 6.30
C SER B 49 9.30 -25.94 6.74
N PHE B 50 9.12 -25.79 8.05
CA PHE B 50 7.92 -25.14 8.58
C PHE B 50 8.24 -23.82 9.27
N THR B 51 7.63 -22.76 8.77
CA THR B 51 7.83 -21.41 9.30
C THR B 51 7.21 -21.25 10.69
N ASP B 52 6.10 -21.95 10.90
CA ASP B 52 5.39 -21.92 12.18
C ASP B 52 5.75 -23.10 13.08
N PHE B 53 7.00 -23.56 12.97
CA PHE B 53 7.50 -24.65 13.81
C PHE B 53 7.63 -24.19 15.26
N ILE B 54 6.92 -24.88 16.14
CA ILE B 54 6.83 -24.54 17.56
C ILE B 54 8.12 -24.79 18.36
N GLY B 55 9.22 -24.98 17.65
CA GLY B 55 10.51 -25.24 18.29
C GLY B 55 10.68 -26.68 18.74
N PRO B 56 11.92 -27.07 19.08
CA PRO B 56 12.20 -28.43 19.56
C PRO B 56 11.54 -28.73 20.91
N GLU B 57 11.09 -27.67 21.58
CA GLU B 57 10.47 -27.78 22.90
C GLU B 57 9.08 -28.42 22.83
N SER B 58 8.19 -27.82 22.04
CA SER B 58 6.78 -28.20 22.01
C SER B 58 6.46 -29.42 21.16
N ALA B 59 7.34 -29.73 20.21
CA ALA B 59 7.17 -30.89 19.33
C ALA B 59 7.29 -32.23 20.06
N THR B 60 7.93 -32.21 21.23
CA THR B 60 8.06 -33.39 22.09
C THR B 60 6.72 -33.71 22.77
N ALA B 61 5.96 -32.65 23.07
CA ALA B 61 4.62 -32.80 23.66
C ALA B 61 3.62 -33.34 22.64
N TRP B 62 3.84 -33.01 21.36
CA TRP B 62 3.02 -33.53 20.27
C TRP B 62 3.39 -34.94 19.91
N ARG B 63 4.63 -35.32 20.23
CA ARG B 63 5.16 -36.65 19.95
C ARG B 63 4.46 -37.75 20.74
N THR B 64 3.91 -37.39 21.90
CA THR B 64 3.20 -38.33 22.77
C THR B 64 1.90 -38.85 22.15
N LEU B 65 1.54 -38.29 20.99
CA LEU B 65 0.33 -38.71 20.27
C LEU B 65 0.66 -39.59 19.06
N VAL B 66 1.94 -39.72 18.74
CA VAL B 66 2.40 -40.59 17.67
C VAL B 66 2.65 -41.99 18.22
N PRO B 67 1.89 -43.00 17.74
CA PRO B 67 2.07 -44.37 18.20
C PRO B 67 3.38 -44.99 17.71
N THR B 68 3.79 -46.09 18.34
CA THR B 68 5.02 -46.80 17.97
C THR B 68 4.93 -47.29 16.53
N ASP B 69 6.00 -47.08 15.78
CA ASP B 69 6.04 -47.35 14.34
C ASP B 69 4.96 -46.56 13.58
N GLY B 70 4.79 -45.31 13.99
CA GLY B 70 3.87 -44.38 13.33
C GLY B 70 4.62 -43.23 12.71
N ALA B 71 5.95 -43.31 12.73
CA ALA B 71 6.82 -42.31 12.12
C ALA B 71 7.83 -42.98 11.20
N VAL B 72 8.16 -42.31 10.11
CA VAL B 72 9.16 -42.82 9.15
C VAL B 72 10.21 -41.75 8.82
N VAL B 73 11.46 -42.19 8.63
CA VAL B 73 12.55 -41.30 8.22
C VAL B 73 13.32 -41.86 7.03
N VAL B 74 13.86 -40.95 6.22
CA VAL B 74 14.72 -41.33 5.09
C VAL B 74 16.09 -40.67 5.29
N ARG B 75 17.13 -41.51 5.38
CA ARG B 75 18.50 -41.02 5.55
C ARG B 75 19.30 -41.05 4.26
N ASP B 76 20.38 -40.28 4.21
CA ASP B 76 21.26 -40.24 3.05
C ASP B 76 22.51 -41.08 3.28
N GLY B 77 22.53 -42.26 2.69
CA GLY B 77 23.65 -43.20 2.82
C GLY B 77 23.22 -44.64 2.72
N SER B 82 25.39 -40.47 8.04
CA SER B 82 24.12 -40.37 7.34
C SER B 82 23.17 -39.39 8.03
N GLU B 83 22.62 -38.47 7.24
CA GLU B 83 21.68 -37.46 7.75
C GLU B 83 20.26 -37.71 7.26
N VAL B 84 19.28 -37.39 8.11
CA VAL B 84 17.86 -37.53 7.76
C VAL B 84 17.43 -36.42 6.79
N VAL B 85 16.85 -36.84 5.66
CA VAL B 85 16.46 -35.92 4.59
C VAL B 85 15.01 -36.09 4.15
N GLY B 86 14.21 -36.74 4.99
CA GLY B 86 12.79 -36.96 4.71
C GLY B 86 12.08 -37.58 5.91
N MET B 87 10.96 -36.97 6.30
CA MET B 87 10.20 -37.44 7.45
C MET B 87 8.70 -37.31 7.26
N ALA B 88 7.95 -38.22 7.88
CA ALA B 88 6.48 -38.21 7.85
C ALA B 88 5.93 -39.07 8.98
N LEU B 89 4.89 -38.57 9.65
CA LEU B 89 4.28 -39.28 10.77
C LEU B 89 2.77 -39.05 10.88
N TYR B 90 2.10 -39.92 11.64
CA TYR B 90 0.68 -39.74 11.92
C TYR B 90 0.39 -39.82 13.42
N MET B 91 -0.66 -39.13 13.84
CA MET B 91 -1.04 -39.07 15.26
C MET B 91 -2.36 -39.79 15.51
N ASP B 92 -2.43 -40.49 16.63
CA ASP B 92 -3.65 -41.21 17.04
C ASP B 92 -4.72 -40.22 17.48
N LEU B 93 -5.63 -39.89 16.56
CA LEU B 93 -6.69 -38.91 16.81
C LEU B 93 -8.07 -39.57 16.81
N ARG B 94 -9.07 -38.82 17.26
CA ARG B 94 -10.46 -39.30 17.29
C ARG B 94 -11.40 -38.30 16.60
N LEU B 95 -11.79 -38.62 15.38
CA LEU B 95 -12.67 -37.75 14.60
C LEU B 95 -14.14 -38.15 14.75
N THR B 96 -14.98 -37.14 15.01
CA THR B 96 -16.42 -37.34 15.09
C THR B 96 -17.03 -37.14 13.71
N VAL B 97 -17.71 -38.17 13.22
CA VAL B 97 -18.36 -38.14 11.90
C VAL B 97 -19.88 -38.01 12.07
N PRO B 98 -20.59 -37.60 10.99
CA PRO B 98 -22.05 -37.44 11.06
C PRO B 98 -22.75 -38.61 11.75
N GLY B 99 -23.70 -38.28 12.61
CA GLY B 99 -24.41 -39.29 13.40
C GLY B 99 -23.77 -39.52 14.76
N GLU B 100 -22.97 -38.55 15.19
CA GLU B 100 -22.29 -38.56 16.51
C GLU B 100 -21.43 -39.81 16.78
N VAL B 101 -20.92 -40.42 15.71
CA VAL B 101 -20.03 -41.58 15.83
C VAL B 101 -18.58 -41.11 15.77
N VAL B 102 -17.77 -41.62 16.69
CA VAL B 102 -16.35 -41.24 16.77
C VAL B 102 -15.47 -42.35 16.19
N LEU B 103 -14.70 -42.03 15.16
CA LEU B 103 -13.80 -42.98 14.53
C LEU B 103 -12.33 -42.67 14.81
N PRO B 104 -11.54 -43.69 15.18
CA PRO B 104 -10.09 -43.53 15.33
C PRO B 104 -9.47 -43.12 14.00
N THR B 105 -8.75 -42.01 13.99
CA THR B 105 -8.25 -41.43 12.76
C THR B 105 -6.76 -41.13 12.82
N ALA B 106 -6.03 -41.60 11.81
CA ALA B 106 -4.61 -41.33 11.68
C ALA B 106 -4.40 -39.93 11.11
N GLY B 107 -3.80 -39.06 11.92
CA GLY B 107 -3.62 -37.66 11.56
C GLY B 107 -2.23 -37.34 11.05
N LEU B 108 -2.08 -37.35 9.72
CA LEU B 108 -0.81 -37.07 9.07
C LEU B 108 -0.27 -35.67 9.41
N SER B 109 0.97 -35.63 9.88
CA SER B 109 1.63 -34.39 10.26
C SER B 109 3.15 -34.50 10.09
N PHE B 110 3.83 -33.36 10.19
CA PHE B 110 5.30 -33.27 10.09
C PHE B 110 5.88 -33.87 8.81
N VAL B 111 5.09 -33.85 7.73
CA VAL B 111 5.52 -34.42 6.46
C VAL B 111 6.39 -33.42 5.69
N ALA B 112 7.69 -33.69 5.66
CA ALA B 112 8.66 -32.79 5.03
C ALA B 112 9.83 -33.54 4.41
N VAL B 113 10.27 -33.05 3.25
CA VAL B 113 11.45 -33.57 2.56
C VAL B 113 12.45 -32.44 2.40
N ALA B 114 13.71 -32.72 2.75
CA ALA B 114 14.79 -31.75 2.65
C ALA B 114 14.91 -31.17 1.23
N PRO B 115 15.22 -29.85 1.13
CA PRO B 115 15.30 -29.15 -0.16
C PRO B 115 16.40 -29.70 -1.08
N THR B 116 17.31 -30.47 -0.49
CA THR B 116 18.44 -31.04 -1.20
C THR B 116 18.11 -32.39 -1.85
N HIS B 117 16.90 -32.91 -1.59
CA HIS B 117 16.52 -34.24 -2.07
C HIS B 117 15.14 -34.32 -2.69
N ARG B 118 14.62 -33.19 -3.13
CA ARG B 118 13.30 -33.14 -3.78
C ARG B 118 13.34 -33.66 -5.22
N ARG B 119 12.16 -33.91 -5.78
CA ARG B 119 11.99 -34.48 -7.13
C ARG B 119 12.64 -35.87 -7.28
N ARG B 120 12.84 -36.55 -6.16
CA ARG B 120 13.54 -37.83 -6.15
C ARG B 120 12.58 -39.01 -5.93
N GLY B 121 11.48 -38.76 -5.23
CA GLY B 121 10.48 -39.79 -4.96
C GLY B 121 10.43 -40.21 -3.50
N LEU B 122 10.92 -39.35 -2.62
CA LEU B 122 10.96 -39.61 -1.18
C LEU B 122 9.57 -39.56 -0.54
N LEU B 123 8.75 -38.61 -0.97
CA LEU B 123 7.38 -38.45 -0.46
C LEU B 123 6.49 -39.63 -0.87
N ARG B 124 6.58 -40.03 -2.14
CA ARG B 124 5.81 -41.14 -2.67
C ARG B 124 6.15 -42.45 -1.95
N ALA B 125 7.41 -42.56 -1.51
CA ALA B 125 7.88 -43.73 -0.76
C ALA B 125 7.41 -43.69 0.69
N MET B 126 7.40 -42.50 1.30
CA MET B 126 7.01 -42.33 2.69
C MET B 126 5.51 -42.48 2.91
N CYS B 127 4.72 -41.79 2.09
CA CYS B 127 3.26 -41.82 2.19
C CYS B 127 2.67 -43.22 1.94
N ALA B 128 3.25 -43.94 0.98
CA ALA B 128 2.85 -45.31 0.70
C ALA B 128 3.18 -46.26 1.84
N GLU B 129 4.30 -45.99 2.53
CA GLU B 129 4.72 -46.76 3.69
C GLU B 129 3.80 -46.51 4.90
N LEU B 130 3.40 -45.25 5.09
CA LEU B 130 2.51 -44.90 6.19
C LEU B 130 1.09 -45.41 5.98
N HIS B 131 0.62 -45.35 4.72
CA HIS B 131 -0.70 -45.91 4.37
C HIS B 131 -0.74 -47.40 4.56
N ARG B 132 0.43 -48.04 4.44
CA ARG B 132 0.58 -49.45 4.80
C ARG B 132 0.46 -49.65 6.31
N ARG B 133 1.12 -48.78 7.08
CA ARG B 133 1.12 -48.86 8.54
C ARG B 133 -0.22 -48.49 9.15
N ILE B 134 -0.91 -47.53 8.52
CA ILE B 134 -2.24 -47.09 8.96
C ILE B 134 -3.27 -48.21 8.79
N ALA B 135 -3.24 -48.85 7.62
CA ALA B 135 -4.16 -49.95 7.30
C ALA B 135 -3.88 -51.20 8.14
N ASP B 136 -2.60 -51.39 8.49
CA ASP B 136 -2.19 -52.51 9.34
C ASP B 136 -2.63 -52.30 10.79
N SER B 137 -2.62 -51.04 11.24
CA SER B 137 -3.08 -50.68 12.58
C SER B 137 -4.61 -50.72 12.68
N GLY B 138 -5.28 -50.56 11.54
CA GLY B 138 -6.73 -50.72 11.46
C GLY B 138 -7.55 -49.46 11.57
N TYR B 139 -6.96 -48.32 11.17
CA TYR B 139 -7.68 -47.05 11.14
C TYR B 139 -8.61 -47.01 9.93
N PRO B 140 -9.91 -46.72 10.15
CA PRO B 140 -10.86 -46.62 9.05
C PRO B 140 -10.64 -45.40 8.13
N VAL B 141 -10.15 -44.30 8.70
CA VAL B 141 -9.91 -43.07 7.95
C VAL B 141 -8.55 -42.42 8.26
N ALA B 142 -8.04 -41.66 7.30
CA ALA B 142 -6.82 -40.89 7.47
C ALA B 142 -7.09 -39.40 7.23
N ALA B 143 -6.41 -38.54 7.98
CA ALA B 143 -6.66 -37.10 7.95
C ALA B 143 -5.40 -36.25 7.99
N LEU B 144 -5.45 -35.08 7.34
CA LEU B 144 -4.36 -34.10 7.37
C LEU B 144 -4.83 -32.68 7.03
N HIS B 145 -4.00 -31.70 7.37
CA HIS B 145 -4.21 -30.32 6.94
C HIS B 145 -3.18 -29.96 5.91
N ALA B 146 -3.62 -29.75 4.67
CA ALA B 146 -2.69 -29.55 3.55
C ALA B 146 -2.08 -28.15 3.50
N SER B 147 -0.84 -28.07 3.01
CA SER B 147 -0.18 -26.77 2.79
C SER B 147 -0.48 -26.23 1.39
N GLU B 148 -0.86 -27.15 0.49
CA GLU B 148 -1.31 -26.79 -0.86
C GLU B 148 -2.39 -27.77 -1.31
N GLY B 149 -3.38 -27.26 -2.04
CA GLY B 149 -4.52 -28.07 -2.47
C GLY B 149 -4.29 -28.97 -3.66
N GLY B 150 -3.01 -29.18 -4.01
CA GLY B 150 -2.65 -29.97 -5.19
C GLY B 150 -1.71 -31.14 -4.92
N ILE B 151 -1.02 -31.11 -3.79
CA ILE B 151 -0.04 -32.15 -3.43
C ILE B 151 -0.73 -33.48 -3.09
N TYR B 152 -1.82 -33.41 -2.33
CA TYR B 152 -2.47 -34.59 -1.77
C TYR B 152 -3.73 -35.04 -2.51
N GLY B 153 -3.94 -34.51 -3.70
CA GLY B 153 -5.06 -34.92 -4.55
C GLY B 153 -4.90 -36.32 -5.10
N ARG B 154 -3.66 -36.68 -5.43
CA ARG B 154 -3.34 -37.99 -6.00
C ARG B 154 -3.20 -39.09 -4.95
N PHE B 155 -2.87 -38.71 -3.72
CA PHE B 155 -2.66 -39.66 -2.64
C PHE B 155 -3.95 -40.21 -2.03
N GLY B 156 -5.09 -39.65 -2.44
CA GLY B 156 -6.40 -40.12 -1.99
C GLY B 156 -7.09 -39.21 -0.99
N TYR B 157 -6.45 -38.09 -0.67
CA TYR B 157 -7.01 -37.11 0.27
C TYR B 157 -7.85 -36.07 -0.45
N GLY B 158 -9.07 -35.87 0.02
CA GLY B 158 -9.97 -34.87 -0.54
C GLY B 158 -10.35 -33.82 0.50
N PRO B 159 -10.61 -32.57 0.05
CA PRO B 159 -11.03 -31.51 0.96
C PRO B 159 -12.34 -31.86 1.66
N ALA B 160 -12.26 -32.12 2.97
CA ALA B 160 -13.41 -32.62 3.73
C ALA B 160 -14.18 -31.51 4.45
N THR B 161 -13.47 -30.44 4.83
CA THR B 161 -14.10 -29.28 5.48
C THR B 161 -13.68 -27.98 4.82
N THR B 162 -14.49 -26.94 4.97
CA THR B 162 -14.18 -25.61 4.43
C THR B 162 -14.08 -24.55 5.52
N LEU B 163 -12.95 -23.86 5.55
CA LEU B 163 -12.72 -22.75 6.48
C LEU B 163 -13.37 -21.47 5.96
N HIS B 164 -13.92 -20.69 6.87
CA HIS B 164 -14.73 -19.54 6.52
C HIS B 164 -14.41 -18.42 7.48
N GLU B 165 -13.57 -17.48 7.03
CA GLU B 165 -13.21 -16.34 7.85
C GLU B 165 -14.24 -15.21 7.73
N LEU B 166 -14.86 -14.86 8.85
CA LEU B 166 -15.82 -13.77 8.89
C LEU B 166 -15.25 -12.59 9.68
N THR B 167 -15.17 -11.44 9.02
CA THR B 167 -14.73 -10.20 9.66
C THR B 167 -15.93 -9.26 9.79
N VAL B 168 -16.30 -8.97 11.03
CA VAL B 168 -17.47 -8.14 11.31
C VAL B 168 -17.08 -6.74 11.78
N ASP B 169 -17.54 -5.73 11.05
CA ASP B 169 -17.38 -4.34 11.45
C ASP B 169 -18.34 -4.09 12.61
N ARG B 170 -17.83 -4.23 13.84
CA ARG B 170 -18.65 -4.22 15.06
C ARG B 170 -19.23 -2.85 15.41
N ARG B 171 -18.67 -1.80 14.83
CA ARG B 171 -19.17 -0.44 15.03
C ARG B 171 -20.55 -0.26 14.41
N PHE B 172 -20.79 -0.94 13.29
CA PHE B 172 -22.07 -0.90 12.60
C PHE B 172 -23.01 -2.04 13.01
N ALA B 173 -22.44 -3.07 13.63
CA ALA B 173 -23.19 -4.29 13.95
C ALA B 173 -24.30 -4.09 14.97
N ARG B 174 -25.52 -4.41 14.55
CA ARG B 174 -26.70 -4.38 15.42
C ARG B 174 -27.49 -5.68 15.25
N PHE B 175 -27.85 -6.30 16.37
CA PHE B 175 -28.56 -7.58 16.36
C PHE B 175 -30.01 -7.44 15.92
N HIS B 176 -30.51 -8.48 15.26
CA HIS B 176 -31.91 -8.53 14.80
C HIS B 176 -32.83 -8.65 15.98
N ALA B 177 -34.09 -8.26 15.78
CA ALA B 177 -35.10 -8.29 16.84
C ALA B 177 -35.42 -9.71 17.32
N ASP B 178 -35.06 -10.70 16.51
CA ASP B 178 -35.34 -12.11 16.79
C ASP B 178 -34.18 -12.81 17.51
N ALA B 179 -33.06 -12.11 17.66
CA ALA B 179 -31.86 -12.68 18.27
C ALA B 179 -32.07 -12.99 19.77
N PRO B 180 -31.77 -14.24 20.17
CA PRO B 180 -31.92 -14.73 21.55
C PRO B 180 -31.21 -13.87 22.60
N GLY B 181 -31.86 -13.68 23.74
CA GLY B 181 -31.32 -12.88 24.84
C GLY B 181 -31.23 -11.41 24.51
N GLY B 182 -32.30 -10.87 23.94
CA GLY B 182 -32.34 -9.47 23.51
C GLY B 182 -33.08 -8.54 24.45
N GLY B 183 -33.02 -8.84 25.75
CA GLY B 183 -33.66 -8.02 26.77
C GLY B 183 -32.70 -7.59 27.87
N LEU B 184 -33.22 -6.80 28.81
CA LEU B 184 -32.43 -6.35 29.96
C LEU B 184 -32.24 -7.49 30.98
N GLY B 185 -31.19 -7.38 31.78
CA GLY B 185 -30.87 -8.40 32.78
C GLY B 185 -29.43 -8.85 32.69
N GLY B 186 -28.97 -9.56 33.71
CA GLY B 186 -27.59 -10.04 33.80
C GLY B 186 -27.22 -11.05 32.74
N SER B 187 -26.22 -10.71 31.92
CA SER B 187 -25.71 -11.60 30.88
C SER B 187 -24.90 -12.73 31.50
N SER B 188 -25.05 -13.93 30.95
CA SER B 188 -24.40 -15.13 31.49
C SER B 188 -22.98 -15.35 30.96
N VAL B 189 -22.43 -14.33 30.30
CA VAL B 189 -21.07 -14.40 29.75
C VAL B 189 -20.09 -13.65 30.66
N ARG B 190 -18.92 -14.25 30.88
CA ARG B 190 -17.87 -13.66 31.72
C ARG B 190 -16.59 -13.41 30.93
N LEU B 191 -15.86 -12.37 31.30
CA LEU B 191 -14.53 -12.11 30.75
C LEU B 191 -13.49 -12.63 31.72
N VAL B 192 -12.82 -13.73 31.35
CA VAL B 192 -11.89 -14.41 32.25
C VAL B 192 -10.53 -14.66 31.61
N ARG B 193 -9.52 -14.86 32.45
CA ARG B 193 -8.21 -15.33 31.99
C ARG B 193 -8.30 -16.80 31.61
N PRO B 194 -7.82 -17.16 30.40
CA PRO B 194 -7.92 -18.52 29.87
C PRO B 194 -7.16 -19.57 30.69
N THR B 195 -6.03 -19.17 31.26
CA THR B 195 -5.18 -20.07 32.03
C THR B 195 -5.77 -20.46 33.39
N GLU B 196 -6.72 -19.65 33.87
CA GLU B 196 -7.33 -19.86 35.18
C GLU B 196 -8.66 -20.60 35.12
N HIS B 197 -9.03 -21.09 33.94
CA HIS B 197 -10.31 -21.77 33.74
C HIS B 197 -10.21 -22.99 32.86
N ARG B 198 -9.04 -23.62 32.85
CA ARG B 198 -8.77 -24.80 32.02
C ARG B 198 -9.83 -25.90 32.17
N GLY B 199 -10.26 -26.15 33.40
CA GLY B 199 -11.24 -27.19 33.71
C GLY B 199 -12.55 -27.05 32.95
N GLU B 200 -13.05 -25.82 32.84
CA GLU B 200 -14.30 -25.55 32.14
C GLU B 200 -14.18 -25.59 30.63
N PHE B 201 -13.06 -25.09 30.10
CA PHE B 201 -12.81 -25.12 28.65
C PHE B 201 -12.77 -26.54 28.10
N GLU B 202 -12.04 -27.42 28.81
CA GLU B 202 -11.94 -28.83 28.44
C GLU B 202 -13.31 -29.49 28.46
N ALA B 203 -14.10 -29.16 29.48
CA ALA B 203 -15.44 -29.72 29.63
C ALA B 203 -16.40 -29.29 28.51
N ILE B 204 -16.34 -28.01 28.15
CA ILE B 204 -17.17 -27.47 27.07
C ILE B 204 -16.75 -28.03 25.71
N TYR B 205 -15.45 -28.07 25.46
CA TYR B 205 -14.91 -28.61 24.22
C TYR B 205 -15.30 -30.07 24.01
N GLU B 206 -15.19 -30.86 25.09
CA GLU B 206 -15.56 -32.27 25.05
C GLU B 206 -17.03 -32.48 24.66
N ARG B 207 -17.90 -31.63 25.20
CA ARG B 207 -19.32 -31.65 24.86
C ARG B 207 -19.55 -31.19 23.41
N TRP B 208 -18.72 -30.26 22.96
CA TRP B 208 -18.81 -29.73 21.59
C TRP B 208 -18.34 -30.73 20.57
N ARG B 209 -17.15 -31.29 20.79
CA ARG B 209 -16.48 -32.15 19.80
C ARG B 209 -17.19 -33.48 19.55
N GLN B 210 -18.10 -33.86 20.45
CA GLN B 210 -18.81 -35.12 20.35
C GLN B 210 -20.08 -35.04 19.52
N GLN B 211 -20.71 -33.86 19.50
CA GLN B 211 -21.98 -33.67 18.80
C GLN B 211 -21.83 -32.99 17.44
N VAL B 212 -20.64 -32.44 17.18
CA VAL B 212 -20.37 -31.72 15.95
C VAL B 212 -19.46 -32.53 15.02
N PRO B 213 -19.91 -32.77 13.77
CA PRO B 213 -19.10 -33.47 12.76
C PRO B 213 -17.83 -32.71 12.43
N GLY B 214 -16.70 -33.40 12.44
CA GLY B 214 -15.40 -32.80 12.19
C GLY B 214 -14.65 -32.49 13.47
N GLY B 215 -15.33 -32.68 14.61
CA GLY B 215 -14.75 -32.44 15.92
C GLY B 215 -13.74 -33.51 16.31
N LEU B 216 -12.59 -33.06 16.81
CA LEU B 216 -11.53 -33.96 17.25
C LEU B 216 -11.38 -33.94 18.76
N LEU B 217 -10.94 -35.06 19.33
CA LEU B 217 -10.61 -35.12 20.76
C LEU B 217 -9.31 -34.37 21.00
N ARG B 218 -9.30 -33.53 22.04
CA ARG B 218 -8.10 -32.81 22.41
C ARG B 218 -7.52 -33.36 23.73
N PRO B 219 -6.37 -34.05 23.63
CA PRO B 219 -5.68 -34.64 24.79
C PRO B 219 -5.03 -33.59 25.68
N GLN B 220 -4.63 -34.02 26.88
CA GLN B 220 -4.03 -33.13 27.89
C GLN B 220 -2.80 -32.38 27.38
N VAL B 221 -2.01 -33.05 26.53
CA VAL B 221 -0.78 -32.47 25.99
C VAL B 221 -1.04 -31.28 25.05
N LEU B 222 -2.20 -31.27 24.40
CA LEU B 222 -2.56 -30.18 23.49
C LEU B 222 -3.13 -28.97 24.22
N TRP B 223 -3.81 -29.22 25.33
CA TRP B 223 -4.28 -28.13 26.20
C TRP B 223 -3.14 -27.46 26.90
N ASP B 224 -2.07 -28.22 27.16
CA ASP B 224 -0.83 -27.70 27.72
C ASP B 224 -0.24 -26.62 26.80
N GLU B 225 -0.17 -26.93 25.52
CA GLU B 225 0.45 -26.05 24.53
C GLU B 225 -0.47 -24.89 24.12
N LEU B 226 -1.78 -25.11 24.15
CA LEU B 226 -2.76 -24.09 23.79
C LEU B 226 -2.77 -22.93 24.80
N LEU B 227 -2.75 -23.28 26.08
CA LEU B 227 -2.76 -22.29 27.16
C LEU B 227 -1.40 -21.60 27.33
N ALA B 228 -0.34 -22.26 26.85
CA ALA B 228 1.00 -21.69 26.85
C ALA B 228 1.16 -20.64 25.74
N GLU B 229 0.33 -20.75 24.71
CA GLU B 229 0.33 -19.80 23.59
C GLU B 229 -0.60 -18.61 23.86
N ALA B 230 -1.25 -18.62 25.02
CA ALA B 230 -2.17 -17.55 25.41
C ALA B 230 -1.45 -16.35 26.02
N LYS B 231 -0.38 -16.62 26.78
CA LYS B 231 0.41 -15.57 27.42
C LYS B 231 1.15 -14.71 26.39
N ALA B 232 1.32 -13.43 26.70
CA ALA B 232 1.98 -12.48 25.80
C ALA B 232 3.47 -12.78 25.68
N ALA B 233 3.92 -13.00 24.44
CA ALA B 233 5.31 -13.28 24.14
C ALA B 233 6.04 -11.99 23.75
N PRO B 234 7.26 -11.78 24.30
CA PRO B 234 8.05 -10.59 23.98
C PRO B 234 8.37 -10.47 22.49
N GLY B 235 7.70 -9.52 21.83
CA GLY B 235 7.86 -9.29 20.40
C GLY B 235 7.03 -10.22 19.53
N GLY B 236 6.10 -10.94 20.15
CA GLY B 236 5.22 -11.86 19.43
C GLY B 236 3.77 -11.45 19.49
N ASP B 237 2.91 -12.40 19.88
CA ASP B 237 1.48 -12.14 20.01
C ASP B 237 1.17 -11.49 21.36
N ARG B 238 -0.03 -10.90 21.45
CA ARG B 238 -0.48 -10.25 22.67
C ARG B 238 -1.19 -11.27 23.57
N GLU B 239 -1.41 -10.89 24.82
CA GLU B 239 -2.12 -11.75 25.78
C GLU B 239 -3.51 -12.11 25.27
N SER B 240 -3.82 -13.40 25.32
CA SER B 240 -5.14 -13.88 24.90
C SER B 240 -6.14 -13.74 26.04
N PHE B 241 -7.40 -13.51 25.68
CA PHE B 241 -8.50 -13.42 26.64
C PHE B 241 -9.60 -14.41 26.31
N ALA B 242 -10.47 -14.65 27.29
CA ALA B 242 -11.54 -15.62 27.12
C ALA B 242 -12.89 -15.09 27.56
N LEU B 243 -13.91 -15.41 26.78
CA LEU B 243 -15.30 -15.10 27.14
C LEU B 243 -16.01 -16.41 27.48
N LEU B 244 -16.30 -16.61 28.76
CA LEU B 244 -16.84 -17.88 29.25
C LEU B 244 -18.35 -17.88 29.43
N HIS B 245 -18.97 -18.97 29.01
CA HIS B 245 -20.40 -19.20 29.14
C HIS B 245 -20.58 -20.62 29.61
N PRO B 246 -21.66 -20.90 30.37
CA PRO B 246 -21.97 -22.27 30.81
C PRO B 246 -21.97 -23.31 29.68
N ASP B 247 -22.33 -22.90 28.48
CA ASP B 247 -22.44 -23.81 27.33
C ASP B 247 -21.56 -23.40 26.14
N GLY B 248 -20.51 -22.63 26.39
CA GLY B 248 -19.61 -22.20 25.33
C GLY B 248 -18.49 -21.29 25.76
N TYR B 249 -17.49 -21.14 24.89
CA TYR B 249 -16.39 -20.20 25.17
C TYR B 249 -15.79 -19.59 23.90
N ALA B 250 -15.16 -18.43 24.07
CA ALA B 250 -14.49 -17.74 22.97
C ALA B 250 -13.09 -17.32 23.39
N LEU B 251 -12.08 -17.81 22.67
CA LEU B 251 -10.70 -17.40 22.87
C LEU B 251 -10.32 -16.40 21.79
N TYR B 252 -9.97 -15.19 22.21
CA TYR B 252 -9.61 -14.13 21.27
C TYR B 252 -8.36 -13.39 21.71
N ARG B 253 -7.72 -12.72 20.75
CA ARG B 253 -6.56 -11.88 21.01
C ARG B 253 -6.47 -10.74 19.98
N VAL B 254 -6.02 -9.59 20.44
CA VAL B 254 -5.80 -8.44 19.55
C VAL B 254 -4.58 -8.72 18.70
N ASP B 255 -4.69 -8.43 17.39
CA ASP B 255 -3.59 -8.62 16.46
C ASP B 255 -2.37 -7.79 16.86
N ARG B 256 -1.18 -8.34 16.62
CA ARG B 256 0.08 -7.69 17.00
C ARG B 256 0.27 -6.31 16.36
N THR B 257 -0.12 -6.17 15.10
CA THR B 257 0.05 -4.92 14.36
C THR B 257 -1.25 -4.14 14.21
N ASP B 258 -2.34 -4.84 13.91
CA ASP B 258 -3.66 -4.22 13.78
C ASP B 258 -4.32 -4.16 15.15
N LEU B 259 -4.12 -3.04 15.85
CA LEU B 259 -4.61 -2.85 17.21
C LEU B 259 -6.11 -2.56 17.29
N LYS B 260 -6.77 -2.50 16.13
CA LYS B 260 -8.23 -2.32 16.07
C LYS B 260 -8.94 -3.60 15.62
N LEU B 261 -8.18 -4.69 15.51
CA LEU B 261 -8.72 -5.97 15.12
C LEU B 261 -8.52 -7.02 16.21
N ALA B 262 -9.60 -7.71 16.56
CA ALA B 262 -9.54 -8.82 17.51
C ALA B 262 -9.79 -10.14 16.77
N ARG B 263 -8.82 -11.04 16.84
CA ARG B 263 -8.90 -12.33 16.16
C ARG B 263 -9.40 -13.41 17.11
N VAL B 264 -10.59 -13.92 16.83
CA VAL B 264 -11.14 -15.05 17.59
C VAL B 264 -10.49 -16.33 17.07
N SER B 265 -9.52 -16.84 17.83
CA SER B 265 -8.79 -18.04 17.47
C SER B 265 -9.64 -19.30 17.62
N GLU B 266 -10.62 -19.24 18.52
CA GLU B 266 -11.46 -20.38 18.84
C GLU B 266 -12.81 -19.97 19.38
N LEU B 267 -13.87 -20.58 18.84
CA LEU B 267 -15.23 -20.35 19.32
C LEU B 267 -16.00 -21.66 19.39
N ARG B 268 -16.01 -22.26 20.58
CA ARG B 268 -16.75 -23.48 20.84
C ARG B 268 -18.08 -23.16 21.52
N ALA B 269 -19.17 -23.49 20.85
CA ALA B 269 -20.51 -23.26 21.40
C ALA B 269 -21.35 -24.52 21.27
N VAL B 270 -21.91 -24.96 22.39
CA VAL B 270 -22.74 -26.16 22.44
C VAL B 270 -24.19 -25.87 22.05
N THR B 271 -24.79 -24.89 22.72
CA THR B 271 -26.18 -24.51 22.46
C THR B 271 -26.28 -23.29 21.55
N ALA B 272 -27.45 -23.12 20.93
CA ALA B 272 -27.73 -21.99 20.05
C ALA B 272 -27.78 -20.67 20.80
N ASP B 273 -28.15 -20.74 22.08
CA ASP B 273 -28.15 -19.57 22.97
C ASP B 273 -26.74 -19.13 23.34
N ALA B 274 -25.84 -20.11 23.50
CA ALA B 274 -24.44 -19.82 23.82
C ALA B 274 -23.72 -19.09 22.69
N HIS B 275 -23.98 -19.51 21.46
CA HIS B 275 -23.40 -18.88 20.26
C HIS B 275 -23.81 -17.44 20.14
N CYS B 276 -25.08 -17.17 20.39
CA CYS B 276 -25.64 -15.83 20.28
C CYS B 276 -25.15 -14.91 21.40
N ALA B 277 -25.13 -15.43 22.63
CA ALA B 277 -24.70 -14.66 23.80
C ALA B 277 -23.21 -14.31 23.78
N LEU B 278 -22.41 -15.18 23.17
CA LEU B 278 -20.97 -14.93 23.03
C LEU B 278 -20.69 -13.86 21.98
N TRP B 279 -21.55 -13.78 20.97
CA TRP B 279 -21.39 -12.78 19.91
C TRP B 279 -21.91 -11.41 20.28
N ARG B 280 -22.79 -11.35 21.28
CA ARG B 280 -23.17 -10.08 21.88
C ARG B 280 -21.99 -9.52 22.67
N ALA B 281 -21.24 -10.43 23.31
CA ALA B 281 -20.06 -10.07 24.08
C ALA B 281 -18.89 -9.68 23.19
N LEU B 282 -18.73 -10.40 22.07
CA LEU B 282 -17.63 -10.15 21.12
C LEU B 282 -17.76 -8.81 20.40
N ILE B 283 -19.00 -8.47 20.01
CA ILE B 283 -19.29 -7.16 19.40
C ILE B 283 -19.29 -6.09 20.50
N GLY B 284 -19.37 -6.53 21.74
CA GLY B 284 -19.30 -5.65 22.91
C GLY B 284 -17.93 -5.04 23.16
N LEU B 285 -16.92 -5.54 22.46
CA LEU B 285 -15.55 -5.02 22.56
C LEU B 285 -15.42 -3.63 21.93
N ASP B 286 -15.92 -2.62 22.64
CA ASP B 286 -15.95 -1.23 22.14
C ASP B 286 -14.57 -0.66 21.81
N SER B 287 -13.53 -1.38 22.21
CA SER B 287 -12.15 -0.98 21.95
C SER B 287 -11.74 -1.28 20.51
N MET B 288 -12.38 -2.30 19.93
CA MET B 288 -12.01 -2.78 18.60
C MET B 288 -12.90 -2.22 17.49
N GLU B 289 -12.40 -2.29 16.25
CA GLU B 289 -13.18 -1.88 15.08
C GLU B 289 -13.77 -3.09 14.36
N ARG B 290 -13.00 -4.17 14.29
CA ARG B 290 -13.39 -5.38 13.58
C ARG B 290 -13.09 -6.65 14.36
N ILE B 291 -14.00 -7.62 14.27
CA ILE B 291 -13.82 -8.93 14.90
C ILE B 291 -13.74 -10.00 13.81
N SER B 292 -12.59 -10.64 13.71
CA SER B 292 -12.37 -11.70 12.72
C SER B 292 -12.36 -13.08 13.36
N ILE B 293 -12.94 -14.04 12.66
CA ILE B 293 -13.04 -15.42 13.15
C ILE B 293 -13.02 -16.41 11.99
N ILE B 294 -12.19 -17.44 12.11
CA ILE B 294 -12.15 -18.51 11.12
C ILE B 294 -13.11 -19.62 11.56
N THR B 295 -14.24 -19.72 10.84
CA THR B 295 -15.32 -20.63 11.19
C THR B 295 -15.78 -21.47 9.99
N HIS B 296 -17.05 -21.88 9.98
CA HIS B 296 -17.59 -22.72 8.91
C HIS B 296 -18.66 -22.01 8.11
N PRO B 297 -18.91 -22.48 6.86
CA PRO B 297 -19.86 -21.81 5.95
C PRO B 297 -21.30 -21.75 6.44
N GLN B 298 -21.69 -22.67 7.32
CA GLN B 298 -23.04 -22.70 7.86
C GLN B 298 -23.14 -22.05 9.24
N ASP B 299 -22.34 -21.00 9.45
CA ASP B 299 -22.38 -20.23 10.69
C ASP B 299 -23.61 -19.31 10.69
N PRO B 300 -24.42 -19.35 11.77
CA PRO B 300 -25.64 -18.55 11.84
C PRO B 300 -25.44 -17.08 12.20
N LEU B 301 -24.20 -16.61 12.23
CA LEU B 301 -23.89 -15.23 12.64
C LEU B 301 -24.48 -14.14 11.72
N PRO B 302 -24.37 -14.28 10.38
CA PRO B 302 -24.90 -13.23 9.51
C PRO B 302 -26.39 -12.96 9.75
N HIS B 303 -27.17 -14.01 9.96
CA HIS B 303 -28.61 -13.88 10.19
C HIS B 303 -28.95 -13.42 11.58
N LEU B 304 -27.93 -13.39 12.45
CA LEU B 304 -28.10 -12.95 13.83
C LEU B 304 -28.08 -11.43 13.94
N LEU B 305 -27.64 -10.76 12.87
CA LEU B 305 -27.60 -9.29 12.81
C LEU B 305 -28.70 -8.74 11.89
N THR B 306 -28.99 -7.46 12.05
CA THR B 306 -29.95 -6.76 11.19
C THR B 306 -29.46 -6.67 9.75
N ASP B 307 -28.15 -6.43 9.60
CA ASP B 307 -27.50 -6.42 8.30
C ASP B 307 -26.63 -7.67 8.18
N THR B 308 -27.03 -8.58 7.29
CA THR B 308 -26.33 -9.85 7.07
C THR B 308 -24.97 -9.64 6.41
N ARG B 309 -24.83 -8.51 5.72
CA ARG B 309 -23.63 -8.22 4.95
C ARG B 309 -22.49 -7.68 5.79
N LEU B 310 -22.79 -7.31 7.04
CA LEU B 310 -21.78 -6.84 7.99
C LEU B 310 -20.84 -7.97 8.44
N ALA B 311 -21.32 -9.20 8.33
CA ALA B 311 -20.49 -10.38 8.55
C ALA B 311 -19.92 -10.85 7.21
N ARG B 312 -18.96 -10.09 6.70
CA ARG B 312 -18.35 -10.35 5.40
C ARG B 312 -17.42 -11.57 5.41
N THR B 313 -17.56 -12.41 4.39
CA THR B 313 -16.63 -13.52 4.17
C THR B 313 -15.38 -12.98 3.47
N THR B 314 -14.33 -12.80 4.25
CA THR B 314 -13.09 -12.21 3.77
C THR B 314 -12.08 -13.24 3.27
N TRP B 315 -12.32 -14.51 3.60
CA TRP B 315 -11.38 -15.59 3.28
C TRP B 315 -12.04 -16.93 3.24
N ARG B 316 -11.74 -17.70 2.19
CA ARG B 316 -12.26 -19.04 2.00
C ARG B 316 -11.15 -20.02 1.64
N GLN B 317 -11.09 -21.14 2.34
CA GLN B 317 -10.09 -22.18 2.11
C GLN B 317 -10.54 -23.51 2.67
N ASP B 318 -9.96 -24.60 2.18
CA ASP B 318 -10.24 -25.93 2.69
C ASP B 318 -9.52 -26.17 4.02
N GLY B 319 -10.13 -26.96 4.88
CA GLY B 319 -9.58 -27.25 6.21
C GLY B 319 -8.98 -28.64 6.32
N LEU B 320 -9.79 -29.57 6.84
CA LEU B 320 -9.35 -30.94 7.04
C LEU B 320 -9.45 -31.74 5.75
N TRP B 321 -8.44 -32.56 5.48
CA TRP B 321 -8.43 -33.44 4.32
C TRP B 321 -8.61 -34.87 4.76
N LEU B 322 -9.38 -35.63 3.98
CA LEU B 322 -9.77 -36.97 4.39
C LEU B 322 -9.52 -38.03 3.31
N ARG B 323 -8.89 -39.13 3.72
CA ARG B 323 -8.67 -40.29 2.86
C ARG B 323 -9.23 -41.51 3.56
N ILE B 324 -10.25 -42.12 2.96
CA ILE B 324 -10.86 -43.32 3.52
C ILE B 324 -9.94 -44.52 3.31
N MET B 325 -9.43 -45.07 4.40
CA MET B 325 -8.52 -46.21 4.37
C MET B 325 -9.30 -47.51 4.14
N ASN B 326 -10.36 -47.70 4.92
CA ASN B 326 -11.21 -48.87 4.80
C ASN B 326 -12.59 -48.44 4.33
N VAL B 327 -12.83 -48.58 3.02
CA VAL B 327 -14.06 -48.08 2.37
C VAL B 327 -15.37 -48.58 3.00
N PRO B 328 -15.51 -49.90 3.23
CA PRO B 328 -16.76 -50.36 3.85
C PRO B 328 -16.89 -49.97 5.33
N ALA B 329 -15.77 -49.88 6.04
CA ALA B 329 -15.79 -49.55 7.47
C ALA B 329 -16.26 -48.13 7.75
N ALA B 330 -15.83 -47.19 6.92
CA ALA B 330 -16.18 -45.78 7.08
C ALA B 330 -17.63 -45.49 6.72
N LEU B 331 -18.07 -46.01 5.57
CA LEU B 331 -19.42 -45.77 5.08
C LEU B 331 -20.51 -46.36 5.97
N GLU B 332 -20.21 -47.48 6.62
CA GLU B 332 -21.15 -48.13 7.54
C GLU B 332 -21.24 -47.37 8.87
N ALA B 333 -20.10 -46.91 9.37
CA ALA B 333 -20.02 -46.21 10.66
C ALA B 333 -20.66 -44.82 10.63
N ARG B 334 -20.79 -44.24 9.44
CA ARG B 334 -21.35 -42.90 9.27
C ARG B 334 -22.87 -42.90 9.44
N GLY B 335 -23.40 -41.75 9.82
CA GLY B 335 -24.85 -41.55 9.91
C GLY B 335 -25.37 -40.79 8.71
N TYR B 336 -26.54 -41.19 8.22
CA TYR B 336 -27.13 -40.62 7.00
C TYR B 336 -28.50 -39.99 7.28
N ALA B 337 -29.02 -39.26 6.30
CA ALA B 337 -30.28 -38.54 6.45
C ALA B 337 -31.50 -39.47 6.37
N HIS B 338 -32.49 -39.20 7.23
CA HIS B 338 -33.71 -39.99 7.29
C HIS B 338 -34.72 -39.59 6.24
N GLU B 339 -34.50 -38.44 5.63
CA GLU B 339 -35.45 -37.86 4.67
C GLU B 339 -35.44 -38.56 3.30
N VAL B 340 -34.29 -39.10 2.92
CA VAL B 340 -34.14 -39.75 1.61
C VAL B 340 -34.80 -41.14 1.58
N GLY B 341 -35.35 -41.50 0.42
CA GLY B 341 -35.93 -42.83 0.21
C GLY B 341 -34.85 -43.89 0.14
N GLU B 342 -35.18 -45.09 0.61
CA GLU B 342 -34.22 -46.20 0.65
C GLU B 342 -33.83 -46.66 -0.75
N PHE B 343 -32.51 -46.70 -0.99
CA PHE B 343 -31.97 -47.12 -2.28
C PHE B 343 -30.72 -47.96 -2.14
N SER B 344 -30.51 -48.88 -3.09
CA SER B 344 -29.31 -49.71 -3.14
C SER B 344 -28.60 -49.51 -4.47
N THR B 345 -27.27 -49.36 -4.41
CA THR B 345 -26.46 -49.14 -5.60
C THR B 345 -25.04 -49.68 -5.43
N VAL B 346 -24.33 -49.83 -6.55
CA VAL B 346 -22.95 -50.28 -6.54
C VAL B 346 -22.03 -49.13 -6.94
N LEU B 347 -21.10 -48.80 -6.06
CA LEU B 347 -20.12 -47.75 -6.33
C LEU B 347 -18.72 -48.34 -6.47
N GLU B 348 -17.88 -47.72 -7.28
CA GLU B 348 -16.53 -48.20 -7.51
C GLU B 348 -15.48 -47.12 -7.22
N VAL B 349 -14.50 -47.50 -6.40
CA VAL B 349 -13.33 -46.67 -6.14
C VAL B 349 -12.22 -47.09 -7.10
N SER B 350 -11.55 -46.10 -7.69
CA SER B 350 -10.54 -46.31 -8.74
C SER B 350 -9.61 -47.51 -8.52
N ASP B 351 -8.96 -47.54 -7.37
CA ASP B 351 -8.07 -48.64 -7.00
C ASP B 351 -8.42 -49.24 -5.64
N GLY B 352 -9.59 -48.88 -5.12
CA GLY B 352 -10.08 -49.38 -3.85
C GLY B 352 -10.97 -50.60 -3.95
N GLY B 353 -11.44 -50.88 -5.16
CA GLY B 353 -12.32 -52.01 -5.42
C GLY B 353 -13.74 -51.60 -5.74
N ARG B 354 -14.64 -52.59 -5.76
CA ARG B 354 -16.05 -52.35 -6.05
C ARG B 354 -16.92 -52.76 -4.87
N PHE B 355 -17.83 -51.87 -4.48
CA PHE B 355 -18.65 -52.06 -3.27
C PHE B 355 -20.13 -51.82 -3.52
N ALA B 356 -20.96 -52.66 -2.91
CA ALA B 356 -22.41 -52.50 -2.93
C ALA B 356 -22.86 -51.70 -1.71
N LEU B 357 -23.60 -50.63 -1.96
CA LEU B 357 -24.01 -49.72 -0.89
C LEU B 357 -25.53 -49.69 -0.71
N LYS B 358 -25.98 -50.06 0.49
CA LYS B 358 -27.40 -50.07 0.83
C LYS B 358 -27.70 -49.00 1.89
N ILE B 359 -28.19 -47.86 1.43
CA ILE B 359 -28.52 -46.74 2.32
C ILE B 359 -30.01 -46.71 2.62
N GLY B 360 -30.35 -46.68 3.91
CA GLY B 360 -31.73 -46.64 4.37
C GLY B 360 -31.85 -46.36 5.86
N ASP B 361 -32.60 -45.32 6.20
CA ASP B 361 -32.88 -44.92 7.58
C ASP B 361 -31.63 -44.75 8.47
N GLY B 362 -30.79 -43.78 8.10
CA GLY B 362 -29.64 -43.40 8.91
C GLY B 362 -28.41 -44.26 8.75
N ARG B 363 -28.60 -45.58 8.72
CA ARG B 363 -27.48 -46.52 8.63
C ARG B 363 -27.32 -47.06 7.21
N ALA B 364 -26.14 -47.60 6.91
CA ALA B 364 -25.86 -48.14 5.58
C ALA B 364 -25.09 -49.46 5.63
N ARG B 365 -25.44 -50.37 4.73
CA ARG B 365 -24.71 -51.61 4.53
C ARG B 365 -23.71 -51.45 3.40
N CYS B 366 -22.46 -51.82 3.64
CA CYS B 366 -21.43 -51.75 2.62
C CYS B 366 -20.60 -53.03 2.57
N THR B 367 -20.82 -53.83 1.54
CA THR B 367 -20.10 -55.08 1.33
C THR B 367 -19.49 -55.11 -0.08
N PRO B 368 -18.23 -55.54 -0.20
CA PRO B 368 -17.55 -55.64 -1.49
C PRO B 368 -18.24 -56.61 -2.43
N THR B 369 -18.31 -56.25 -3.71
CA THR B 369 -19.00 -57.04 -4.71
C THR B 369 -18.28 -56.98 -6.05
N ASP B 370 -18.79 -57.75 -7.02
CA ASP B 370 -18.26 -57.75 -8.38
C ASP B 370 -19.37 -57.50 -9.41
N ALA B 371 -20.53 -57.06 -8.92
CA ALA B 371 -21.67 -56.69 -9.77
C ALA B 371 -21.39 -55.41 -10.53
N ALA B 372 -22.23 -55.10 -11.52
CA ALA B 372 -22.06 -53.92 -12.37
C ALA B 372 -22.06 -52.62 -11.56
N ALA B 373 -21.01 -51.83 -11.72
CA ALA B 373 -20.85 -50.56 -11.02
C ALA B 373 -21.73 -49.47 -11.63
N GLU B 374 -22.45 -48.75 -10.77
CA GLU B 374 -23.33 -47.67 -11.20
C GLU B 374 -22.68 -46.30 -11.02
N ILE B 375 -21.87 -46.17 -9.95
CA ILE B 375 -21.12 -44.94 -9.69
C ILE B 375 -19.63 -45.23 -9.70
N GLU B 376 -18.87 -44.34 -10.32
CA GLU B 376 -17.41 -44.45 -10.37
C GLU B 376 -16.75 -43.14 -9.94
N MET B 377 -15.89 -43.22 -8.94
CA MET B 377 -15.18 -42.05 -8.42
C MET B 377 -13.78 -42.40 -7.92
N ASP B 378 -12.90 -41.40 -7.88
CA ASP B 378 -11.56 -41.57 -7.31
C ASP B 378 -11.64 -41.67 -5.78
N ARG B 379 -10.52 -42.03 -5.16
CA ARG B 379 -10.46 -42.22 -3.71
C ARG B 379 -10.65 -40.92 -2.93
N ASP B 380 -10.19 -39.81 -3.50
CA ASP B 380 -10.30 -38.48 -2.87
C ASP B 380 -11.69 -37.88 -2.99
N VAL B 381 -12.45 -38.32 -3.99
CA VAL B 381 -13.82 -37.86 -4.23
C VAL B 381 -14.74 -38.32 -3.09
N LEU B 382 -14.50 -39.53 -2.60
CA LEU B 382 -15.23 -40.07 -1.45
C LEU B 382 -14.85 -39.31 -0.17
N GLY B 383 -13.58 -38.92 -0.07
CA GLY B 383 -13.07 -38.15 1.06
C GLY B 383 -13.78 -36.84 1.28
N SER B 384 -14.05 -36.14 0.17
CA SER B 384 -14.75 -34.86 0.19
C SER B 384 -16.22 -35.00 0.55
N LEU B 385 -16.83 -36.07 0.04
CA LEU B 385 -18.25 -36.34 0.25
C LEU B 385 -18.57 -36.87 1.66
N TYR B 386 -17.58 -37.49 2.29
CA TYR B 386 -17.79 -38.22 3.54
C TYR B 386 -18.40 -37.41 4.68
N LEU B 387 -17.80 -36.27 4.99
CA LEU B 387 -18.32 -35.39 6.04
C LEU B 387 -19.54 -34.59 5.57
N GLY B 388 -19.73 -34.53 4.26
CA GLY B 388 -20.92 -33.90 3.68
C GLY B 388 -20.77 -32.42 3.42
N ALA B 389 -19.53 -31.96 3.27
CA ALA B 389 -19.25 -30.55 2.99
C ALA B 389 -19.41 -30.25 1.51
N HIS B 390 -19.08 -31.22 0.66
CA HIS B 390 -19.21 -31.07 -0.78
C HIS B 390 -20.29 -31.98 -1.30
N ARG B 391 -21.22 -31.40 -2.05
CA ARG B 391 -22.33 -32.14 -2.64
C ARG B 391 -21.88 -32.92 -3.87
N ALA B 392 -22.51 -34.07 -4.10
CA ALA B 392 -22.14 -34.96 -5.20
C ALA B 392 -22.46 -34.38 -6.58
N SER B 393 -23.50 -33.55 -6.65
CA SER B 393 -23.91 -32.90 -7.90
C SER B 393 -22.83 -31.95 -8.43
N THR B 394 -22.12 -31.30 -7.51
CA THR B 394 -21.04 -30.38 -7.86
C THR B 394 -19.84 -31.12 -8.43
N LEU B 395 -19.55 -32.29 -7.87
CA LEU B 395 -18.45 -33.13 -8.32
C LEU B 395 -18.79 -33.85 -9.63
N ALA B 396 -20.07 -34.14 -9.83
CA ALA B 396 -20.56 -34.79 -11.04
C ALA B 396 -20.53 -33.84 -12.24
N ALA B 397 -20.80 -32.56 -11.98
CA ALA B 397 -20.67 -31.51 -12.99
C ALA B 397 -19.20 -31.32 -13.39
N ALA B 398 -18.31 -31.59 -12.44
CA ALA B 398 -16.87 -31.53 -12.68
C ALA B 398 -16.32 -32.85 -13.19
N ASN B 399 -17.19 -33.85 -13.26
CA ASN B 399 -16.87 -35.21 -13.73
C ASN B 399 -15.86 -35.96 -12.84
N ARG B 400 -15.94 -35.70 -11.53
CA ARG B 400 -15.10 -36.40 -10.56
C ARG B 400 -15.77 -37.71 -10.11
N LEU B 401 -17.11 -37.73 -10.17
CA LEU B 401 -17.88 -38.95 -10.00
C LEU B 401 -18.81 -39.16 -11.20
N ARG B 402 -18.83 -40.37 -11.73
CA ARG B 402 -19.53 -40.67 -12.97
C ARG B 402 -20.73 -41.61 -12.77
N THR B 403 -21.86 -41.23 -13.36
CA THR B 403 -23.06 -42.05 -13.36
C THR B 403 -23.99 -41.69 -14.52
N LYS B 404 -24.71 -42.69 -15.03
CA LYS B 404 -25.70 -42.48 -16.08
C LYS B 404 -27.10 -42.41 -15.48
N ASP B 405 -27.16 -42.37 -14.16
CA ASP B 405 -28.41 -42.26 -13.42
C ASP B 405 -28.43 -40.96 -12.61
N SER B 406 -29.15 -39.96 -13.13
CA SER B 406 -29.23 -38.65 -12.51
C SER B 406 -30.15 -38.63 -11.28
N GLN B 407 -31.06 -39.60 -11.22
CA GLN B 407 -31.95 -39.77 -10.07
C GLN B 407 -31.17 -40.30 -8.87
N LEU B 408 -30.21 -41.17 -9.13
CA LEU B 408 -29.31 -41.70 -8.11
C LEU B 408 -28.41 -40.60 -7.55
N LEU B 409 -28.05 -39.66 -8.42
CA LEU B 409 -27.19 -38.54 -8.08
C LEU B 409 -27.85 -37.61 -7.05
N ARG B 410 -29.15 -37.38 -7.23
CA ARG B 410 -29.94 -36.53 -6.33
C ARG B 410 -30.12 -37.19 -4.96
N ARG B 411 -30.17 -38.53 -4.95
CA ARG B 411 -30.32 -39.30 -3.73
C ARG B 411 -29.02 -39.33 -2.92
N LEU B 412 -27.89 -39.24 -3.62
CA LEU B 412 -26.57 -39.19 -2.98
C LEU B 412 -26.33 -37.85 -2.28
N ASP B 413 -26.84 -36.77 -2.88
CA ASP B 413 -26.77 -35.43 -2.30
C ASP B 413 -27.52 -35.37 -0.97
N ALA B 414 -28.72 -35.92 -0.96
CA ALA B 414 -29.58 -35.91 0.22
C ALA B 414 -29.09 -36.83 1.33
N ALA B 415 -28.57 -38.00 0.95
CA ALA B 415 -28.13 -39.01 1.91
C ALA B 415 -26.86 -38.60 2.66
N PHE B 416 -25.87 -38.09 1.92
CA PHE B 416 -24.60 -37.70 2.50
C PHE B 416 -24.63 -36.33 3.19
N ALA B 417 -25.72 -35.59 2.98
CA ALA B 417 -25.90 -34.28 3.61
C ALA B 417 -25.95 -34.40 5.13
N SER B 418 -24.99 -33.77 5.78
CA SER B 418 -24.89 -33.79 7.24
C SER B 418 -26.00 -32.94 7.86
N ASP B 419 -26.74 -33.55 8.79
CA ASP B 419 -27.82 -32.87 9.50
C ASP B 419 -27.27 -31.70 10.30
N VAL B 420 -26.28 -31.98 11.14
CA VAL B 420 -25.56 -30.94 11.88
C VAL B 420 -24.40 -30.44 11.00
N PRO B 421 -24.33 -29.11 10.79
CA PRO B 421 -23.28 -28.48 9.96
C PRO B 421 -21.86 -28.92 10.32
N VAL B 422 -21.05 -29.12 9.29
CA VAL B 422 -19.67 -29.61 9.45
C VAL B 422 -18.73 -28.48 9.88
N GLN B 423 -17.92 -28.75 10.90
CA GLN B 423 -16.98 -27.77 11.43
C GLN B 423 -15.56 -28.33 11.51
N THR B 424 -14.57 -27.44 11.38
CA THR B 424 -13.17 -27.80 11.56
C THR B 424 -12.80 -27.64 13.04
N ALA B 425 -12.19 -28.68 13.60
CA ALA B 425 -11.82 -28.69 15.02
C ALA B 425 -10.59 -27.83 15.30
N PHE B 426 -9.41 -28.43 15.14
CA PHE B 426 -8.14 -27.70 15.25
C PHE B 426 -7.16 -28.15 14.17
N GLU B 427 -6.14 -27.34 13.94
CA GLU B 427 -5.16 -27.60 12.90
C GLU B 427 -4.00 -28.44 13.45
N PHE B 428 -3.54 -29.42 12.67
CA PHE B 428 -2.45 -30.29 13.08
C PHE B 428 -1.50 -30.61 11.92
N VAL C 29 37.24 22.85 21.62
CA VAL C 29 37.15 21.85 20.51
C VAL C 29 38.56 21.39 20.10
N THR C 30 38.97 20.23 20.64
CA THR C 30 40.30 19.67 20.39
C THR C 30 40.25 18.21 19.97
N LEU C 31 41.29 17.76 19.27
CA LEU C 31 41.37 16.39 18.75
C LEU C 31 42.51 15.61 19.43
N CYS C 32 42.22 14.37 19.81
CA CYS C 32 43.20 13.48 20.44
C CYS C 32 42.82 12.00 20.31
N SER C 33 43.69 11.13 20.79
CA SER C 33 43.44 9.68 20.82
C SER C 33 42.60 9.30 22.05
N PRO C 34 41.77 8.25 21.93
CA PRO C 34 40.87 7.89 23.04
C PRO C 34 41.54 7.12 24.17
N THR C 35 41.13 7.43 25.40
CA THR C 35 41.59 6.71 26.58
C THR C 35 40.55 5.66 26.98
N GLU C 36 40.64 5.14 28.19
CA GLU C 36 39.68 4.16 28.71
C GLU C 36 38.37 4.82 29.12
N ASP C 37 38.45 6.07 29.56
CA ASP C 37 37.28 6.83 30.01
C ASP C 37 36.40 7.32 28.86
N ASP C 38 36.95 7.32 27.65
CA ASP C 38 36.25 7.82 26.46
C ASP C 38 35.28 6.81 25.85
N TRP C 39 35.52 5.52 26.10
CA TRP C 39 34.73 4.44 25.49
C TRP C 39 33.26 4.41 25.83
N PRO C 40 32.90 4.66 27.11
CA PRO C 40 31.46 4.78 27.44
C PRO C 40 30.77 5.93 26.71
N GLY C 41 31.51 7.02 26.48
CA GLY C 41 31.00 8.17 25.74
C GLY C 41 30.90 7.92 24.24
N MET C 42 31.78 7.06 23.73
CA MET C 42 31.81 6.72 22.30
C MET C 42 30.66 5.82 21.88
N PHE C 43 30.26 4.90 22.76
CA PHE C 43 29.14 4.00 22.49
C PHE C 43 27.82 4.75 22.39
N LEU C 44 27.69 5.82 23.17
CA LEU C 44 26.52 6.69 23.16
C LEU C 44 26.34 7.33 21.78
N LEU C 45 27.44 7.84 21.22
CA LEU C 45 27.43 8.50 19.92
C LEU C 45 27.15 7.51 18.81
N ALA C 46 27.71 6.31 18.92
CA ALA C 46 27.52 5.24 17.95
C ALA C 46 26.08 4.75 17.92
N ALA C 47 25.46 4.65 19.09
CA ALA C 47 24.08 4.22 19.21
C ALA C 47 23.10 5.27 18.68
N ALA C 48 23.47 6.54 18.82
CA ALA C 48 22.63 7.65 18.38
C ALA C 48 22.81 8.00 16.91
N SER C 49 23.90 7.52 16.31
CA SER C 49 24.19 7.78 14.90
C SER C 49 23.84 6.60 14.01
N PHE C 50 24.12 5.39 14.48
CA PHE C 50 23.84 4.18 13.72
C PHE C 50 22.61 3.45 14.27
N THR C 51 21.62 3.23 13.40
CA THR C 51 20.38 2.56 13.77
C THR C 51 20.58 1.06 13.95
N ASP C 52 21.50 0.50 13.15
CA ASP C 52 21.83 -0.92 13.23
C ASP C 52 23.03 -1.18 14.14
N PHE C 53 23.23 -0.30 15.13
CA PHE C 53 24.35 -0.41 16.07
C PHE C 53 24.26 -1.72 16.85
N ILE C 54 25.36 -2.47 16.83
CA ILE C 54 25.43 -3.82 17.37
C ILE C 54 25.39 -3.91 18.90
N GLY C 55 25.47 -2.75 19.57
CA GLY C 55 25.43 -2.69 21.03
C GLY C 55 26.79 -2.57 21.67
N PRO C 56 26.84 -2.07 22.92
CA PRO C 56 28.10 -1.90 23.67
C PRO C 56 28.82 -3.23 23.92
N GLU C 57 28.06 -4.32 23.95
CA GLU C 57 28.60 -5.67 24.11
C GLU C 57 29.38 -6.10 22.88
N SER C 58 28.76 -5.96 21.71
CA SER C 58 29.32 -6.45 20.46
C SER C 58 30.42 -5.55 19.88
N ALA C 59 30.36 -4.26 20.19
CA ALA C 59 31.32 -3.28 19.66
C ALA C 59 32.74 -3.44 20.21
N THR C 60 32.84 -4.01 21.40
CA THR C 60 34.14 -4.26 22.04
C THR C 60 34.89 -5.40 21.35
N ALA C 61 34.14 -6.30 20.72
CA ALA C 61 34.71 -7.41 19.96
C ALA C 61 35.36 -6.94 18.66
N TRP C 62 34.91 -5.81 18.14
CA TRP C 62 35.48 -5.22 16.93
C TRP C 62 36.68 -4.37 17.22
N ARG C 63 36.84 -3.99 18.50
CA ARG C 63 37.96 -3.16 18.94
C ARG C 63 39.29 -3.92 18.89
N THR C 64 39.22 -5.24 18.93
CA THR C 64 40.39 -6.11 18.86
C THR C 64 41.07 -6.07 17.49
N LEU C 65 40.41 -5.44 16.52
CA LEU C 65 40.94 -5.30 15.17
C LEU C 65 41.46 -3.88 14.89
N VAL C 66 41.17 -2.96 15.80
CA VAL C 66 41.68 -1.59 15.71
C VAL C 66 43.04 -1.50 16.39
N PRO C 67 44.10 -1.17 15.61
CA PRO C 67 45.45 -1.06 16.16
C PRO C 67 45.62 0.16 17.06
N THR C 68 46.67 0.16 17.88
CA THR C 68 46.97 1.27 18.78
C THR C 68 47.20 2.55 17.99
N ASP C 69 46.64 3.65 18.47
CA ASP C 69 46.62 4.95 17.77
C ASP C 69 45.94 4.84 16.40
N GLY C 70 44.83 4.11 16.37
CA GLY C 70 44.03 3.93 15.15
C GLY C 70 42.62 4.46 15.28
N ALA C 71 42.41 5.32 16.28
CA ALA C 71 41.11 5.94 16.54
C ALA C 71 41.29 7.38 16.98
N VAL C 72 40.37 8.25 16.56
CA VAL C 72 40.39 9.66 16.95
C VAL C 72 39.08 10.10 17.60
N VAL C 73 39.18 10.95 18.61
CA VAL C 73 38.01 11.51 19.30
C VAL C 73 38.10 13.02 19.45
N VAL C 74 36.94 13.68 19.41
CA VAL C 74 36.86 15.14 19.58
C VAL C 74 35.97 15.46 20.77
N ARG C 75 36.54 16.14 21.77
CA ARG C 75 35.80 16.54 22.97
C ARG C 75 35.41 18.02 22.95
N ASP C 76 34.36 18.34 23.71
CA ASP C 76 33.80 19.69 23.71
C ASP C 76 34.33 20.54 24.86
N GLY C 77 35.26 21.44 24.54
CA GLY C 77 35.86 22.33 25.53
C GLY C 77 37.38 22.19 25.61
N SER C 82 34.11 18.01 29.70
CA SER C 82 34.16 17.86 28.26
C SER C 82 33.62 16.51 27.80
N GLU C 83 32.67 16.55 26.86
CA GLU C 83 32.05 15.34 26.32
C GLU C 83 32.47 15.09 24.88
N VAL C 84 32.67 13.82 24.54
CA VAL C 84 33.05 13.42 23.18
C VAL C 84 31.91 13.64 22.19
N VAL C 85 32.19 14.40 21.14
CA VAL C 85 31.18 14.80 20.16
C VAL C 85 31.61 14.51 18.71
N GLY C 86 32.60 13.64 18.55
CA GLY C 86 33.08 13.25 17.23
C GLY C 86 34.06 12.10 17.34
N MET C 87 33.89 11.10 16.46
CA MET C 87 34.74 9.91 16.46
C MET C 87 34.90 9.30 15.07
N ALA C 88 36.07 8.66 14.86
CA ALA C 88 36.38 7.95 13.62
C ALA C 88 37.55 6.99 13.85
N LEU C 89 37.50 5.82 13.22
CA LEU C 89 38.55 4.81 13.38
C LEU C 89 38.71 3.91 12.16
N TYR C 90 39.86 3.25 12.07
CA TYR C 90 40.11 2.25 11.03
C TYR C 90 40.51 0.90 11.61
N MET C 91 40.16 -0.17 10.91
CA MET C 91 40.48 -1.53 11.36
C MET C 91 41.55 -2.16 10.49
N ASP C 92 42.33 -3.05 11.10
CA ASP C 92 43.40 -3.76 10.40
C ASP C 92 42.85 -4.94 9.60
N LEU C 93 42.54 -4.69 8.34
CA LEU C 93 41.93 -5.70 7.46
C LEU C 93 42.86 -6.10 6.32
N ARG C 94 42.59 -7.27 5.73
CA ARG C 94 43.40 -7.79 4.63
C ARG C 94 42.57 -8.01 3.37
N LEU C 95 42.63 -7.04 2.45
CA LEU C 95 41.87 -7.08 1.21
C LEU C 95 42.61 -7.82 0.10
N THR C 96 41.89 -8.71 -0.58
CA THR C 96 42.43 -9.44 -1.72
C THR C 96 42.12 -8.69 -3.01
N VAL C 97 43.18 -8.27 -3.71
CA VAL C 97 43.06 -7.56 -4.99
C VAL C 97 43.24 -8.54 -6.15
N PRO C 98 42.85 -8.14 -7.39
CA PRO C 98 43.03 -9.00 -8.56
C PRO C 98 44.47 -9.53 -8.68
N GLY C 99 44.61 -10.81 -9.00
CA GLY C 99 45.91 -11.46 -9.05
C GLY C 99 46.24 -12.20 -7.76
N GLU C 100 45.22 -12.39 -6.92
CA GLU C 100 45.32 -13.14 -5.65
C GLU C 100 46.32 -12.59 -4.62
N VAL C 101 46.77 -11.35 -4.84
CA VAL C 101 47.67 -10.68 -3.90
C VAL C 101 46.85 -9.99 -2.81
N VAL C 102 47.29 -10.12 -1.56
CA VAL C 102 46.57 -9.55 -0.42
C VAL C 102 47.30 -8.33 0.14
N LEU C 103 46.58 -7.21 0.22
CA LEU C 103 47.13 -5.96 0.73
C LEU C 103 46.58 -5.62 2.11
N PRO C 104 47.45 -5.13 3.02
CA PRO C 104 46.99 -4.60 4.31
C PRO C 104 46.16 -3.33 4.09
N THR C 105 44.87 -3.40 4.40
CA THR C 105 43.94 -2.32 4.11
C THR C 105 43.30 -1.77 5.38
N ALA C 106 43.36 -0.44 5.53
CA ALA C 106 42.72 0.24 6.65
C ALA C 106 41.23 0.42 6.40
N GLY C 107 40.42 -0.31 7.17
CA GLY C 107 38.97 -0.28 6.99
C GLY C 107 38.27 0.71 7.90
N LEU C 108 37.86 1.83 7.33
CA LEU C 108 37.20 2.91 8.06
C LEU C 108 35.80 2.53 8.54
N SER C 109 35.56 2.75 9.83
CA SER C 109 34.27 2.48 10.46
C SER C 109 34.03 3.43 11.64
N PHE C 110 32.81 3.40 12.19
CA PHE C 110 32.43 4.19 13.36
C PHE C 110 32.67 5.70 13.19
N VAL C 111 32.54 6.17 11.95
CA VAL C 111 32.75 7.58 11.63
C VAL C 111 31.46 8.36 11.88
N ALA C 112 31.42 9.08 12.99
CA ALA C 112 30.21 9.81 13.41
C ALA C 112 30.49 11.09 14.16
N VAL C 113 29.70 12.12 13.86
CA VAL C 113 29.76 13.41 14.55
C VAL C 113 28.40 13.68 15.19
N ALA C 114 28.41 14.16 16.43
CA ALA C 114 27.19 14.51 17.14
C ALA C 114 26.38 15.56 16.38
N PRO C 115 25.04 15.39 16.34
CA PRO C 115 24.13 16.32 15.65
C PRO C 115 24.19 17.75 16.18
N THR C 116 24.94 17.94 17.27
CA THR C 116 25.10 19.24 17.91
C THR C 116 26.35 19.97 17.44
N HIS C 117 27.19 19.28 16.66
CA HIS C 117 28.47 19.83 16.21
C HIS C 117 28.73 19.69 14.74
N ARG C 118 27.67 19.48 13.95
CA ARG C 118 27.79 19.37 12.49
C ARG C 118 27.97 20.74 11.83
N ARG C 119 28.40 20.72 10.56
CA ARG C 119 28.71 21.93 9.77
C ARG C 119 29.84 22.77 10.38
N ARG C 120 30.67 22.15 11.20
CA ARG C 120 31.75 22.84 11.90
C ARG C 120 33.11 22.50 11.31
N GLY C 121 33.14 21.48 10.46
CA GLY C 121 34.39 21.00 9.86
C GLY C 121 35.08 19.99 10.75
N LEU C 122 34.28 19.18 11.45
CA LEU C 122 34.79 18.21 12.42
C LEU C 122 35.22 16.90 11.75
N LEU C 123 34.54 16.54 10.65
CA LEU C 123 34.91 15.36 9.86
C LEU C 123 36.21 15.63 9.09
N ARG C 124 36.37 16.85 8.62
CA ARG C 124 37.57 17.27 7.88
C ARG C 124 38.83 17.18 8.74
N ALA C 125 38.68 17.46 10.03
CA ALA C 125 39.79 17.38 10.97
C ALA C 125 40.12 15.94 11.36
N MET C 126 39.11 15.07 11.36
CA MET C 126 39.29 13.67 11.76
C MET C 126 39.78 12.77 10.63
N CYS C 127 39.17 12.90 9.45
CA CYS C 127 39.54 12.09 8.28
C CYS C 127 40.97 12.37 7.80
N ALA C 128 41.34 13.65 7.77
CA ALA C 128 42.68 14.07 7.37
C ALA C 128 43.75 13.65 8.38
N GLU C 129 43.37 13.60 9.66
CA GLU C 129 44.25 13.13 10.72
C GLU C 129 44.48 11.62 10.63
N LEU C 130 43.42 10.88 10.32
CA LEU C 130 43.50 9.42 10.18
C LEU C 130 44.25 9.00 8.93
N HIS C 131 44.06 9.74 7.83
CA HIS C 131 44.81 9.48 6.59
C HIS C 131 46.28 9.70 6.77
N ARG C 132 46.63 10.61 7.68
CA ARG C 132 48.03 10.85 8.05
C ARG C 132 48.57 9.68 8.88
N ARG C 133 47.73 9.12 9.73
CA ARG C 133 48.09 7.96 10.57
C ARG C 133 48.18 6.67 9.75
N ILE C 134 47.29 6.53 8.77
CA ILE C 134 47.25 5.36 7.89
C ILE C 134 48.49 5.32 6.99
N ALA C 135 48.90 6.49 6.51
CA ALA C 135 50.11 6.63 5.70
C ALA C 135 51.38 6.34 6.51
N ASP C 136 51.36 6.72 7.79
CA ASP C 136 52.46 6.46 8.71
C ASP C 136 52.62 4.97 9.02
N SER C 137 51.50 4.26 9.10
CA SER C 137 51.49 2.82 9.37
C SER C 137 51.91 1.99 8.16
N GLY C 138 51.79 2.58 6.96
CA GLY C 138 52.26 1.96 5.74
C GLY C 138 51.22 1.16 4.97
N TYR C 139 49.95 1.52 5.12
CA TYR C 139 48.87 0.89 4.37
C TYR C 139 48.83 1.45 2.94
N PRO C 140 48.84 0.55 1.94
CA PRO C 140 48.74 0.97 0.53
C PRO C 140 47.37 1.55 0.15
N VAL C 141 46.30 0.99 0.73
CA VAL C 141 44.93 1.41 0.39
C VAL C 141 44.04 1.58 1.63
N ALA C 142 43.02 2.42 1.49
CA ALA C 142 42.00 2.63 2.51
C ALA C 142 40.62 2.24 1.98
N ALA C 143 39.76 1.74 2.87
CA ALA C 143 38.45 1.22 2.47
C ALA C 143 37.34 1.54 3.47
N LEU C 144 36.12 1.70 2.96
CA LEU C 144 34.94 1.94 3.80
C LEU C 144 33.61 1.62 3.08
N HIS C 145 32.53 1.54 3.85
CA HIS C 145 31.18 1.44 3.32
C HIS C 145 30.43 2.71 3.68
N ALA C 146 29.98 3.42 2.65
CA ALA C 146 29.36 4.74 2.82
C ALA C 146 27.88 4.66 3.18
N SER C 147 27.45 5.55 4.08
CA SER C 147 26.04 5.67 4.47
C SER C 147 25.26 6.44 3.40
N GLU C 148 25.92 7.41 2.78
CA GLU C 148 25.38 8.14 1.63
C GLU C 148 26.49 8.32 0.60
N GLY C 149 26.16 8.08 -0.67
CA GLY C 149 27.15 8.05 -1.75
C GLY C 149 27.69 9.40 -2.19
N GLY C 150 27.69 10.38 -1.30
CA GLY C 150 28.17 11.72 -1.61
C GLY C 150 29.05 12.33 -0.53
N ILE C 151 29.11 11.68 0.63
CA ILE C 151 29.90 12.16 1.77
C ILE C 151 31.40 11.96 1.54
N TYR C 152 31.76 10.82 0.96
CA TYR C 152 33.17 10.45 0.79
C TYR C 152 33.65 10.55 -0.66
N GLY C 153 32.96 11.38 -1.46
CA GLY C 153 33.33 11.60 -2.85
C GLY C 153 34.57 12.47 -3.01
N ARG C 154 34.67 13.51 -2.19
CA ARG C 154 35.79 14.46 -2.25
C ARG C 154 37.01 13.97 -1.47
N PHE C 155 36.78 13.12 -0.47
CA PHE C 155 37.85 12.65 0.41
C PHE C 155 38.76 11.59 -0.22
N GLY C 156 38.47 11.23 -1.47
CA GLY C 156 39.33 10.32 -2.23
C GLY C 156 38.82 8.90 -2.37
N TYR C 157 37.65 8.63 -1.80
CA TYR C 157 37.03 7.31 -1.87
C TYR C 157 36.10 7.20 -3.07
N GLY C 158 36.27 6.12 -3.84
CA GLY C 158 35.44 5.86 -5.01
C GLY C 158 34.79 4.48 -4.95
N PRO C 159 33.59 4.36 -5.55
CA PRO C 159 32.84 3.09 -5.56
C PRO C 159 33.63 1.99 -6.26
N ALA C 160 34.20 1.08 -5.48
CA ALA C 160 35.10 0.05 -6.00
C ALA C 160 34.40 -1.27 -6.33
N THR C 161 33.30 -1.58 -5.64
CA THR C 161 32.51 -2.78 -5.93
C THR C 161 31.03 -2.43 -6.09
N THR C 162 30.29 -3.30 -6.77
CA THR C 162 28.88 -3.09 -7.02
C THR C 162 28.03 -4.19 -6.39
N LEU C 163 27.03 -3.78 -5.61
CA LEU C 163 26.06 -4.71 -5.05
C LEU C 163 24.91 -4.95 -6.03
N HIS C 164 24.34 -6.15 -6.00
CA HIS C 164 23.40 -6.59 -7.01
C HIS C 164 22.46 -7.59 -6.41
N GLU C 165 21.35 -7.12 -5.85
CA GLU C 165 20.38 -8.01 -5.21
C GLU C 165 19.49 -8.70 -6.23
N LEU C 166 19.55 -10.03 -6.26
CA LEU C 166 18.75 -10.85 -7.16
C LEU C 166 17.63 -11.55 -6.40
N THR C 167 16.40 -11.40 -6.89
CA THR C 167 15.24 -12.07 -6.31
C THR C 167 14.69 -13.06 -7.33
N VAL C 168 14.61 -14.32 -6.93
CA VAL C 168 14.16 -15.39 -7.82
C VAL C 168 12.81 -15.95 -7.37
N ASP C 169 11.82 -15.85 -8.26
CA ASP C 169 10.54 -16.51 -8.04
C ASP C 169 10.71 -18.00 -8.30
N ARG C 170 11.05 -18.73 -7.23
CA ARG C 170 11.47 -20.12 -7.32
C ARG C 170 10.37 -21.12 -7.73
N ARG C 171 9.12 -20.68 -7.65
CA ARG C 171 7.97 -21.50 -8.05
C ARG C 171 7.96 -21.73 -9.56
N PHE C 172 8.51 -20.78 -10.30
CA PHE C 172 8.63 -20.87 -11.76
C PHE C 172 10.02 -21.34 -12.20
N ALA C 173 10.99 -21.20 -11.31
CA ALA C 173 12.40 -21.47 -11.62
C ALA C 173 12.67 -22.93 -12.01
N ARG C 174 13.25 -23.11 -13.18
CA ARG C 174 13.68 -24.42 -13.68
C ARG C 174 15.08 -24.30 -14.28
N PHE C 175 15.94 -25.27 -13.96
CA PHE C 175 17.32 -25.25 -14.44
C PHE C 175 17.47 -25.66 -15.90
N HIS C 176 18.43 -25.04 -16.57
CA HIS C 176 18.72 -25.29 -17.99
C HIS C 176 19.34 -26.66 -18.17
N ALA C 177 19.25 -27.19 -19.38
CA ALA C 177 19.83 -28.49 -19.71
C ALA C 177 21.36 -28.51 -19.62
N ASP C 178 21.97 -27.34 -19.77
CA ASP C 178 23.43 -27.19 -19.71
C ASP C 178 23.97 -27.09 -18.29
N ALA C 179 23.08 -26.87 -17.32
CA ALA C 179 23.46 -26.67 -15.92
C ALA C 179 24.08 -27.92 -15.29
N PRO C 180 25.21 -27.75 -14.58
CA PRO C 180 25.93 -28.85 -13.91
C PRO C 180 25.10 -29.56 -12.83
N GLY C 181 25.33 -30.86 -12.68
CA GLY C 181 24.62 -31.68 -11.70
C GLY C 181 23.16 -31.87 -12.03
N GLY C 182 22.84 -31.95 -13.32
CA GLY C 182 21.46 -32.05 -13.79
C GLY C 182 20.90 -33.46 -13.79
N GLY C 183 21.78 -34.45 -13.70
CA GLY C 183 21.37 -35.86 -13.72
C GLY C 183 20.87 -36.36 -12.38
N LEU C 184 20.27 -37.55 -12.39
CA LEU C 184 19.79 -38.20 -11.17
C LEU C 184 20.94 -38.75 -10.33
N GLY C 185 20.74 -38.74 -9.02
CA GLY C 185 21.77 -39.21 -8.08
C GLY C 185 21.78 -38.42 -6.79
N GLY C 186 22.49 -38.95 -5.79
CA GLY C 186 22.60 -38.32 -4.47
C GLY C 186 23.32 -36.99 -4.51
N SER C 187 22.64 -35.94 -4.06
CA SER C 187 23.20 -34.58 -4.04
C SER C 187 24.27 -34.46 -2.96
N SER C 188 25.29 -33.64 -3.25
CA SER C 188 26.41 -33.44 -2.35
C SER C 188 26.22 -32.25 -1.39
N VAL C 189 24.98 -31.79 -1.28
CA VAL C 189 24.65 -30.66 -0.41
C VAL C 189 23.85 -31.12 0.81
N ARG C 190 24.28 -30.67 1.99
CA ARG C 190 23.60 -30.99 3.24
C ARG C 190 22.85 -29.77 3.80
N LEU C 191 21.78 -30.03 4.55
CA LEU C 191 21.05 -28.98 5.26
C LEU C 191 21.42 -29.04 6.75
N VAL C 192 22.31 -28.14 7.16
CA VAL C 192 22.90 -28.18 8.49
C VAL C 192 22.68 -26.90 9.31
N ARG C 193 22.83 -27.02 10.63
CA ARG C 193 22.82 -25.87 11.53
C ARG C 193 24.16 -25.13 11.47
N PRO C 194 24.11 -23.78 11.36
CA PRO C 194 25.32 -22.95 11.18
C PRO C 194 26.30 -22.98 12.36
N THR C 195 25.79 -23.08 13.58
CA THR C 195 26.63 -23.03 14.78
C THR C 195 27.42 -24.32 15.03
N GLU C 196 26.98 -25.42 14.41
CA GLU C 196 27.59 -26.72 14.62
C GLU C 196 28.68 -27.08 13.61
N HIS C 197 28.84 -26.24 12.59
CA HIS C 197 29.79 -26.51 11.50
C HIS C 197 30.74 -25.38 11.22
N ARG C 198 31.11 -24.65 12.27
CA ARG C 198 32.02 -23.50 12.17
C ARG C 198 33.35 -23.86 11.50
N GLY C 199 33.84 -25.08 11.76
CA GLY C 199 35.08 -25.58 11.18
C GLY C 199 35.10 -25.60 9.66
N GLU C 200 34.00 -26.03 9.06
CA GLU C 200 33.87 -26.05 7.60
C GLU C 200 33.76 -24.65 7.00
N PHE C 201 32.91 -23.82 7.58
CA PHE C 201 32.65 -22.46 7.06
C PHE C 201 33.91 -21.59 7.05
N GLU C 202 34.69 -21.66 8.12
CA GLU C 202 35.94 -20.92 8.22
C GLU C 202 36.98 -21.40 7.21
N ALA C 203 36.89 -22.68 6.84
CA ALA C 203 37.79 -23.28 5.85
C ALA C 203 37.39 -22.94 4.42
N ILE C 204 36.09 -22.94 4.15
CA ILE C 204 35.57 -22.64 2.81
C ILE C 204 35.69 -21.15 2.48
N TYR C 205 35.40 -20.30 3.47
CA TYR C 205 35.52 -18.85 3.30
C TYR C 205 36.98 -18.41 3.11
N GLU C 206 37.89 -19.06 3.84
CA GLU C 206 39.32 -18.79 3.71
C GLU C 206 39.81 -19.06 2.29
N ARG C 207 39.36 -20.18 1.72
CA ARG C 207 39.63 -20.52 0.33
C ARG C 207 39.00 -19.52 -0.62
N TRP C 208 37.80 -19.06 -0.27
CA TRP C 208 37.03 -18.11 -1.08
C TRP C 208 37.66 -16.74 -1.11
N ARG C 209 37.97 -16.20 0.06
CA ARG C 209 38.47 -14.83 0.19
C ARG C 209 39.88 -14.63 -0.38
N GLN C 210 40.66 -15.71 -0.44
CA GLN C 210 42.04 -15.65 -0.92
C GLN C 210 42.15 -15.63 -2.44
N GLN C 211 41.12 -16.14 -3.13
CA GLN C 211 41.15 -16.27 -4.59
C GLN C 211 40.25 -15.27 -5.33
N VAL C 212 39.28 -14.70 -4.61
CA VAL C 212 38.30 -13.79 -5.22
C VAL C 212 38.60 -12.33 -4.85
N PRO C 213 38.72 -11.45 -5.88
CA PRO C 213 38.95 -10.02 -5.67
C PRO C 213 37.87 -9.37 -4.83
N GLY C 214 38.29 -8.67 -3.77
CA GLY C 214 37.38 -8.03 -2.84
C GLY C 214 37.27 -8.76 -1.51
N GLY C 215 37.70 -10.02 -1.51
CA GLY C 215 37.65 -10.87 -0.32
C GLY C 215 38.50 -10.34 0.81
N LEU C 216 37.97 -10.43 2.03
CA LEU C 216 38.65 -9.93 3.23
C LEU C 216 38.92 -11.05 4.22
N LEU C 217 39.98 -10.89 5.01
CA LEU C 217 40.32 -11.84 6.08
C LEU C 217 39.33 -11.68 7.23
N ARG C 218 38.67 -12.79 7.57
CA ARG C 218 37.72 -12.79 8.68
C ARG C 218 38.30 -13.53 9.89
N PRO C 219 38.67 -12.79 10.94
CA PRO C 219 39.29 -13.34 12.15
C PRO C 219 38.29 -14.09 13.02
N GLN C 220 38.79 -14.65 14.13
CA GLN C 220 37.96 -15.40 15.08
C GLN C 220 36.84 -14.56 15.69
N VAL C 221 37.13 -13.29 15.95
CA VAL C 221 36.17 -12.38 16.57
C VAL C 221 35.00 -12.01 15.65
N LEU C 222 35.20 -12.13 14.34
CA LEU C 222 34.18 -11.84 13.35
C LEU C 222 33.23 -13.00 13.09
N TRP C 223 33.73 -14.22 13.25
CA TRP C 223 32.90 -15.42 13.18
C TRP C 223 32.07 -15.58 14.42
N ASP C 224 32.59 -15.06 15.54
CA ASP C 224 31.87 -15.04 16.81
C ASP C 224 30.58 -14.23 16.71
N GLU C 225 30.64 -13.11 15.99
CA GLU C 225 29.52 -12.21 15.82
C GLU C 225 28.54 -12.68 14.75
N LEU C 226 29.08 -13.33 13.71
CA LEU C 226 28.25 -13.87 12.64
C LEU C 226 27.39 -15.04 13.12
N LEU C 227 27.99 -15.91 13.93
CA LEU C 227 27.30 -17.08 14.47
C LEU C 227 26.39 -16.73 15.64
N ALA C 228 26.63 -15.57 16.26
CA ALA C 228 25.76 -15.06 17.32
C ALA C 228 24.47 -14.48 16.73
N GLU C 229 24.54 -14.03 15.48
CA GLU C 229 23.39 -13.49 14.78
C GLU C 229 22.68 -14.55 13.94
N ALA C 230 22.93 -15.82 14.26
CA ALA C 230 22.29 -16.94 13.58
C ALA C 230 21.08 -17.47 14.36
N LYS C 231 21.21 -17.50 15.68
CA LYS C 231 20.13 -17.90 16.57
C LYS C 231 18.99 -16.87 16.55
N ALA C 232 17.75 -17.35 16.62
CA ALA C 232 16.58 -16.48 16.56
C ALA C 232 16.47 -15.58 17.79
N ALA C 233 16.34 -14.28 17.54
CA ALA C 233 16.19 -13.29 18.60
C ALA C 233 14.71 -13.08 18.94
N PRO C 234 14.39 -12.95 20.25
CA PRO C 234 13.01 -12.68 20.67
C PRO C 234 12.48 -11.35 20.13
N GLY C 235 11.62 -11.45 19.12
CA GLY C 235 11.05 -10.26 18.48
C GLY C 235 11.92 -9.66 17.39
N GLY C 236 13.04 -10.31 17.09
CA GLY C 236 13.97 -9.85 16.07
C GLY C 236 13.91 -10.71 14.82
N ASP C 237 15.08 -11.16 14.37
CA ASP C 237 15.18 -12.01 13.19
C ASP C 237 14.84 -13.47 13.50
N ARG C 238 14.83 -14.31 12.47
CA ARG C 238 14.51 -15.73 12.62
C ARG C 238 15.77 -16.59 12.66
N GLU C 239 15.61 -17.88 12.94
CA GLU C 239 16.72 -18.82 13.02
C GLU C 239 17.36 -19.05 11.65
N SER C 240 18.68 -18.86 11.59
CA SER C 240 19.43 -19.04 10.33
C SER C 240 19.67 -20.52 10.05
N PHE C 241 19.69 -20.86 8.76
CA PHE C 241 20.00 -22.21 8.32
C PHE C 241 21.10 -22.19 7.26
N ALA C 242 21.85 -23.29 7.17
CA ALA C 242 22.98 -23.37 6.26
C ALA C 242 22.90 -24.58 5.33
N LEU C 243 23.20 -24.34 4.05
CA LEU C 243 23.35 -25.40 3.07
C LEU C 243 24.83 -25.63 2.81
N LEU C 244 25.30 -26.84 3.06
CA LEU C 244 26.74 -27.13 3.05
C LEU C 244 27.19 -28.04 1.91
N HIS C 245 28.14 -27.53 1.14
CA HIS C 245 28.80 -28.26 0.07
C HIS C 245 30.28 -28.30 0.42
N PRO C 246 30.99 -29.37 0.01
CA PRO C 246 32.45 -29.43 0.26
C PRO C 246 33.21 -28.18 -0.19
N ASP C 247 32.72 -27.51 -1.24
CA ASP C 247 33.38 -26.35 -1.82
C ASP C 247 32.56 -25.06 -1.77
N GLY C 248 31.52 -25.05 -0.94
CA GLY C 248 30.66 -23.87 -0.81
C GLY C 248 29.63 -23.94 0.30
N TYR C 249 29.16 -22.77 0.75
CA TYR C 249 28.11 -22.71 1.76
C TYR C 249 27.15 -21.53 1.58
N ALA C 250 25.90 -21.73 1.97
CA ALA C 250 24.88 -20.71 1.88
C ALA C 250 24.19 -20.49 3.22
N LEU C 251 24.37 -19.29 3.78
CA LEU C 251 23.67 -18.89 5.00
C LEU C 251 22.40 -18.12 4.64
N TYR C 252 21.26 -18.68 5.02
CA TYR C 252 19.98 -18.05 4.74
C TYR C 252 19.06 -18.04 5.95
N ARG C 253 18.05 -17.16 5.91
CA ARG C 253 17.02 -17.07 6.93
C ARG C 253 15.73 -16.50 6.32
N VAL C 254 14.60 -16.99 6.80
CA VAL C 254 13.30 -16.48 6.36
C VAL C 254 13.12 -15.08 6.93
N ASP C 255 12.56 -14.18 6.12
CA ASP C 255 12.29 -12.80 6.55
C ASP C 255 11.29 -12.78 7.71
N ARG C 256 11.50 -11.88 8.66
CA ARG C 256 10.69 -11.80 9.87
C ARG C 256 9.20 -11.51 9.61
N THR C 257 8.91 -10.71 8.59
CA THR C 257 7.54 -10.33 8.25
C THR C 257 7.02 -11.05 7.00
N ASP C 258 7.87 -11.12 5.97
CA ASP C 258 7.53 -11.84 4.74
C ASP C 258 7.88 -13.32 4.90
N LEU C 259 6.88 -14.11 5.27
CA LEU C 259 7.06 -15.54 5.56
C LEU C 259 7.24 -16.41 4.31
N LYS C 260 7.17 -15.78 3.13
CA LYS C 260 7.36 -16.49 1.87
C LYS C 260 8.70 -16.15 1.21
N LEU C 261 9.48 -15.29 1.86
CA LEU C 261 10.78 -14.87 1.36
C LEU C 261 11.93 -15.44 2.18
N ALA C 262 12.90 -16.02 1.49
CA ALA C 262 14.12 -16.50 2.12
C ALA C 262 15.29 -15.61 1.70
N ARG C 263 15.95 -15.01 2.69
CA ARG C 263 17.05 -14.09 2.45
C ARG C 263 18.42 -14.76 2.60
N VAL C 264 19.09 -14.99 1.47
CA VAL C 264 20.45 -15.52 1.48
C VAL C 264 21.40 -14.40 1.88
N SER C 265 21.79 -14.41 3.15
CA SER C 265 22.66 -13.39 3.72
C SER C 265 24.11 -13.55 3.26
N GLU C 266 24.49 -14.77 2.88
CA GLU C 266 25.85 -15.07 2.49
C GLU C 266 25.93 -16.28 1.57
N LEU C 267 26.60 -16.12 0.43
CA LEU C 267 26.82 -17.22 -0.51
C LEU C 267 28.29 -17.23 -0.96
N ARG C 268 29.05 -18.17 -0.38
CA ARG C 268 30.46 -18.35 -0.72
C ARG C 268 30.65 -19.66 -1.49
N ALA C 269 31.06 -19.54 -2.74
CA ALA C 269 31.34 -20.69 -3.58
C ALA C 269 32.75 -20.63 -4.13
N VAL C 270 33.51 -21.71 -3.97
CA VAL C 270 34.88 -21.79 -4.46
C VAL C 270 34.91 -22.31 -5.91
N THR C 271 34.19 -23.41 -6.16
CA THR C 271 34.09 -23.97 -7.51
C THR C 271 32.79 -23.59 -8.19
N ALA C 272 32.78 -23.64 -9.52
CA ALA C 272 31.60 -23.35 -10.33
C ALA C 272 30.51 -24.40 -10.12
N ASP C 273 30.91 -25.61 -9.75
CA ASP C 273 29.98 -26.68 -9.40
C ASP C 273 29.27 -26.41 -8.08
N ALA C 274 30.02 -25.86 -7.12
CA ALA C 274 29.48 -25.53 -5.80
C ALA C 274 28.39 -24.45 -5.88
N HIS C 275 28.61 -23.46 -6.74
CA HIS C 275 27.65 -22.39 -6.97
C HIS C 275 26.34 -22.91 -7.51
N CYS C 276 26.42 -23.85 -8.46
CA CYS C 276 25.24 -24.43 -9.07
C CYS C 276 24.52 -25.42 -8.16
N ALA C 277 25.29 -26.20 -7.40
CA ALA C 277 24.73 -27.20 -6.48
C ALA C 277 24.01 -26.58 -5.29
N LEU C 278 24.51 -25.43 -4.83
CA LEU C 278 23.88 -24.70 -3.73
C LEU C 278 22.57 -24.03 -4.18
N TRP C 279 22.53 -23.60 -5.43
CA TRP C 279 21.33 -22.95 -5.98
C TRP C 279 20.25 -23.91 -6.37
N ARG C 280 20.62 -25.16 -6.62
CA ARG C 280 19.64 -26.24 -6.81
C ARG C 280 18.96 -26.54 -5.48
N ALA C 281 19.73 -26.40 -4.40
CA ALA C 281 19.23 -26.63 -3.05
C ALA C 281 18.36 -25.48 -2.55
N LEU C 282 18.76 -24.26 -2.90
CA LEU C 282 18.03 -23.05 -2.49
C LEU C 282 16.64 -22.98 -3.12
N ILE C 283 16.57 -23.21 -4.43
CA ILE C 283 15.30 -23.24 -5.16
C ILE C 283 14.46 -24.46 -4.71
N GLY C 284 15.11 -25.40 -4.05
CA GLY C 284 14.45 -26.56 -3.48
C GLY C 284 13.56 -26.28 -2.28
N LEU C 285 13.73 -25.09 -1.69
CA LEU C 285 12.92 -24.65 -0.55
C LEU C 285 11.47 -24.41 -0.96
N ASP C 286 10.69 -25.49 -0.96
CA ASP C 286 9.29 -25.45 -1.45
C ASP C 286 8.33 -24.66 -0.56
N SER C 287 8.81 -24.28 0.63
CA SER C 287 8.02 -23.48 1.56
C SER C 287 7.99 -22.00 1.15
N MET C 288 9.04 -21.57 0.46
CA MET C 288 9.19 -20.16 0.06
C MET C 288 8.63 -19.88 -1.33
N GLU C 289 8.26 -18.62 -1.57
CA GLU C 289 7.83 -18.17 -2.89
C GLU C 289 9.00 -17.55 -3.65
N ARG C 290 9.79 -16.75 -2.95
CA ARG C 290 10.91 -16.01 -3.54
C ARG C 290 12.18 -16.14 -2.70
N ILE C 291 13.32 -16.00 -3.35
CA ILE C 291 14.63 -16.07 -2.69
C ILE C 291 15.50 -14.89 -3.10
N SER C 292 15.83 -14.04 -2.13
CA SER C 292 16.65 -12.85 -2.38
C SER C 292 18.09 -13.02 -1.92
N ILE C 293 19.02 -12.41 -2.65
CA ILE C 293 20.45 -12.50 -2.37
C ILE C 293 21.20 -11.25 -2.82
N ILE C 294 22.00 -10.68 -1.93
CA ILE C 294 22.84 -9.53 -2.27
C ILE C 294 24.20 -10.04 -2.76
N THR C 295 24.42 -9.94 -4.07
CA THR C 295 25.63 -10.49 -4.71
C THR C 295 26.28 -9.47 -5.66
N HIS C 296 27.13 -9.96 -6.56
CA HIS C 296 27.83 -9.12 -7.54
C HIS C 296 27.15 -9.14 -8.89
N PRO C 297 27.38 -8.09 -9.72
CA PRO C 297 26.67 -7.97 -11.02
C PRO C 297 27.00 -9.07 -12.03
N GLN C 298 28.17 -9.69 -11.90
CA GLN C 298 28.59 -10.75 -12.83
C GLN C 298 28.24 -12.15 -12.32
N ASP C 299 27.18 -12.23 -11.52
CA ASP C 299 26.70 -13.50 -10.98
C ASP C 299 26.14 -14.38 -12.10
N PRO C 300 26.58 -15.65 -12.15
CA PRO C 300 26.19 -16.56 -13.25
C PRO C 300 24.83 -17.24 -13.07
N LEU C 301 24.14 -16.97 -11.95
CA LEU C 301 22.85 -17.60 -11.65
C LEU C 301 21.76 -17.43 -12.72
N PRO C 302 21.56 -16.21 -13.26
CA PRO C 302 20.52 -16.03 -14.28
C PRO C 302 20.63 -17.03 -15.45
N HIS C 303 21.85 -17.32 -15.87
CA HIS C 303 22.10 -18.21 -17.00
C HIS C 303 21.91 -19.68 -16.67
N LEU C 304 21.81 -19.98 -15.37
CA LEU C 304 21.58 -21.35 -14.90
C LEU C 304 20.15 -21.83 -15.18
N LEU C 305 19.21 -20.89 -15.26
CA LEU C 305 17.79 -21.20 -15.42
C LEU C 305 17.36 -21.15 -16.88
N THR C 306 16.29 -21.88 -17.21
CA THR C 306 15.69 -21.85 -18.56
C THR C 306 15.17 -20.46 -18.89
N ASP C 307 14.64 -19.78 -17.88
CA ASP C 307 14.21 -18.40 -17.98
C ASP C 307 15.17 -17.51 -17.18
N THR C 308 15.98 -16.74 -17.90
CA THR C 308 16.99 -15.88 -17.28
C THR C 308 16.39 -14.68 -16.54
N ARG C 309 15.16 -14.33 -16.92
CA ARG C 309 14.48 -13.17 -16.38
C ARG C 309 13.83 -13.43 -15.02
N LEU C 310 13.70 -14.71 -14.67
CA LEU C 310 13.16 -15.10 -13.36
C LEU C 310 14.08 -14.68 -12.23
N ALA C 311 15.38 -14.56 -12.53
CA ALA C 311 16.35 -14.00 -11.60
C ALA C 311 16.37 -12.48 -11.77
N ARG C 312 15.32 -11.83 -11.27
CA ARG C 312 15.15 -10.39 -11.38
C ARG C 312 16.11 -9.61 -10.48
N THR C 313 16.69 -8.54 -11.03
CA THR C 313 17.50 -7.63 -10.24
C THR C 313 16.59 -6.57 -9.64
N THR C 314 16.34 -6.70 -8.33
CA THR C 314 15.44 -5.79 -7.61
C THR C 314 16.19 -4.61 -7.01
N TRP C 315 17.52 -4.70 -6.93
CA TRP C 315 18.32 -3.71 -6.23
C TRP C 315 19.73 -3.62 -6.76
N ARG C 316 20.20 -2.39 -6.92
CA ARG C 316 21.56 -2.09 -7.39
C ARG C 316 22.14 -0.92 -6.60
N GLN C 317 23.32 -1.13 -6.01
CA GLN C 317 23.99 -0.11 -5.22
C GLN C 317 25.49 -0.32 -5.20
N ASP C 318 26.23 0.67 -4.68
CA ASP C 318 27.68 0.57 -4.51
C ASP C 318 28.04 -0.10 -3.18
N GLY C 319 29.03 -0.99 -3.22
CA GLY C 319 29.43 -1.74 -2.04
C GLY C 319 30.62 -1.13 -1.33
N LEU C 320 31.81 -1.61 -1.65
CA LEU C 320 33.05 -1.19 -1.00
C LEU C 320 33.62 0.05 -1.69
N TRP C 321 33.97 1.05 -0.90
CA TRP C 321 34.62 2.27 -1.40
C TRP C 321 36.08 2.21 -1.13
N LEU C 322 36.88 2.77 -2.04
CA LEU C 322 38.33 2.62 -1.96
C LEU C 322 39.11 3.93 -2.21
N ARG C 323 40.08 4.19 -1.33
CA ARG C 323 40.99 5.33 -1.47
C ARG C 323 42.42 4.82 -1.47
N ILE C 324 43.11 4.99 -2.61
CA ILE C 324 44.49 4.57 -2.74
C ILE C 324 45.41 5.55 -1.99
N MET C 325 46.01 5.07 -0.91
CA MET C 325 46.89 5.87 -0.08
C MET C 325 48.28 5.98 -0.72
N ASN C 326 48.92 4.84 -0.94
CA ASN C 326 50.23 4.77 -1.56
C ASN C 326 50.10 4.32 -3.02
N VAL C 327 50.11 5.30 -3.93
CA VAL C 327 49.82 5.07 -5.35
C VAL C 327 50.76 4.07 -6.04
N PRO C 328 52.09 4.20 -5.86
CA PRO C 328 52.98 3.22 -6.49
C PRO C 328 52.91 1.82 -5.87
N ALA C 329 52.67 1.75 -4.56
CA ALA C 329 52.60 0.48 -3.84
C ALA C 329 51.35 -0.33 -4.20
N ALA C 330 50.24 0.36 -4.45
CA ALA C 330 48.97 -0.28 -4.76
C ALA C 330 48.89 -0.76 -6.21
N LEU C 331 49.33 0.08 -7.15
CA LEU C 331 49.26 -0.23 -8.58
C LEU C 331 50.19 -1.38 -9.00
N GLU C 332 51.35 -1.47 -8.36
CA GLU C 332 52.34 -2.51 -8.67
C GLU C 332 51.93 -3.89 -8.18
N ALA C 333 51.37 -3.96 -6.98
CA ALA C 333 50.99 -5.23 -6.35
C ALA C 333 49.76 -5.88 -7.00
N ARG C 334 49.02 -5.10 -7.78
CA ARG C 334 47.82 -5.59 -8.45
C ARG C 334 48.16 -6.44 -9.67
N GLY C 335 47.33 -7.44 -9.93
CA GLY C 335 47.46 -8.27 -11.13
C GLY C 335 46.62 -7.73 -12.26
N TYR C 336 47.18 -7.73 -13.47
CA TYR C 336 46.50 -7.17 -14.64
C TYR C 336 46.23 -8.24 -15.69
N ALA C 337 45.49 -7.87 -16.73
CA ALA C 337 45.13 -8.80 -17.80
C ALA C 337 46.31 -9.06 -18.76
N HIS C 338 46.45 -10.32 -19.15
CA HIS C 338 47.53 -10.75 -20.05
C HIS C 338 47.21 -10.50 -21.50
N GLU C 339 45.93 -10.26 -21.79
CA GLU C 339 45.44 -10.14 -23.17
C GLU C 339 45.75 -8.79 -23.83
N VAL C 340 46.04 -7.78 -23.02
CA VAL C 340 46.35 -6.43 -23.53
C VAL C 340 47.83 -6.30 -23.93
N GLY C 341 48.09 -5.47 -24.93
CA GLY C 341 49.46 -5.19 -25.38
C GLY C 341 50.21 -4.31 -24.39
N GLU C 342 51.53 -4.33 -24.49
CA GLU C 342 52.40 -3.57 -23.59
C GLU C 342 52.34 -2.07 -23.90
N PHE C 343 52.15 -1.27 -22.86
CA PHE C 343 52.07 0.19 -22.99
C PHE C 343 52.57 0.92 -21.74
N SER C 344 53.06 2.14 -21.93
CA SER C 344 53.55 2.97 -20.84
C SER C 344 53.01 4.40 -20.94
N THR C 345 52.63 4.96 -19.80
CA THR C 345 52.04 6.30 -19.74
C THR C 345 52.25 6.97 -18.37
N VAL C 346 52.17 8.30 -18.35
CA VAL C 346 52.29 9.08 -17.12
C VAL C 346 50.89 9.46 -16.61
N LEU C 347 50.62 9.10 -15.36
CA LEU C 347 49.30 9.30 -14.76
C LEU C 347 49.33 10.42 -13.71
N GLU C 348 48.37 11.34 -13.81
CA GLU C 348 48.26 12.47 -12.89
C GLU C 348 47.16 12.24 -11.85
N VAL C 349 47.51 12.42 -10.58
CA VAL C 349 46.54 12.41 -9.49
C VAL C 349 46.41 13.85 -8.97
N SER C 350 45.17 14.32 -8.90
CA SER C 350 44.85 15.74 -8.58
C SER C 350 45.81 16.43 -7.61
N ASP C 351 46.00 15.82 -6.44
CA ASP C 351 46.92 16.36 -5.44
C ASP C 351 47.84 15.28 -4.84
N GLY C 352 47.98 14.18 -5.58
CA GLY C 352 48.88 13.09 -5.19
C GLY C 352 50.20 13.13 -5.95
N GLY C 353 50.17 13.77 -7.13
CA GLY C 353 51.35 13.92 -7.96
C GLY C 353 51.25 13.20 -9.30
N ARG C 354 52.40 13.03 -9.95
CA ARG C 354 52.48 12.33 -11.23
C ARG C 354 53.23 11.01 -11.11
N PHE C 355 52.73 9.98 -11.78
CA PHE C 355 53.31 8.64 -11.70
C PHE C 355 53.42 7.99 -13.07
N ALA C 356 54.62 7.48 -13.38
CA ALA C 356 54.85 6.74 -14.61
C ALA C 356 54.43 5.28 -14.42
N LEU C 357 53.59 4.79 -15.32
CA LEU C 357 53.03 3.45 -15.21
C LEU C 357 53.42 2.57 -16.39
N LYS C 358 54.01 1.42 -16.09
CA LYS C 358 54.44 0.46 -17.11
C LYS C 358 53.67 -0.85 -16.93
N ILE C 359 52.80 -1.15 -17.88
CA ILE C 359 51.96 -2.35 -17.82
C ILE C 359 52.29 -3.32 -18.96
N GLY C 360 52.54 -4.58 -18.60
CA GLY C 360 52.85 -5.64 -19.56
C GLY C 360 52.89 -7.00 -18.90
N ASP C 361 52.26 -7.99 -19.56
CA ASP C 361 52.20 -9.38 -19.07
C ASP C 361 51.57 -9.54 -17.69
N GLY C 362 50.63 -8.65 -17.36
CA GLY C 362 49.91 -8.73 -16.09
C GLY C 362 50.58 -8.05 -14.91
N ARG C 363 51.82 -7.62 -15.09
CA ARG C 363 52.59 -6.98 -14.03
C ARG C 363 52.79 -5.49 -14.31
N ALA C 364 52.77 -4.68 -13.25
CA ALA C 364 52.89 -3.23 -13.39
C ALA C 364 54.13 -2.66 -12.68
N ARG C 365 54.68 -1.60 -13.26
CA ARG C 365 55.80 -0.89 -12.69
C ARG C 365 55.42 0.57 -12.51
N CYS C 366 55.47 1.05 -11.27
CA CYS C 366 55.03 2.41 -10.95
C CYS C 366 56.07 3.18 -10.16
N THR C 367 56.43 4.36 -10.67
CA THR C 367 57.45 5.22 -10.06
C THR C 367 57.02 6.68 -10.07
N PRO C 368 57.30 7.41 -8.97
CA PRO C 368 57.04 8.85 -8.93
C PRO C 368 57.92 9.62 -9.93
N THR C 369 57.28 10.27 -10.89
CA THR C 369 57.98 10.95 -11.98
C THR C 369 57.57 12.43 -12.08
N ASP C 370 58.16 13.14 -13.04
CA ASP C 370 57.82 14.53 -13.32
C ASP C 370 57.70 14.82 -14.83
N ALA C 371 57.56 13.75 -15.61
CA ALA C 371 57.39 13.85 -17.07
C ALA C 371 55.98 14.32 -17.43
N ALA C 372 55.77 14.61 -18.72
CA ALA C 372 54.47 15.10 -19.21
C ALA C 372 53.37 14.06 -19.05
N ALA C 373 52.28 14.45 -18.38
CA ALA C 373 51.16 13.57 -18.10
C ALA C 373 50.21 13.44 -19.28
N GLU C 374 49.73 12.21 -19.51
CA GLU C 374 48.78 11.92 -20.58
C GLU C 374 47.36 11.76 -20.03
N ILE C 375 47.25 11.18 -18.85
CA ILE C 375 45.96 10.98 -18.18
C ILE C 375 45.87 11.79 -16.89
N GLU C 376 44.73 12.42 -16.67
CA GLU C 376 44.46 13.18 -15.44
C GLU C 376 43.18 12.68 -14.79
N MET C 377 43.26 12.37 -13.50
CA MET C 377 42.10 11.91 -12.72
C MET C 377 42.24 12.22 -11.24
N ASP C 378 41.09 12.34 -10.56
CA ASP C 378 41.06 12.57 -9.12
C ASP C 378 41.41 11.28 -8.36
N ARG C 379 41.64 11.41 -7.06
CA ARG C 379 42.05 10.28 -6.22
C ARG C 379 40.98 9.20 -6.10
N ASP C 380 39.71 9.60 -6.22
CA ASP C 380 38.58 8.68 -6.11
C ASP C 380 38.28 7.93 -7.40
N VAL C 381 38.66 8.52 -8.54
CA VAL C 381 38.46 7.89 -9.85
C VAL C 381 39.33 6.64 -9.98
N LEU C 382 40.52 6.69 -9.39
CA LEU C 382 41.43 5.55 -9.34
C LEU C 382 40.87 4.44 -8.44
N GLY C 383 40.16 4.85 -7.39
CA GLY C 383 39.51 3.93 -6.46
C GLY C 383 38.49 3.02 -7.11
N SER C 384 37.75 3.56 -8.06
CA SER C 384 36.72 2.82 -8.78
C SER C 384 37.31 1.87 -9.81
N LEU C 385 38.38 2.32 -10.48
CA LEU C 385 39.03 1.55 -11.53
C LEU C 385 39.89 0.40 -10.99
N TYR C 386 40.42 0.57 -9.78
CA TYR C 386 41.41 -0.33 -9.20
C TYR C 386 40.97 -1.79 -9.12
N LEU C 387 39.77 -2.03 -8.57
CA LEU C 387 39.24 -3.40 -8.47
C LEU C 387 38.61 -3.88 -9.77
N GLY C 388 38.44 -2.95 -10.72
CA GLY C 388 37.96 -3.29 -12.07
C GLY C 388 36.45 -3.43 -12.16
N ALA C 389 35.73 -2.59 -11.42
CA ALA C 389 34.27 -2.59 -11.46
C ALA C 389 33.74 -1.63 -12.52
N HIS C 390 34.34 -0.45 -12.59
CA HIS C 390 33.95 0.56 -13.57
C HIS C 390 35.00 0.70 -14.65
N ARG C 391 34.55 0.83 -15.89
CA ARG C 391 35.44 0.99 -17.03
C ARG C 391 35.95 2.43 -17.14
N ALA C 392 37.12 2.59 -17.76
CA ALA C 392 37.71 3.91 -17.97
C ALA C 392 37.00 4.70 -19.07
N SER C 393 36.38 3.97 -20.00
CA SER C 393 35.59 4.58 -21.08
C SER C 393 34.34 5.28 -20.55
N THR C 394 33.76 4.72 -19.49
CA THR C 394 32.57 5.26 -18.86
C THR C 394 32.88 6.52 -18.06
N LEU C 395 34.01 6.51 -17.36
CA LEU C 395 34.44 7.63 -16.52
C LEU C 395 34.96 8.82 -17.34
N ALA C 396 35.51 8.53 -18.52
CA ALA C 396 36.02 9.56 -19.42
C ALA C 396 34.89 10.34 -20.09
N ALA C 397 33.79 9.66 -20.38
CA ALA C 397 32.61 10.28 -20.97
C ALA C 397 31.94 11.25 -20.00
N ALA C 398 32.10 10.98 -18.71
CA ALA C 398 31.62 11.87 -17.65
C ALA C 398 32.68 12.88 -17.23
N ASN C 399 33.82 12.85 -17.94
CA ASN C 399 34.97 13.72 -17.71
C ASN C 399 35.60 13.59 -16.31
N ARG C 400 35.51 12.40 -15.72
CA ARG C 400 36.13 12.13 -14.43
C ARG C 400 37.62 11.83 -14.59
N LEU C 401 37.97 11.17 -15.69
CA LEU C 401 39.36 11.01 -16.10
C LEU C 401 39.58 11.63 -17.49
N ARG C 402 40.62 12.44 -17.62
CA ARG C 402 40.88 13.20 -18.84
C ARG C 402 42.12 12.70 -19.59
N THR C 403 41.98 12.57 -20.91
CA THR C 403 43.09 12.19 -21.79
C THR C 403 42.85 12.66 -23.23
N LYS C 404 43.94 13.05 -23.89
CA LYS C 404 43.91 13.47 -25.29
C LYS C 404 43.92 12.27 -26.22
N ASP C 405 44.47 11.15 -25.73
CA ASP C 405 44.61 9.92 -26.51
C ASP C 405 43.44 8.97 -26.24
N SER C 406 42.76 8.56 -27.31
CA SER C 406 41.60 7.68 -27.23
C SER C 406 41.97 6.19 -27.25
N GLN C 407 43.13 5.89 -27.85
CA GLN C 407 43.65 4.52 -27.88
C GLN C 407 44.13 4.10 -26.49
N LEU C 408 44.60 5.07 -25.71
CA LEU C 408 45.04 4.84 -24.33
C LEU C 408 43.89 4.43 -23.43
N LEU C 409 42.70 4.94 -23.72
CA LEU C 409 41.48 4.59 -23.00
C LEU C 409 41.10 3.12 -23.17
N ARG C 410 41.19 2.63 -24.42
CA ARG C 410 40.86 1.25 -24.75
C ARG C 410 41.82 0.26 -24.10
N ARG C 411 43.06 0.69 -23.88
CA ARG C 411 44.07 -0.13 -23.23
C ARG C 411 43.88 -0.17 -21.70
N LEU C 412 43.36 0.93 -21.14
CA LEU C 412 43.08 0.99 -19.71
C LEU C 412 41.86 0.15 -19.32
N ASP C 413 40.93 0.01 -20.26
CA ASP C 413 39.73 -0.82 -20.07
C ASP C 413 40.08 -2.30 -19.89
N ALA C 414 40.90 -2.82 -20.81
CA ALA C 414 41.26 -4.23 -20.82
C ALA C 414 42.27 -4.58 -19.72
N ALA C 415 43.22 -3.68 -19.46
CA ALA C 415 44.29 -3.92 -18.48
C ALA C 415 43.77 -3.95 -17.05
N PHE C 416 42.94 -2.98 -16.70
CA PHE C 416 42.37 -2.88 -15.35
C PHE C 416 41.22 -3.87 -15.09
N ALA C 417 40.76 -4.52 -16.16
CA ALA C 417 39.71 -5.53 -16.06
C ALA C 417 40.19 -6.76 -15.31
N SER C 418 39.49 -7.09 -14.22
CA SER C 418 39.83 -8.25 -13.40
C SER C 418 39.35 -9.54 -14.06
N ASP C 419 40.21 -10.55 -14.06
CA ASP C 419 39.91 -11.86 -14.64
C ASP C 419 38.77 -12.54 -13.90
N VAL C 420 38.94 -12.69 -12.58
CA VAL C 420 37.89 -13.23 -11.70
C VAL C 420 36.97 -12.07 -11.30
N PRO C 421 35.66 -12.20 -11.58
CA PRO C 421 34.67 -11.15 -11.27
C PRO C 421 34.79 -10.59 -9.86
N VAL C 422 34.63 -9.27 -9.75
CA VAL C 422 34.79 -8.56 -8.49
C VAL C 422 33.59 -8.80 -7.57
N GLN C 423 33.88 -9.11 -6.30
CA GLN C 423 32.83 -9.39 -5.32
C GLN C 423 33.06 -8.63 -4.01
N THR C 424 31.97 -8.34 -3.31
CA THR C 424 32.04 -7.71 -1.98
C THR C 424 32.05 -8.80 -0.92
N ALA C 425 33.03 -8.75 -0.02
CA ALA C 425 33.20 -9.76 1.03
C ALA C 425 32.13 -9.62 2.10
N PHE C 426 32.30 -8.63 2.98
CA PHE C 426 31.31 -8.32 4.02
C PHE C 426 31.31 -6.84 4.35
N GLU C 427 30.21 -6.37 4.94
CA GLU C 427 30.04 -4.98 5.30
C GLU C 427 30.68 -4.71 6.67
N PHE C 428 31.53 -3.70 6.72
CA PHE C 428 32.20 -3.32 7.97
C PHE C 428 31.98 -1.85 8.33
N VAL D 29 19.87 37.74 -23.69
CA VAL D 29 18.93 37.51 -22.56
C VAL D 29 18.51 38.84 -21.93
N THR D 30 17.32 39.31 -22.30
CA THR D 30 16.79 40.60 -21.83
C THR D 30 15.31 40.48 -21.45
N LEU D 31 14.79 41.54 -20.83
CA LEU D 31 13.39 41.58 -20.37
C LEU D 31 12.58 42.62 -21.13
N CYS D 32 11.36 42.25 -21.50
CA CYS D 32 10.44 43.12 -22.22
C CYS D 32 8.98 42.70 -22.03
N SER D 33 8.05 43.52 -22.50
CA SER D 33 6.63 43.19 -22.50
C SER D 33 6.29 42.29 -23.69
N PRO D 34 5.36 41.34 -23.51
CA PRO D 34 5.02 40.40 -24.57
C PRO D 34 4.12 40.97 -25.66
N THR D 35 4.21 40.41 -26.86
CA THR D 35 3.36 40.78 -27.99
C THR D 35 2.38 39.65 -28.29
N GLU D 36 1.64 39.77 -29.39
CA GLU D 36 0.69 38.75 -29.82
C GLU D 36 1.40 37.50 -30.35
N ASP D 37 2.62 37.70 -30.85
CA ASP D 37 3.45 36.60 -31.35
C ASP D 37 4.06 35.76 -30.22
N ASP D 38 4.10 36.32 -29.02
CA ASP D 38 4.69 35.66 -27.85
C ASP D 38 3.74 34.69 -27.14
N TRP D 39 2.43 34.90 -27.31
CA TRP D 39 1.41 34.11 -26.62
C TRP D 39 1.39 32.64 -26.95
N PRO D 40 1.62 32.26 -28.23
CA PRO D 40 1.79 30.84 -28.52
C PRO D 40 3.02 30.22 -27.83
N GLY D 41 4.07 31.03 -27.67
CA GLY D 41 5.29 30.58 -27.00
C GLY D 41 5.15 30.51 -25.49
N MET D 42 4.29 31.35 -24.93
CA MET D 42 4.03 31.39 -23.49
C MET D 42 3.23 30.19 -22.99
N PHE D 43 2.38 29.63 -23.85
CA PHE D 43 1.60 28.44 -23.51
C PHE D 43 2.49 27.20 -23.42
N LEU D 44 3.55 27.18 -24.23
CA LEU D 44 4.50 26.07 -24.27
C LEU D 44 5.31 25.98 -22.99
N LEU D 45 5.70 27.14 -22.44
CA LEU D 45 6.40 27.20 -21.17
C LEU D 45 5.47 26.83 -20.01
N ALA D 46 4.21 27.27 -20.12
CA ALA D 46 3.20 27.01 -19.10
C ALA D 46 2.85 25.53 -18.98
N ALA D 47 2.65 24.88 -20.13
CA ALA D 47 2.28 23.47 -20.17
C ALA D 47 3.40 22.55 -19.70
N ALA D 48 4.64 23.01 -19.84
CA ALA D 48 5.82 22.24 -19.44
C ALA D 48 6.21 22.48 -17.98
N SER D 49 5.77 23.61 -17.42
CA SER D 49 6.09 23.97 -16.04
C SER D 49 4.95 23.68 -15.07
N PHE D 50 3.71 23.76 -15.56
CA PHE D 50 2.53 23.50 -14.74
C PHE D 50 1.80 22.26 -15.22
N THR D 51 1.66 21.29 -14.32
CA THR D 51 0.96 20.03 -14.61
C THR D 51 -0.54 20.24 -14.67
N ASP D 52 -1.03 21.19 -13.88
CA ASP D 52 -2.45 21.52 -13.81
C ASP D 52 -2.83 22.68 -14.74
N PHE D 53 -2.03 22.89 -15.79
CA PHE D 53 -2.28 23.94 -16.77
C PHE D 53 -3.56 23.64 -17.55
N ILE D 54 -4.46 24.61 -17.53
CA ILE D 54 -5.81 24.47 -18.11
C ILE D 54 -5.87 24.59 -19.63
N GLY D 55 -4.79 24.21 -20.31
CA GLY D 55 -4.73 24.21 -21.77
C GLY D 55 -4.61 25.60 -22.38
N PRO D 56 -4.35 25.65 -23.71
CA PRO D 56 -4.23 26.93 -24.44
C PRO D 56 -5.56 27.67 -24.58
N GLU D 57 -6.67 26.94 -24.39
CA GLU D 57 -8.01 27.50 -24.54
C GLU D 57 -8.40 28.42 -23.38
N SER D 58 -8.27 27.91 -22.15
CA SER D 58 -8.73 28.61 -20.96
C SER D 58 -7.84 29.79 -20.54
N ALA D 59 -6.57 29.74 -20.93
CA ALA D 59 -5.61 30.79 -20.59
C ALA D 59 -5.92 32.14 -21.22
N THR D 60 -6.73 32.12 -22.29
CA THR D 60 -7.20 33.34 -22.95
C THR D 60 -8.32 33.99 -22.13
N ALA D 61 -9.11 33.16 -21.45
CA ALA D 61 -10.17 33.65 -20.56
C ALA D 61 -9.61 34.25 -19.28
N TRP D 62 -8.45 33.72 -18.84
CA TRP D 62 -7.73 34.27 -17.70
C TRP D 62 -6.95 35.50 -18.08
N ARG D 63 -6.70 35.67 -19.38
CA ARG D 63 -5.93 36.81 -19.89
C ARG D 63 -6.72 38.12 -19.86
N THR D 64 -8.05 38.01 -19.91
CA THR D 64 -8.93 39.19 -19.86
C THR D 64 -8.85 39.93 -18.53
N LEU D 65 -8.26 39.28 -17.53
CA LEU D 65 -8.07 39.89 -16.20
C LEU D 65 -6.67 40.47 -16.02
N VAL D 66 -5.78 40.18 -16.96
CA VAL D 66 -4.43 40.72 -16.97
C VAL D 66 -4.45 42.11 -17.61
N PRO D 67 -4.07 43.16 -16.86
CA PRO D 67 -4.05 44.52 -17.40
C PRO D 67 -2.89 44.75 -18.36
N THR D 68 -2.99 45.80 -19.16
CA THR D 68 -1.93 46.18 -20.09
C THR D 68 -0.67 46.55 -19.31
N ASP D 69 0.48 46.08 -19.80
CA ASP D 69 1.77 46.20 -19.10
C ASP D 69 1.75 45.43 -17.76
N GLY D 70 1.01 44.34 -17.74
CA GLY D 70 0.90 43.50 -16.55
C GLY D 70 1.56 42.14 -16.70
N ALA D 71 2.34 41.99 -17.77
CA ALA D 71 3.05 40.75 -18.06
C ALA D 71 4.47 41.04 -18.53
N VAL D 72 5.42 40.18 -18.15
CA VAL D 72 6.81 40.29 -18.59
C VAL D 72 7.32 38.97 -19.18
N VAL D 73 8.16 39.06 -20.21
CA VAL D 73 8.76 37.88 -20.84
C VAL D 73 10.27 38.03 -21.03
N VAL D 74 10.96 36.90 -21.09
CA VAL D 74 12.41 36.87 -21.34
C VAL D 74 12.72 35.96 -22.52
N ARG D 75 13.39 36.52 -23.52
CA ARG D 75 13.80 35.75 -24.71
C ARG D 75 15.31 35.43 -24.66
N ASP D 76 15.71 34.43 -25.44
CA ASP D 76 17.12 34.02 -25.49
C ASP D 76 17.77 34.46 -26.80
N GLY D 77 18.38 35.64 -26.79
CA GLY D 77 19.04 36.20 -27.96
C GLY D 77 19.22 37.70 -27.87
N SER D 82 15.07 33.94 -31.34
CA SER D 82 15.05 33.95 -29.88
C SER D 82 13.74 33.37 -29.35
N GLU D 83 13.86 32.36 -28.49
CA GLU D 83 12.69 31.71 -27.90
C GLU D 83 12.42 32.21 -26.48
N VAL D 84 11.15 32.27 -26.11
CA VAL D 84 10.72 32.71 -24.78
C VAL D 84 11.09 31.66 -23.72
N VAL D 85 11.84 32.10 -22.71
CA VAL D 85 12.37 31.20 -21.68
C VAL D 85 12.03 31.64 -20.25
N GLY D 86 11.23 32.70 -20.14
CA GLY D 86 10.79 33.23 -18.84
C GLY D 86 9.55 34.07 -18.96
N MET D 87 8.64 33.91 -18.01
CA MET D 87 7.36 34.64 -18.01
C MET D 87 6.79 34.82 -16.60
N ALA D 88 6.16 35.97 -16.37
CA ALA D 88 5.52 36.29 -15.09
C ALA D 88 4.49 37.39 -15.27
N LEU D 89 3.31 37.23 -14.67
CA LEU D 89 2.23 38.21 -14.81
C LEU D 89 1.40 38.39 -13.53
N TYR D 90 0.68 39.51 -13.46
CA TYR D 90 -0.25 39.76 -12.35
C TYR D 90 -1.64 40.13 -12.88
N MET D 91 -2.67 39.78 -12.10
CA MET D 91 -4.06 40.04 -12.49
C MET D 91 -4.71 41.09 -11.59
N ASP D 92 -5.67 41.81 -12.16
CA ASP D 92 -6.44 42.81 -11.42
C ASP D 92 -7.53 42.14 -10.60
N LEU D 93 -7.28 42.01 -9.29
CA LEU D 93 -8.20 41.33 -8.39
C LEU D 93 -8.65 42.24 -7.24
N ARG D 94 -9.78 41.90 -6.64
CA ARG D 94 -10.34 42.68 -5.53
C ARG D 94 -10.38 41.86 -4.24
N LEU D 95 -9.40 42.07 -3.38
CA LEU D 95 -9.28 41.35 -2.11
C LEU D 95 -9.98 42.09 -0.98
N THR D 96 -10.83 41.36 -0.25
CA THR D 96 -11.51 41.90 0.93
C THR D 96 -10.65 41.69 2.16
N VAL D 97 -10.35 42.78 2.86
CA VAL D 97 -9.55 42.73 4.09
C VAL D 97 -10.48 42.88 5.31
N PRO D 98 -9.97 42.55 6.53
CA PRO D 98 -10.78 42.70 7.75
C PRO D 98 -11.43 44.08 7.85
N GLY D 99 -12.71 44.11 8.18
CA GLY D 99 -13.48 45.35 8.25
C GLY D 99 -14.26 45.64 6.98
N GLU D 100 -14.40 44.63 6.13
CA GLU D 100 -15.17 44.70 4.86
C GLU D 100 -14.67 45.77 3.87
N VAL D 101 -13.37 46.05 3.90
CA VAL D 101 -12.76 46.99 2.98
C VAL D 101 -12.12 46.22 1.82
N VAL D 102 -12.42 46.64 0.59
CA VAL D 102 -11.95 45.95 -0.60
C VAL D 102 -10.77 46.69 -1.25
N LEU D 103 -9.63 46.01 -1.32
CA LEU D 103 -8.41 46.60 -1.88
C LEU D 103 -8.08 46.03 -3.25
N PRO D 104 -7.65 46.89 -4.20
CA PRO D 104 -7.12 46.41 -5.47
C PRO D 104 -5.82 45.66 -5.26
N THR D 105 -5.78 44.41 -5.71
CA THR D 105 -4.64 43.53 -5.42
C THR D 105 -4.08 42.89 -6.69
N ALA D 106 -2.76 42.98 -6.83
CA ALA D 106 -2.06 42.36 -7.96
C ALA D 106 -1.84 40.88 -7.70
N GLY D 107 -2.57 40.05 -8.44
CA GLY D 107 -2.53 38.60 -8.27
C GLY D 107 -1.50 37.93 -9.17
N LEU D 108 -0.31 37.68 -8.62
CA LEU D 108 0.79 37.05 -9.36
C LEU D 108 0.46 35.61 -9.76
N SER D 109 0.73 35.31 -11.03
CA SER D 109 0.44 33.99 -11.60
C SER D 109 1.34 33.75 -12.83
N PHE D 110 1.30 32.52 -13.34
CA PHE D 110 2.05 32.12 -14.54
C PHE D 110 3.56 32.39 -14.44
N VAL D 111 4.08 32.37 -13.21
CA VAL D 111 5.49 32.63 -12.96
C VAL D 111 6.31 31.36 -13.21
N ALA D 112 6.95 31.31 -14.38
CA ALA D 112 7.69 30.12 -14.79
C ALA D 112 8.95 30.46 -15.59
N VAL D 113 10.03 29.73 -15.30
CA VAL D 113 11.30 29.86 -16.01
C VAL D 113 11.64 28.51 -16.63
N ALA D 114 12.09 28.54 -17.89
CA ALA D 114 12.52 27.33 -18.61
C ALA D 114 13.63 26.60 -17.87
N PRO D 115 13.57 25.25 -17.83
CA PRO D 115 14.55 24.42 -17.11
C PRO D 115 15.98 24.62 -17.61
N THR D 116 16.11 25.18 -18.81
CA THR D 116 17.41 25.41 -19.44
C THR D 116 18.03 26.76 -19.04
N HIS D 117 17.29 27.57 -18.28
CA HIS D 117 17.74 28.92 -17.92
C HIS D 117 17.62 29.25 -16.47
N ARG D 118 17.56 28.23 -15.61
CA ARG D 118 17.52 28.44 -14.17
C ARG D 118 18.90 28.75 -13.60
N ARG D 119 18.93 29.24 -12.35
CA ARG D 119 20.15 29.64 -11.63
C ARG D 119 20.85 30.89 -12.18
N ARG D 120 20.30 31.46 -13.26
CA ARG D 120 20.85 32.66 -13.89
C ARG D 120 20.40 33.95 -13.21
N GLY D 121 19.13 33.99 -12.78
CA GLY D 121 18.57 35.16 -12.13
C GLY D 121 17.42 35.77 -12.91
N LEU D 122 16.65 34.92 -13.59
CA LEU D 122 15.51 35.37 -14.39
C LEU D 122 14.31 35.74 -13.52
N LEU D 123 14.06 34.95 -12.48
CA LEU D 123 12.98 35.23 -11.52
C LEU D 123 13.26 36.54 -10.76
N ARG D 124 14.51 36.71 -10.34
CA ARG D 124 14.95 37.92 -9.62
C ARG D 124 14.72 39.17 -10.46
N ALA D 125 14.95 39.05 -11.77
CA ALA D 125 14.74 40.16 -12.70
C ALA D 125 13.26 40.42 -13.00
N MET D 126 12.49 39.33 -13.15
CA MET D 126 11.07 39.43 -13.50
C MET D 126 10.20 39.94 -12.35
N CYS D 127 10.41 39.40 -11.15
CA CYS D 127 9.64 39.78 -9.97
C CYS D 127 9.95 41.20 -9.50
N ALA D 128 11.21 41.63 -9.64
CA ALA D 128 11.62 42.99 -9.28
C ALA D 128 11.06 44.02 -10.26
N GLU D 129 10.88 43.61 -11.51
CA GLU D 129 10.30 44.47 -12.55
C GLU D 129 8.81 44.66 -12.36
N LEU D 130 8.11 43.56 -12.07
CA LEU D 130 6.66 43.60 -11.88
C LEU D 130 6.23 44.39 -10.66
N HIS D 131 7.01 44.28 -9.57
CA HIS D 131 6.74 45.05 -8.34
C HIS D 131 6.87 46.53 -8.57
N ARG D 132 7.79 46.90 -9.46
CA ARG D 132 7.96 48.30 -9.87
C ARG D 132 6.73 48.79 -10.65
N ARG D 133 6.15 47.91 -11.46
CA ARG D 133 4.94 48.21 -12.23
C ARG D 133 3.71 48.23 -11.32
N ILE D 134 3.69 47.33 -10.33
CA ILE D 134 2.59 47.22 -9.38
C ILE D 134 2.53 48.46 -8.48
N ALA D 135 3.70 48.94 -8.07
CA ALA D 135 3.81 50.15 -7.25
C ALA D 135 3.41 51.42 -8.01
N ASP D 136 3.69 51.43 -9.31
CA ASP D 136 3.34 52.56 -10.18
C ASP D 136 1.85 52.57 -10.53
N SER D 137 1.25 51.38 -10.58
CA SER D 137 -0.18 51.24 -10.90
C SER D 137 -1.07 51.63 -9.73
N GLY D 138 -0.49 51.69 -8.52
CA GLY D 138 -1.20 52.16 -7.34
C GLY D 138 -1.80 51.06 -6.47
N TYR D 139 -1.30 49.84 -6.61
CA TYR D 139 -1.76 48.72 -5.80
C TYR D 139 -1.13 48.78 -4.40
N PRO D 140 -1.98 48.75 -3.35
CA PRO D 140 -1.48 48.71 -1.98
C PRO D 140 -0.86 47.36 -1.60
N VAL D 141 -1.36 46.28 -2.19
CA VAL D 141 -0.92 44.92 -1.88
C VAL D 141 -0.79 44.02 -3.12
N ALA D 142 0.09 43.04 -3.03
CA ALA D 142 0.26 42.02 -4.07
C ALA D 142 0.12 40.62 -3.46
N ALA D 143 -0.51 39.72 -4.20
CA ALA D 143 -0.82 38.37 -3.69
C ALA D 143 -0.49 37.26 -4.68
N LEU D 144 -0.25 36.06 -4.16
CA LEU D 144 -0.02 34.86 -4.97
C LEU D 144 -0.26 33.56 -4.19
N HIS D 145 -0.49 32.48 -4.92
CA HIS D 145 -0.52 31.14 -4.34
C HIS D 145 0.77 30.45 -4.68
N ALA D 146 1.49 30.01 -3.65
CA ALA D 146 2.83 29.45 -3.81
C ALA D 146 2.83 27.96 -4.13
N SER D 147 3.78 27.54 -4.96
CA SER D 147 4.03 26.13 -5.25
C SER D 147 4.91 25.52 -4.16
N GLU D 148 5.80 26.35 -3.61
CA GLU D 148 6.67 25.96 -2.50
C GLU D 148 6.78 27.11 -1.50
N GLY D 149 6.94 26.77 -0.22
CA GLY D 149 7.00 27.78 0.84
C GLY D 149 8.34 28.45 1.05
N GLY D 150 9.27 28.24 0.12
CA GLY D 150 10.63 28.77 0.25
C GLY D 150 11.07 29.71 -0.85
N ILE D 151 10.38 29.66 -1.99
CA ILE D 151 10.73 30.50 -3.15
C ILE D 151 10.40 31.97 -2.91
N TYR D 152 9.25 32.22 -2.28
CA TYR D 152 8.71 33.58 -2.15
C TYR D 152 8.87 34.16 -0.74
N GLY D 153 9.75 33.57 0.06
CA GLY D 153 10.02 34.05 1.41
C GLY D 153 10.81 35.35 1.44
N ARG D 154 11.78 35.48 0.54
CA ARG D 154 12.66 36.65 0.49
C ARG D 154 12.08 37.81 -0.33
N PHE D 155 11.14 37.49 -1.23
CA PHE D 155 10.53 38.49 -2.10
C PHE D 155 9.49 39.36 -1.40
N GLY D 156 9.31 39.14 -0.10
CA GLY D 156 8.39 39.94 0.71
C GLY D 156 7.00 39.34 0.85
N TYR D 157 6.80 38.16 0.28
CA TYR D 157 5.52 37.45 0.36
C TYR D 157 5.46 36.58 1.61
N GLY D 158 4.40 36.74 2.39
CA GLY D 158 4.17 35.96 3.59
C GLY D 158 2.84 35.23 3.58
N PRO D 159 2.81 33.98 4.07
CA PRO D 159 1.58 33.19 4.11
C PRO D 159 0.48 33.89 4.92
N ALA D 160 -0.47 34.47 4.21
CA ALA D 160 -1.50 35.30 4.85
C ALA D 160 -2.71 34.50 5.31
N THR D 161 -3.03 33.42 4.60
CA THR D 161 -4.14 32.53 4.98
C THR D 161 -3.64 31.11 5.22
N THR D 162 -4.55 30.26 5.72
CA THR D 162 -4.22 28.85 5.97
C THR D 162 -5.33 27.95 5.44
N LEU D 163 -4.95 27.01 4.57
CA LEU D 163 -5.88 25.98 4.08
C LEU D 163 -5.95 24.84 5.09
N HIS D 164 -7.13 24.25 5.23
CA HIS D 164 -7.42 23.32 6.31
C HIS D 164 -8.38 22.26 5.83
N GLU D 165 -7.85 21.17 5.30
CA GLU D 165 -8.68 20.10 4.76
C GLU D 165 -9.30 19.25 5.87
N LEU D 166 -10.64 19.18 5.87
CA LEU D 166 -11.37 18.35 6.81
C LEU D 166 -12.03 17.17 6.07
N THR D 167 -11.88 15.98 6.65
CA THR D 167 -12.52 14.79 6.12
C THR D 167 -13.45 14.19 7.18
N VAL D 168 -14.71 13.99 6.81
CA VAL D 168 -15.73 13.53 7.74
C VAL D 168 -16.20 12.11 7.38
N ASP D 169 -16.05 11.19 8.33
CA ASP D 169 -16.65 9.86 8.21
C ASP D 169 -18.15 10.02 8.49
N ARG D 170 -18.90 10.22 7.42
CA ARG D 170 -20.32 10.60 7.50
C ARG D 170 -21.25 9.49 7.98
N ARG D 171 -20.76 8.26 7.99
CA ARG D 171 -21.53 7.11 8.47
C ARG D 171 -21.71 7.15 9.98
N PHE D 172 -20.76 7.76 10.68
CA PHE D 172 -20.80 7.90 12.14
C PHE D 172 -21.25 9.31 12.56
N ALA D 173 -21.14 10.26 11.64
CA ALA D 173 -21.42 11.67 11.93
C ALA D 173 -22.87 11.93 12.31
N ARG D 174 -23.08 12.33 13.57
CA ARG D 174 -24.38 12.74 14.06
C ARG D 174 -24.30 14.13 14.68
N PHE D 175 -25.25 14.98 14.30
CA PHE D 175 -25.28 16.38 14.73
C PHE D 175 -25.62 16.54 16.21
N HIS D 176 -25.10 17.61 16.80
CA HIS D 176 -25.37 17.95 18.20
C HIS D 176 -26.79 18.43 18.35
N ALA D 177 -27.34 18.29 19.55
CA ALA D 177 -28.69 18.75 19.86
C ALA D 177 -28.84 20.27 19.70
N ASP D 178 -27.72 20.98 19.81
CA ASP D 178 -27.69 22.44 19.72
C ASP D 178 -27.63 22.95 18.29
N ALA D 179 -27.33 22.05 17.34
CA ALA D 179 -27.19 22.40 15.92
C ALA D 179 -28.50 22.91 15.32
N PRO D 180 -28.45 24.05 14.59
CA PRO D 180 -29.61 24.66 13.96
C PRO D 180 -30.34 23.74 12.97
N GLY D 181 -31.65 23.89 12.88
CA GLY D 181 -32.48 23.06 12.01
C GLY D 181 -32.58 21.61 12.48
N GLY D 182 -32.73 21.44 13.79
CA GLY D 182 -32.75 20.11 14.40
C GLY D 182 -34.07 19.36 14.29
N GLY D 183 -35.17 20.10 14.21
CA GLY D 183 -36.50 19.51 14.11
C GLY D 183 -36.89 19.08 12.71
N LEU D 184 -38.02 18.39 12.61
CA LEU D 184 -38.56 17.94 11.33
C LEU D 184 -39.24 19.08 10.56
N GLY D 185 -39.39 18.89 9.26
CA GLY D 185 -39.99 19.91 8.39
C GLY D 185 -39.17 20.16 7.14
N GLY D 186 -39.83 20.69 6.12
CA GLY D 186 -39.20 20.93 4.82
C GLY D 186 -37.91 21.72 4.90
N SER D 187 -36.80 21.04 4.59
CA SER D 187 -35.47 21.66 4.59
C SER D 187 -35.34 22.67 3.46
N SER D 188 -34.62 23.76 3.74
CA SER D 188 -34.46 24.86 2.79
C SER D 188 -33.35 24.62 1.77
N VAL D 189 -32.83 23.40 1.72
CA VAL D 189 -31.75 23.04 0.80
C VAL D 189 -32.29 22.16 -0.35
N ARG D 190 -31.81 22.41 -1.56
CA ARG D 190 -32.22 21.64 -2.74
C ARG D 190 -31.02 21.11 -3.52
N LEU D 191 -31.19 19.92 -4.11
CA LEU D 191 -30.18 19.32 -4.97
C LEU D 191 -30.41 19.76 -6.41
N VAL D 192 -29.50 20.58 -6.93
CA VAL D 192 -29.65 21.15 -8.28
C VAL D 192 -28.39 21.04 -9.13
N ARG D 193 -28.57 21.03 -10.45
CA ARG D 193 -27.45 21.07 -11.39
C ARG D 193 -26.79 22.45 -11.38
N PRO D 194 -25.45 22.49 -11.33
CA PRO D 194 -24.68 23.73 -11.17
C PRO D 194 -24.83 24.73 -12.33
N THR D 195 -24.88 24.21 -13.56
CA THR D 195 -24.94 25.05 -14.76
C THR D 195 -26.31 25.71 -14.98
N GLU D 196 -27.35 25.10 -14.41
CA GLU D 196 -28.72 25.59 -14.60
C GLU D 196 -29.12 26.65 -13.58
N HIS D 197 -28.28 26.86 -12.58
CA HIS D 197 -28.57 27.83 -11.50
C HIS D 197 -27.43 28.79 -11.28
N ARG D 198 -26.76 29.17 -12.37
CA ARG D 198 -25.58 30.03 -12.33
C ARG D 198 -25.82 31.41 -11.71
N GLY D 199 -26.91 32.06 -12.13
CA GLY D 199 -27.26 33.40 -11.66
C GLY D 199 -27.45 33.49 -10.15
N GLU D 200 -27.86 32.38 -9.55
CA GLU D 200 -28.09 32.30 -8.12
C GLU D 200 -26.78 32.15 -7.34
N PHE D 201 -25.84 31.39 -7.91
CA PHE D 201 -24.51 31.19 -7.30
C PHE D 201 -23.69 32.47 -7.30
N GLU D 202 -23.73 33.20 -8.40
CA GLU D 202 -23.00 34.47 -8.55
C GLU D 202 -23.48 35.50 -7.52
N ALA D 203 -24.77 35.44 -7.19
CA ALA D 203 -25.38 36.34 -6.22
C ALA D 203 -24.97 36.00 -4.79
N ILE D 204 -24.96 34.71 -4.46
CA ILE D 204 -24.59 34.24 -3.13
C ILE D 204 -23.10 34.47 -2.86
N TYR D 205 -22.26 34.16 -3.85
CA TYR D 205 -20.81 34.34 -3.74
C TYR D 205 -20.44 35.81 -3.56
N GLU D 206 -21.15 36.70 -4.25
CA GLU D 206 -20.92 38.14 -4.14
C GLU D 206 -21.22 38.65 -2.72
N ARG D 207 -22.27 38.10 -2.12
CA ARG D 207 -22.63 38.43 -0.73
C ARG D 207 -21.62 37.87 0.26
N TRP D 208 -21.03 36.73 -0.08
CA TRP D 208 -20.02 36.08 0.75
C TRP D 208 -18.70 36.79 0.70
N ARG D 209 -18.21 37.05 -0.51
CA ARG D 209 -16.87 37.58 -0.73
C ARG D 209 -16.64 39.01 -0.20
N GLN D 210 -17.73 39.72 0.09
CA GLN D 210 -17.66 41.10 0.56
C GLN D 210 -17.57 41.20 2.09
N GLN D 211 -18.12 40.22 2.79
CA GLN D 211 -18.15 40.23 4.25
C GLN D 211 -17.08 39.35 4.91
N VAL D 212 -16.48 38.46 4.12
CA VAL D 212 -15.46 37.53 4.62
C VAL D 212 -14.06 38.00 4.20
N PRO D 213 -13.15 38.19 5.20
CA PRO D 213 -11.76 38.57 4.95
C PRO D 213 -11.01 37.50 4.15
N GLY D 214 -10.40 37.92 3.04
CA GLY D 214 -9.69 37.01 2.14
C GLY D 214 -10.50 36.72 0.87
N GLY D 215 -11.72 37.24 0.82
CA GLY D 215 -12.62 37.04 -0.30
C GLY D 215 -12.21 37.81 -1.54
N LEU D 216 -12.32 37.16 -2.69
CA LEU D 216 -11.95 37.76 -3.98
C LEU D 216 -13.14 37.86 -4.92
N LEU D 217 -13.20 38.96 -5.66
CA LEU D 217 -14.25 39.20 -6.65
C LEU D 217 -14.11 38.22 -7.82
N ARG D 218 -15.19 37.52 -8.13
CA ARG D 218 -15.22 36.61 -9.25
C ARG D 218 -15.90 37.28 -10.45
N PRO D 219 -15.11 37.61 -11.49
CA PRO D 219 -15.64 38.21 -12.72
C PRO D 219 -16.40 37.20 -13.57
N GLN D 220 -17.02 37.69 -14.64
CA GLN D 220 -17.82 36.87 -15.55
C GLN D 220 -17.01 35.75 -16.22
N VAL D 221 -15.74 36.04 -16.51
CA VAL D 221 -14.86 35.09 -17.20
C VAL D 221 -14.44 33.89 -16.34
N LEU D 222 -14.42 34.09 -15.02
CA LEU D 222 -14.02 33.03 -14.10
C LEU D 222 -15.16 32.06 -13.75
N TRP D 223 -16.39 32.56 -13.81
CA TRP D 223 -17.57 31.70 -13.68
C TRP D 223 -17.72 30.81 -14.89
N ASP D 224 -17.29 31.31 -16.05
CA ASP D 224 -17.29 30.55 -17.29
C ASP D 224 -16.40 29.31 -17.19
N GLU D 225 -15.24 29.47 -16.57
CA GLU D 225 -14.26 28.39 -16.44
C GLU D 225 -14.59 27.42 -15.32
N LEU D 226 -15.11 27.96 -14.21
CA LEU D 226 -15.50 27.14 -13.05
C LEU D 226 -16.68 26.24 -13.37
N LEU D 227 -17.64 26.78 -14.12
CA LEU D 227 -18.87 26.06 -14.46
C LEU D 227 -18.64 25.04 -15.57
N ALA D 228 -17.61 25.27 -16.39
CA ALA D 228 -17.23 24.34 -17.45
C ALA D 228 -16.47 23.13 -16.90
N GLU D 229 -15.89 23.28 -15.70
CA GLU D 229 -15.18 22.20 -15.04
C GLU D 229 -16.12 21.34 -14.18
N ALA D 230 -17.42 21.61 -14.26
CA ALA D 230 -18.43 20.86 -13.50
C ALA D 230 -18.89 19.61 -14.25
N LYS D 231 -19.02 19.72 -15.57
CA LYS D 231 -19.41 18.59 -16.42
C LYS D 231 -18.31 17.53 -16.48
N ALA D 232 -18.71 16.27 -16.56
CA ALA D 232 -17.77 15.14 -16.56
C ALA D 232 -16.96 15.07 -17.85
N ALA D 233 -15.63 15.05 -17.69
CA ALA D 233 -14.72 14.90 -18.82
C ALA D 233 -14.40 13.42 -19.04
N PRO D 234 -14.39 12.98 -20.31
CA PRO D 234 -14.08 11.58 -20.63
C PRO D 234 -12.67 11.20 -20.15
N GLY D 235 -12.61 10.39 -19.10
CA GLY D 235 -11.34 9.97 -18.50
C GLY D 235 -10.83 10.92 -17.43
N GLY D 236 -11.57 11.99 -17.19
CA GLY D 236 -11.21 12.99 -16.19
C GLY D 236 -12.06 12.91 -14.94
N ASP D 237 -12.49 14.07 -14.45
CA ASP D 237 -13.31 14.16 -13.24
C ASP D 237 -14.76 13.79 -13.51
N ARG D 238 -15.49 13.49 -12.44
CA ARG D 238 -16.91 13.17 -12.52
C ARG D 238 -17.78 14.43 -12.56
N GLU D 239 -19.06 14.24 -12.84
CA GLU D 239 -20.03 15.34 -12.91
C GLU D 239 -20.24 15.94 -11.52
N SER D 240 -20.10 17.27 -11.43
CA SER D 240 -20.30 17.98 -10.18
C SER D 240 -21.78 18.19 -9.89
N PHE D 241 -22.13 18.18 -8.61
CA PHE D 241 -23.49 18.49 -8.17
C PHE D 241 -23.47 19.66 -7.17
N ALA D 242 -24.62 20.30 -7.02
CA ALA D 242 -24.72 21.46 -6.13
C ALA D 242 -25.88 21.34 -5.15
N LEU D 243 -25.62 21.74 -3.91
CA LEU D 243 -26.67 21.85 -2.89
C LEU D 243 -26.94 23.33 -2.66
N LEU D 244 -28.19 23.75 -2.88
CA LEU D 244 -28.54 25.17 -2.89
C LEU D 244 -29.36 25.60 -1.68
N HIS D 245 -28.86 26.63 -0.99
CA HIS D 245 -29.55 27.27 0.11
C HIS D 245 -29.76 28.72 -0.27
N PRO D 246 -30.84 29.35 0.22
CA PRO D 246 -31.04 30.78 -0.05
C PRO D 246 -29.85 31.66 0.33
N ASP D 247 -29.07 31.22 1.31
CA ASP D 247 -27.92 31.99 1.81
C ASP D 247 -26.60 31.23 1.74
N GLY D 248 -26.54 30.21 0.89
CA GLY D 248 -25.32 29.42 0.71
C GLY D 248 -25.40 28.36 -0.37
N TYR D 249 -24.25 27.81 -0.74
CA TYR D 249 -24.19 26.70 -1.69
C TYR D 249 -22.99 25.78 -1.48
N ALA D 250 -23.16 24.51 -1.82
CA ALA D 250 -22.09 23.53 -1.75
C ALA D 250 -21.85 22.92 -3.12
N LEU D 251 -20.61 23.01 -3.58
CA LEU D 251 -20.23 22.48 -4.90
C LEU D 251 -19.34 21.25 -4.71
N TYR D 252 -19.93 20.07 -4.85
CA TYR D 252 -19.21 18.82 -4.60
C TYR D 252 -19.16 17.91 -5.82
N ARG D 253 -18.22 16.95 -5.79
CA ARG D 253 -18.07 15.94 -6.84
C ARG D 253 -17.45 14.66 -6.28
N VAL D 254 -17.92 13.52 -6.75
CA VAL D 254 -17.38 12.22 -6.34
C VAL D 254 -16.02 12.00 -6.99
N ASP D 255 -15.04 11.60 -6.19
CA ASP D 255 -13.68 11.34 -6.67
C ASP D 255 -13.65 10.28 -7.77
N ARG D 256 -12.82 10.50 -8.78
CA ARG D 256 -12.73 9.61 -9.94
C ARG D 256 -12.32 8.17 -9.60
N THR D 257 -11.44 8.03 -8.63
CA THR D 257 -10.92 6.71 -8.21
C THR D 257 -11.61 6.21 -6.93
N ASP D 258 -11.73 7.08 -5.93
CA ASP D 258 -12.39 6.75 -4.68
C ASP D 258 -13.89 7.04 -4.77
N LEU D 259 -14.66 6.03 -5.14
CA LEU D 259 -16.10 6.17 -5.37
C LEU D 259 -16.91 6.32 -4.08
N LYS D 260 -16.23 6.32 -2.93
CA LYS D 260 -16.89 6.49 -1.65
C LYS D 260 -16.56 7.84 -1.00
N LEU D 261 -15.83 8.68 -1.73
CA LEU D 261 -15.45 10.01 -1.25
C LEU D 261 -16.04 11.12 -2.11
N ALA D 262 -16.85 11.98 -1.48
CA ALA D 262 -17.39 13.17 -2.13
C ALA D 262 -16.52 14.37 -1.78
N ARG D 263 -15.93 14.98 -2.80
CA ARG D 263 -14.98 16.07 -2.59
C ARG D 263 -15.65 17.43 -2.82
N VAL D 264 -15.91 18.14 -1.72
CA VAL D 264 -16.50 19.47 -1.77
C VAL D 264 -15.45 20.49 -2.22
N SER D 265 -15.56 20.89 -3.49
CA SER D 265 -14.62 21.83 -4.09
C SER D 265 -14.84 23.26 -3.61
N GLU D 266 -16.08 23.56 -3.22
CA GLU D 266 -16.47 24.91 -2.83
C GLU D 266 -17.65 24.91 -1.86
N LEU D 267 -17.52 25.70 -0.79
CA LEU D 267 -18.59 25.85 0.20
C LEU D 267 -18.71 27.30 0.65
N ARG D 268 -19.67 28.01 0.08
CA ARG D 268 -19.95 29.40 0.44
C ARG D 268 -21.24 29.50 1.24
N ALA D 269 -21.14 30.06 2.44
CA ALA D 269 -22.28 30.22 3.33
C ALA D 269 -22.24 31.59 4.01
N VAL D 270 -23.34 32.33 3.90
CA VAL D 270 -23.45 33.67 4.46
C VAL D 270 -23.88 33.62 5.93
N THR D 271 -24.98 32.92 6.20
CA THR D 271 -25.52 32.81 7.56
C THR D 271 -24.91 31.61 8.29
N ALA D 272 -24.98 31.63 9.62
CA ALA D 272 -24.59 30.48 10.44
C ALA D 272 -25.57 29.32 10.23
N ASP D 273 -26.81 29.65 9.90
CA ASP D 273 -27.84 28.67 9.59
C ASP D 273 -27.59 27.98 8.24
N ALA D 274 -27.11 28.75 7.27
CA ALA D 274 -26.80 28.24 5.94
C ALA D 274 -25.66 27.21 5.96
N HIS D 275 -24.67 27.46 6.82
CA HIS D 275 -23.53 26.56 7.02
C HIS D 275 -23.96 25.22 7.56
N CYS D 276 -24.84 25.24 8.56
CA CYS D 276 -25.33 24.02 9.19
C CYS D 276 -26.31 23.26 8.28
N ALA D 277 -27.14 24.01 7.56
CA ALA D 277 -28.15 23.43 6.67
C ALA D 277 -27.53 22.72 5.47
N LEU D 278 -26.41 23.23 4.98
CA LEU D 278 -25.70 22.62 3.86
C LEU D 278 -24.97 21.35 4.27
N TRP D 279 -24.54 21.28 5.54
CA TRP D 279 -23.83 20.11 6.05
C TRP D 279 -24.72 18.96 6.43
N ARG D 280 -25.96 19.27 6.80
CA ARG D 280 -26.97 18.23 7.04
C ARG D 280 -27.28 17.52 5.73
N ALA D 281 -27.25 18.27 4.63
CA ALA D 281 -27.45 17.73 3.29
C ALA D 281 -26.23 16.95 2.81
N LEU D 282 -25.03 17.44 3.14
CA LEU D 282 -23.78 16.80 2.74
C LEU D 282 -23.54 15.45 3.40
N ILE D 283 -23.88 15.36 4.69
CA ILE D 283 -23.82 14.10 5.43
C ILE D 283 -25.01 13.21 5.07
N GLY D 284 -25.96 13.80 4.34
CA GLY D 284 -27.12 13.06 3.83
C GLY D 284 -26.82 12.13 2.68
N LEU D 285 -25.65 12.29 2.07
CA LEU D 285 -25.21 11.47 0.94
C LEU D 285 -24.93 10.02 1.37
N ASP D 286 -25.99 9.21 1.42
CA ASP D 286 -25.89 7.82 1.88
C ASP D 286 -25.07 6.92 0.94
N SER D 287 -24.77 7.43 -0.24
CA SER D 287 -23.94 6.72 -1.21
C SER D 287 -22.46 6.80 -0.85
N MET D 288 -22.10 7.83 -0.09
CA MET D 288 -20.70 8.12 0.25
C MET D 288 -20.30 7.60 1.63
N GLU D 289 -19.00 7.34 1.79
CA GLU D 289 -18.42 7.00 3.09
C GLU D 289 -17.84 8.22 3.76
N ARG D 290 -17.19 9.07 2.97
CA ARG D 290 -16.48 10.24 3.49
C ARG D 290 -16.75 11.51 2.68
N ILE D 291 -16.77 12.64 3.37
CA ILE D 291 -16.92 13.96 2.74
C ILE D 291 -15.70 14.80 3.08
N SER D 292 -14.94 15.20 2.05
CA SER D 292 -13.74 16.01 2.25
C SER D 292 -13.92 17.44 1.72
N ILE D 293 -13.36 18.39 2.45
CA ILE D 293 -13.46 19.81 2.10
C ILE D 293 -12.18 20.53 2.53
N ILE D 294 -11.63 21.34 1.62
CA ILE D 294 -10.49 22.18 1.94
C ILE D 294 -11.01 23.54 2.42
N THR D 295 -10.98 23.74 3.73
CA THR D 295 -11.60 24.92 4.36
C THR D 295 -10.61 25.73 5.20
N HIS D 296 -11.13 26.49 6.18
CA HIS D 296 -10.32 27.35 7.05
C HIS D 296 -10.24 26.80 8.45
N PRO D 297 -9.18 27.16 9.21
CA PRO D 297 -8.93 26.60 10.55
C PRO D 297 -10.06 26.82 11.56
N GLN D 298 -10.75 27.95 11.46
CA GLN D 298 -11.83 28.27 12.41
C GLN D 298 -13.22 27.86 11.91
N ASP D 299 -13.27 26.76 11.15
CA ASP D 299 -14.52 26.19 10.67
C ASP D 299 -15.31 25.59 11.83
N PRO D 300 -16.60 25.93 11.94
CA PRO D 300 -17.43 25.48 13.06
C PRO D 300 -18.06 24.09 12.90
N LEU D 301 -17.65 23.36 11.86
CA LEU D 301 -18.18 22.01 11.58
C LEU D 301 -17.90 20.96 12.68
N PRO D 302 -16.66 20.91 13.22
CA PRO D 302 -16.39 19.95 14.30
C PRO D 302 -17.35 20.06 15.49
N HIS D 303 -17.65 21.28 15.92
CA HIS D 303 -18.53 21.52 17.07
C HIS D 303 -19.97 21.28 16.75
N LEU D 304 -20.29 21.26 15.46
CA LEU D 304 -21.66 21.06 14.97
C LEU D 304 -22.12 19.61 15.14
N LEU D 305 -21.17 18.70 15.35
CA LEU D 305 -21.46 17.29 15.56
C LEU D 305 -21.29 16.91 17.03
N THR D 306 -21.84 15.76 17.41
CA THR D 306 -21.70 15.22 18.78
C THR D 306 -20.26 14.81 19.05
N ASP D 307 -19.65 14.13 18.09
CA ASP D 307 -18.25 13.75 18.15
C ASP D 307 -17.45 14.73 17.31
N THR D 308 -16.70 15.60 17.97
CA THR D 308 -15.91 16.65 17.30
C THR D 308 -14.78 16.08 16.46
N ARG D 309 -14.29 14.91 16.87
CA ARG D 309 -13.13 14.28 16.23
C ARG D 309 -13.47 13.59 14.90
N LEU D 310 -14.76 13.45 14.61
CA LEU D 310 -15.21 12.86 13.35
C LEU D 310 -14.91 13.75 12.15
N ALA D 311 -14.73 15.04 12.40
CA ALA D 311 -14.24 15.98 11.40
C ALA D 311 -12.72 16.09 11.50
N ARG D 312 -12.03 15.07 10.99
CA ARG D 312 -10.58 14.97 11.08
C ARG D 312 -9.86 15.94 10.15
N THR D 313 -8.86 16.63 10.68
CA THR D 313 -7.97 17.47 9.87
C THR D 313 -6.90 16.58 9.24
N THR D 314 -7.13 16.20 7.98
CA THR D 314 -6.25 15.28 7.27
C THR D 314 -5.09 15.99 6.58
N TRP D 315 -5.25 17.29 6.32
CA TRP D 315 -4.28 18.06 5.54
C TRP D 315 -4.25 19.50 5.94
N ARG D 316 -3.04 20.03 6.12
CA ARG D 316 -2.82 21.42 6.51
C ARG D 316 -1.69 22.04 5.70
N GLN D 317 -1.94 23.23 5.14
CA GLN D 317 -0.97 23.94 4.32
C GLN D 317 -1.35 25.42 4.19
N ASP D 318 -0.36 26.27 3.91
CA ASP D 318 -0.60 27.68 3.65
C ASP D 318 -1.30 27.87 2.30
N GLY D 319 -2.15 28.89 2.22
CA GLY D 319 -2.94 29.15 1.03
C GLY D 319 -2.49 30.38 0.26
N LEU D 320 -3.05 31.52 0.63
CA LEU D 320 -2.82 32.78 -0.08
C LEU D 320 -1.71 33.59 0.58
N TRP D 321 -0.71 33.98 -0.22
CA TRP D 321 0.45 34.74 0.23
C TRP D 321 0.27 36.20 -0.05
N LEU D 322 0.78 37.04 0.85
CA LEU D 322 0.64 38.50 0.72
C LEU D 322 1.95 39.26 0.83
N ARG D 323 2.12 40.23 -0.08
CA ARG D 323 3.22 41.18 -0.03
C ARG D 323 2.64 42.59 0.01
N ILE D 324 2.84 43.28 1.13
CA ILE D 324 2.36 44.66 1.26
C ILE D 324 3.26 45.60 0.46
N MET D 325 2.70 46.15 -0.62
CA MET D 325 3.41 47.07 -1.50
C MET D 325 3.52 48.44 -0.85
N ASN D 326 2.36 49.03 -0.55
CA ASN D 326 2.28 50.32 0.11
C ASN D 326 1.94 50.13 1.58
N VAL D 327 2.96 50.27 2.43
CA VAL D 327 2.83 49.98 3.87
C VAL D 327 1.81 50.87 4.60
N PRO D 328 1.91 52.20 4.46
CA PRO D 328 0.94 53.06 5.15
C PRO D 328 -0.49 52.98 4.60
N ALA D 329 -0.62 52.75 3.29
CA ALA D 329 -1.93 52.69 2.64
C ALA D 329 -2.72 51.43 3.00
N ALA D 330 -2.00 50.31 3.15
CA ALA D 330 -2.61 49.03 3.46
C ALA D 330 -3.03 48.94 4.93
N LEU D 331 -2.18 49.44 5.82
CA LEU D 331 -2.45 49.40 7.27
C LEU D 331 -3.59 50.32 7.70
N GLU D 332 -3.75 51.44 6.99
CA GLU D 332 -4.83 52.38 7.27
C GLU D 332 -6.19 51.87 6.80
N ALA D 333 -6.19 51.17 5.66
CA ALA D 333 -7.42 50.70 5.03
C ALA D 333 -8.06 49.51 5.77
N ARG D 334 -7.26 48.79 6.55
CA ARG D 334 -7.74 47.61 7.26
C ARG D 334 -8.52 47.98 8.51
N GLY D 335 -9.50 47.13 8.86
CA GLY D 335 -10.27 47.29 10.09
C GLY D 335 -9.65 46.47 11.21
N TYR D 336 -9.56 47.06 12.40
CA TYR D 336 -8.92 46.43 13.55
C TYR D 336 -9.91 46.18 14.69
N ALA D 337 -9.44 45.50 15.74
CA ALA D 337 -10.29 45.15 16.87
C ALA D 337 -10.57 46.34 17.79
N HIS D 338 -11.83 46.47 18.20
CA HIS D 338 -12.26 47.53 19.11
C HIS D 338 -11.94 47.22 20.54
N GLU D 339 -11.70 45.94 20.83
CA GLU D 339 -11.48 45.47 22.19
C GLU D 339 -10.13 45.91 22.79
N VAL D 340 -9.13 46.11 21.94
CA VAL D 340 -7.81 46.51 22.36
C VAL D 340 -7.75 48.00 22.72
N GLY D 341 -6.92 48.34 23.72
CA GLY D 341 -6.72 49.73 24.14
C GLY D 341 -5.91 50.51 23.13
N GLU D 342 -6.15 51.82 23.07
CA GLU D 342 -5.47 52.70 22.11
C GLU D 342 -3.97 52.82 22.40
N PHE D 343 -3.15 52.53 21.40
CA PHE D 343 -1.70 52.59 21.53
C PHE D 343 -1.03 53.09 20.24
N SER D 344 0.18 53.64 20.39
CA SER D 344 0.96 54.13 19.26
C SER D 344 2.39 53.60 19.32
N THR D 345 2.95 53.29 18.15
CA THR D 345 4.32 52.76 18.05
C THR D 345 4.97 53.06 16.70
N VAL D 346 6.29 52.96 16.65
CA VAL D 346 7.04 53.13 15.41
C VAL D 346 7.53 51.77 14.90
N LEU D 347 7.07 51.41 13.70
CA LEU D 347 7.37 50.12 13.08
C LEU D 347 8.41 50.26 11.98
N GLU D 348 9.35 49.31 11.91
CA GLU D 348 10.38 49.32 10.87
C GLU D 348 10.28 48.09 9.97
N VAL D 349 10.19 48.34 8.66
CA VAL D 349 10.26 47.30 7.65
C VAL D 349 11.71 47.21 7.17
N SER D 350 12.16 46.00 6.82
CA SER D 350 13.55 45.75 6.42
C SER D 350 14.15 46.83 5.52
N ASP D 351 13.60 46.97 4.32
CA ASP D 351 14.02 48.01 3.39
C ASP D 351 12.82 48.76 2.82
N GLY D 352 11.73 48.79 3.59
CA GLY D 352 10.52 49.51 3.22
C GLY D 352 10.45 50.88 3.89
N GLY D 353 11.26 51.07 4.92
CA GLY D 353 11.34 52.34 5.62
C GLY D 353 11.04 52.24 7.10
N ARG D 354 10.48 53.32 7.65
CA ARG D 354 10.17 53.42 9.07
C ARG D 354 8.85 54.18 9.21
N PHE D 355 7.85 53.55 9.83
CA PHE D 355 6.50 54.09 9.85
C PHE D 355 5.93 54.24 11.25
N ALA D 356 5.17 55.31 11.45
CA ALA D 356 4.46 55.54 12.70
C ALA D 356 3.06 54.95 12.62
N LEU D 357 2.70 54.14 13.61
CA LEU D 357 1.42 53.44 13.63
C LEU D 357 0.60 53.79 14.86
N LYS D 358 -0.60 54.32 14.62
CA LYS D 358 -1.54 54.68 15.68
C LYS D 358 -2.83 53.88 15.54
N ILE D 359 -3.05 52.95 16.46
CA ILE D 359 -4.24 52.10 16.45
C ILE D 359 -5.16 52.47 17.63
N GLY D 360 -6.43 52.67 17.32
CA GLY D 360 -7.44 52.99 18.33
C GLY D 360 -8.85 53.03 17.77
N ASP D 361 -9.78 52.43 18.50
CA ASP D 361 -11.21 52.39 18.13
C ASP D 361 -11.51 51.81 16.75
N GLY D 362 -10.75 50.79 16.37
CA GLY D 362 -10.98 50.06 15.13
C GLY D 362 -10.18 50.54 13.93
N ARG D 363 -9.84 51.83 13.91
CA ARG D 363 -9.13 52.41 12.77
C ARG D 363 -7.66 52.70 13.11
N ALA D 364 -6.84 52.87 12.07
CA ALA D 364 -5.41 53.10 12.26
C ALA D 364 -4.87 54.27 11.45
N ARG D 365 -3.95 55.01 12.05
CA ARG D 365 -3.20 56.06 11.38
C ARG D 365 -1.78 55.59 11.08
N CYS D 366 -1.38 55.67 9.82
CA CYS D 366 -0.03 55.27 9.42
C CYS D 366 0.62 56.27 8.47
N THR D 367 1.71 56.88 8.92
CA THR D 367 2.45 57.86 8.15
C THR D 367 3.96 57.59 8.24
N PRO D 368 4.70 57.79 7.13
CA PRO D 368 6.15 57.60 7.13
C PRO D 368 6.87 58.53 8.10
N THR D 369 7.89 58.01 8.77
CA THR D 369 8.66 58.76 9.76
C THR D 369 10.12 58.32 9.79
N ASP D 370 10.90 58.87 10.73
CA ASP D 370 12.29 58.47 10.93
C ASP D 370 12.69 58.48 12.41
N ALA D 371 11.68 58.48 13.29
CA ALA D 371 11.90 58.39 14.73
C ALA D 371 12.28 56.98 15.14
N ALA D 372 12.98 56.85 16.27
CA ALA D 372 13.47 55.55 16.77
C ALA D 372 12.41 54.45 16.73
N ALA D 373 12.74 53.35 16.04
CA ALA D 373 11.81 52.25 15.84
C ALA D 373 11.73 51.33 17.07
N GLU D 374 10.51 50.90 17.38
CA GLU D 374 10.26 50.00 18.50
C GLU D 374 10.18 48.54 18.06
N ILE D 375 9.53 48.31 16.92
CA ILE D 375 9.42 46.96 16.35
C ILE D 375 10.13 46.91 15.00
N GLU D 376 10.90 45.84 14.79
CA GLU D 376 11.59 45.59 13.53
C GLU D 376 11.14 44.27 12.94
N MET D 377 10.64 44.31 11.71
CA MET D 377 10.20 43.10 11.00
C MET D 377 10.49 43.15 9.50
N ASP D 378 10.66 41.99 8.90
CA ASP D 378 10.84 41.88 7.46
C ASP D 378 9.53 42.14 6.71
N ARG D 379 9.62 42.34 5.40
CA ARG D 379 8.48 42.67 4.57
C ARG D 379 7.43 41.55 4.53
N ASP D 380 7.89 40.31 4.61
CA ASP D 380 7.01 39.14 4.57
C ASP D 380 6.35 38.82 5.92
N VAL D 381 6.94 39.34 7.01
CA VAL D 381 6.37 39.17 8.35
C VAL D 381 5.06 39.95 8.47
N LEU D 382 5.03 41.13 7.85
CA LEU D 382 3.82 41.95 7.79
C LEU D 382 2.75 41.29 6.92
N GLY D 383 3.18 40.58 5.89
CA GLY D 383 2.29 39.86 4.97
C GLY D 383 1.44 38.81 5.65
N SER D 384 2.05 38.06 6.57
CA SER D 384 1.36 37.01 7.32
C SER D 384 0.40 37.60 8.36
N LEU D 385 0.87 38.63 9.06
CA LEU D 385 0.10 39.28 10.13
C LEU D 385 -1.12 40.05 9.64
N TYR D 386 -1.06 40.54 8.40
CA TYR D 386 -2.06 41.47 7.87
C TYR D 386 -3.50 40.97 7.91
N LEU D 387 -3.74 39.77 7.40
CA LEU D 387 -5.08 39.18 7.41
C LEU D 387 -5.47 38.60 8.77
N GLY D 388 -4.50 38.50 9.67
CA GLY D 388 -4.74 38.09 11.05
C GLY D 388 -4.88 36.58 11.22
N ALA D 389 -4.12 35.83 10.43
CA ALA D 389 -4.10 34.37 10.55
C ALA D 389 -2.93 33.92 11.43
N HIS D 390 -1.92 34.77 11.55
CA HIS D 390 -0.75 34.48 12.37
C HIS D 390 -0.58 35.50 13.45
N ARG D 391 -0.34 35.03 14.67
CA ARG D 391 -0.13 35.90 15.82
C ARG D 391 1.31 36.42 15.86
N ALA D 392 1.48 37.67 16.29
CA ALA D 392 2.80 38.31 16.38
C ALA D 392 3.69 37.67 17.44
N SER D 393 3.07 37.14 18.49
CA SER D 393 3.78 36.45 19.56
C SER D 393 4.47 35.17 19.06
N THR D 394 3.82 34.50 18.11
CA THR D 394 4.37 33.30 17.48
C THR D 394 5.59 33.65 16.63
N LEU D 395 5.50 34.78 15.93
CA LEU D 395 6.60 35.26 15.09
C LEU D 395 7.72 35.90 15.91
N ALA D 396 7.38 36.34 17.13
CA ALA D 396 8.36 36.92 18.05
C ALA D 396 9.30 35.86 18.63
N ALA D 397 8.74 34.70 18.97
CA ALA D 397 9.51 33.57 19.48
C ALA D 397 10.45 33.00 18.41
N ALA D 398 10.03 33.14 17.15
CA ALA D 398 10.84 32.73 16.00
C ALA D 398 11.85 33.82 15.62
N ASN D 399 11.75 34.96 16.31
CA ASN D 399 12.61 36.13 16.09
C ASN D 399 12.47 36.74 14.69
N ARG D 400 11.27 36.63 14.12
CA ARG D 400 10.97 37.20 12.81
C ARG D 400 10.60 38.68 12.94
N LEU D 401 10.02 39.04 14.09
CA LEU D 401 9.81 40.44 14.46
C LEU D 401 10.41 40.71 15.84
N ARG D 402 11.24 41.75 15.93
CA ARG D 402 11.99 42.04 17.15
C ARG D 402 11.47 43.28 17.86
N THR D 403 11.31 43.16 19.19
CA THR D 403 10.92 44.27 20.05
C THR D 403 11.39 44.04 21.49
N LYS D 404 11.69 45.13 22.19
CA LYS D 404 12.11 45.06 23.58
C LYS D 404 10.93 45.24 24.52
N ASP D 405 9.75 45.51 23.95
CA ASP D 405 8.52 45.68 24.70
C ASP D 405 7.60 44.47 24.50
N SER D 406 7.42 43.70 25.56
CA SER D 406 6.58 42.50 25.54
C SER D 406 5.09 42.83 25.62
N GLN D 407 4.76 43.97 26.21
CA GLN D 407 3.38 44.44 26.30
C GLN D 407 2.85 44.89 24.95
N LEU D 408 3.74 45.45 24.12
CA LEU D 408 3.40 45.88 22.77
C LEU D 408 3.01 44.69 21.89
N LEU D 409 3.66 43.55 22.12
CA LEU D 409 3.35 42.31 21.42
C LEU D 409 1.91 41.84 21.66
N ARG D 410 1.46 41.96 22.91
CA ARG D 410 0.12 41.55 23.30
C ARG D 410 -0.96 42.42 22.65
N ARG D 411 -0.62 43.69 22.43
CA ARG D 411 -1.53 44.64 21.79
C ARG D 411 -1.60 44.46 20.28
N LEU D 412 -0.49 44.10 19.65
CA LEU D 412 -0.46 43.81 18.22
C LEU D 412 -1.18 42.49 17.90
N ASP D 413 -1.13 41.54 18.84
CA ASP D 413 -1.86 40.28 18.72
C ASP D 413 -3.37 40.53 18.67
N ALA D 414 -3.84 41.37 19.58
CA ALA D 414 -5.27 41.66 19.72
C ALA D 414 -5.79 42.55 18.60
N ALA D 415 -5.02 43.56 18.22
CA ALA D 415 -5.43 44.54 17.20
C ALA D 415 -5.51 43.94 15.80
N PHE D 416 -4.53 43.11 15.45
CA PHE D 416 -4.47 42.49 14.12
C PHE D 416 -5.41 41.29 13.98
N ALA D 417 -5.94 40.80 15.10
CA ALA D 417 -6.88 39.67 15.10
C ALA D 417 -8.19 40.06 14.42
N SER D 418 -8.54 39.31 13.37
CA SER D 418 -9.76 39.56 12.61
C SER D 418 -11.00 39.07 13.35
N ASP D 419 -12.05 39.88 13.32
CA ASP D 419 -13.33 39.56 13.96
C ASP D 419 -14.00 38.38 13.25
N VAL D 420 -14.15 38.51 11.92
CA VAL D 420 -14.69 37.44 11.10
C VAL D 420 -13.52 36.56 10.62
N PRO D 421 -13.61 35.23 10.87
CA PRO D 421 -12.56 34.27 10.51
C PRO D 421 -12.03 34.44 9.08
N VAL D 422 -10.71 34.31 8.93
CA VAL D 422 -10.04 34.48 7.65
C VAL D 422 -10.24 33.23 6.77
N GLN D 423 -10.54 33.47 5.49
CA GLN D 423 -10.76 32.37 4.54
C GLN D 423 -10.02 32.60 3.23
N THR D 424 -9.77 31.51 2.51
CA THR D 424 -9.18 31.56 1.18
C THR D 424 -10.29 31.45 0.13
N ALA D 425 -10.34 32.40 -0.79
CA ALA D 425 -11.39 32.46 -1.81
C ALA D 425 -11.23 31.37 -2.86
N PHE D 426 -10.26 31.55 -3.75
CA PHE D 426 -9.95 30.56 -4.80
C PHE D 426 -8.49 30.65 -5.24
N GLU D 427 -8.00 29.56 -5.83
CA GLU D 427 -6.64 29.50 -6.34
C GLU D 427 -6.49 30.21 -7.68
N PHE D 428 -5.41 30.98 -7.82
CA PHE D 428 -5.07 31.65 -9.07
C PHE D 428 -3.58 31.53 -9.41
N VAL E 29 -45.35 17.49 0.84
CA VAL E 29 -45.04 16.05 1.03
C VAL E 29 -46.19 15.19 0.45
N THR E 30 -46.19 15.08 -0.88
CA THR E 30 -47.25 14.36 -1.60
C THR E 30 -46.67 13.32 -2.56
N LEU E 31 -47.33 12.16 -2.63
CA LEU E 31 -46.90 11.06 -3.48
C LEU E 31 -47.85 10.89 -4.66
N CYS E 32 -47.28 10.76 -5.86
CA CYS E 32 -48.04 10.61 -7.10
C CYS E 32 -47.21 9.93 -8.18
N SER E 33 -47.87 9.55 -9.28
CA SER E 33 -47.20 8.97 -10.44
C SER E 33 -46.45 10.04 -11.23
N PRO E 34 -45.33 9.67 -11.88
CA PRO E 34 -44.53 10.67 -12.60
C PRO E 34 -45.09 11.02 -13.97
N THR E 35 -44.95 12.29 -14.35
CA THR E 35 -45.32 12.76 -15.69
C THR E 35 -44.07 12.87 -16.57
N GLU E 36 -44.25 13.37 -17.78
CA GLU E 36 -43.13 13.58 -18.71
C GLU E 36 -42.23 14.74 -18.25
N ASP E 37 -42.82 15.67 -17.51
CA ASP E 37 -42.09 16.83 -16.98
C ASP E 37 -41.23 16.47 -15.77
N ASP E 38 -41.44 15.28 -15.21
CA ASP E 38 -40.71 14.84 -14.02
C ASP E 38 -39.41 14.10 -14.34
N TRP E 39 -39.27 13.63 -15.58
CA TRP E 39 -38.11 12.82 -15.99
C TRP E 39 -36.77 13.51 -15.94
N PRO E 40 -36.67 14.78 -16.40
CA PRO E 40 -35.40 15.50 -16.26
C PRO E 40 -34.97 15.67 -14.80
N GLY E 41 -35.95 15.87 -13.92
CA GLY E 41 -35.69 15.99 -12.48
C GLY E 41 -35.33 14.67 -11.84
N MET E 42 -35.86 13.58 -12.39
CA MET E 42 -35.56 12.24 -11.90
C MET E 42 -34.15 11.79 -12.24
N PHE E 43 -33.65 12.24 -13.40
CA PHE E 43 -32.29 11.93 -13.83
C PHE E 43 -31.24 12.59 -12.94
N LEU E 44 -31.57 13.78 -12.43
CA LEU E 44 -30.71 14.51 -11.50
C LEU E 44 -30.58 13.76 -10.18
N LEU E 45 -31.71 13.26 -9.69
CA LEU E 45 -31.76 12.52 -8.43
C LEU E 45 -31.12 11.14 -8.57
N ALA E 46 -31.13 10.59 -9.79
CA ALA E 46 -30.51 9.30 -10.08
C ALA E 46 -28.99 9.41 -10.15
N ALA E 47 -28.50 10.43 -10.85
CA ALA E 47 -27.06 10.63 -11.04
C ALA E 47 -26.35 11.00 -9.74
N ALA E 48 -27.05 11.72 -8.85
CA ALA E 48 -26.51 12.14 -7.57
C ALA E 48 -26.51 11.01 -6.54
N SER E 49 -27.51 10.12 -6.64
CA SER E 49 -27.64 9.02 -5.69
C SER E 49 -26.90 7.76 -6.13
N PHE E 50 -26.75 7.57 -7.44
CA PHE E 50 -26.02 6.42 -7.97
C PHE E 50 -24.77 6.87 -8.72
N THR E 51 -23.62 6.36 -8.28
CA THR E 51 -22.33 6.70 -8.88
C THR E 51 -22.12 6.00 -10.22
N ASP E 52 -22.64 4.78 -10.33
CA ASP E 52 -22.56 3.98 -11.55
C ASP E 52 -23.75 4.22 -12.47
N PHE E 53 -24.40 5.37 -12.32
CA PHE E 53 -25.57 5.72 -13.11
C PHE E 53 -25.24 5.80 -14.59
N ILE E 54 -26.01 5.05 -15.38
CA ILE E 54 -25.76 4.85 -16.80
C ILE E 54 -26.09 6.08 -17.68
N GLY E 55 -26.30 7.22 -17.04
CA GLY E 55 -26.59 8.47 -17.76
C GLY E 55 -28.04 8.61 -18.16
N PRO E 56 -28.46 9.84 -18.51
CA PRO E 56 -29.83 10.13 -18.93
C PRO E 56 -30.22 9.42 -20.24
N GLU E 57 -29.21 9.00 -21.00
CA GLU E 57 -29.39 8.30 -22.27
C GLU E 57 -29.93 6.88 -22.08
N SER E 58 -29.24 6.09 -21.26
CA SER E 58 -29.52 4.67 -21.10
C SER E 58 -30.73 4.36 -20.23
N ALA E 59 -31.06 5.28 -19.32
CA ALA E 59 -32.19 5.11 -18.40
C ALA E 59 -33.54 5.08 -19.11
N THR E 60 -33.60 5.71 -20.28
CA THR E 60 -34.80 5.71 -21.13
C THR E 60 -35.01 4.32 -21.75
N ALA E 61 -33.91 3.66 -22.11
CA ALA E 61 -33.94 2.32 -22.69
C ALA E 61 -34.37 1.26 -21.67
N TRP E 62 -34.05 1.50 -20.40
CA TRP E 62 -34.46 0.63 -19.31
C TRP E 62 -35.91 0.88 -18.94
N ARG E 63 -36.41 2.07 -19.26
CA ARG E 63 -37.77 2.47 -18.91
C ARG E 63 -38.84 1.80 -19.77
N THR E 64 -38.42 1.21 -20.89
CA THR E 64 -39.31 0.43 -21.75
C THR E 64 -39.82 -0.82 -21.05
N LEU E 65 -39.16 -1.18 -19.94
CA LEU E 65 -39.55 -2.35 -19.14
C LEU E 65 -40.38 -1.96 -17.92
N VAL E 66 -40.47 -0.66 -17.65
CA VAL E 66 -41.33 -0.15 -16.57
C VAL E 66 -42.75 -0.01 -17.09
N PRO E 67 -43.70 -0.77 -16.49
CA PRO E 67 -45.09 -0.71 -16.92
C PRO E 67 -45.78 0.59 -16.49
N THR E 68 -46.94 0.86 -17.10
CA THR E 68 -47.73 2.06 -16.78
C THR E 68 -48.16 2.02 -15.31
N ASP E 69 -47.95 3.15 -14.62
CA ASP E 69 -48.15 3.27 -13.17
C ASP E 69 -47.29 2.27 -12.38
N GLY E 70 -46.06 2.08 -12.84
CA GLY E 70 -45.09 1.23 -12.17
C GLY E 70 -43.95 2.04 -11.57
N ALA E 71 -44.19 3.34 -11.40
CA ALA E 71 -43.21 4.27 -10.83
C ALA E 71 -43.91 5.29 -9.93
N VAL E 72 -43.22 5.72 -8.88
CA VAL E 72 -43.74 6.73 -7.97
C VAL E 72 -42.72 7.83 -7.69
N VAL E 73 -43.20 9.07 -7.54
CA VAL E 73 -42.33 10.20 -7.21
C VAL E 73 -42.89 11.03 -6.06
N VAL E 74 -41.99 11.68 -5.32
CA VAL E 74 -42.38 12.57 -4.22
C VAL E 74 -41.84 13.97 -4.50
N ARG E 75 -42.73 14.95 -4.51
CA ARG E 75 -42.36 16.35 -4.75
C ARG E 75 -42.34 17.16 -3.45
N ASP E 76 -41.61 18.28 -3.48
CA ASP E 76 -41.51 19.17 -2.32
C ASP E 76 -42.39 20.40 -2.49
N GLY E 77 -43.41 20.52 -1.64
CA GLY E 77 -44.34 21.65 -1.67
C GLY E 77 -45.73 21.27 -1.19
N SER E 82 -42.44 22.98 -7.56
CA SER E 82 -42.18 21.80 -6.74
C SER E 82 -41.18 20.86 -7.41
N GLU E 83 -40.12 20.52 -6.68
CA GLU E 83 -39.06 19.65 -7.20
C GLU E 83 -39.18 18.22 -6.67
N VAL E 84 -38.87 17.26 -7.53
CA VAL E 84 -38.90 15.84 -7.16
C VAL E 84 -37.70 15.48 -6.27
N VAL E 85 -37.99 14.92 -5.10
CA VAL E 85 -36.97 14.60 -4.11
C VAL E 85 -36.93 13.12 -3.70
N GLY E 86 -37.94 12.37 -4.13
CA GLY E 86 -38.01 10.93 -3.87
C GLY E 86 -38.55 10.18 -5.06
N MET E 87 -37.94 9.04 -5.37
CA MET E 87 -38.38 8.22 -6.51
C MET E 87 -38.15 6.72 -6.26
N ALA E 88 -39.03 5.91 -6.84
CA ALA E 88 -38.95 4.45 -6.75
C ALA E 88 -39.78 3.81 -7.86
N LEU E 89 -39.26 2.75 -8.46
CA LEU E 89 -39.96 2.06 -9.55
C LEU E 89 -39.68 0.55 -9.57
N TYR E 90 -40.49 -0.19 -10.32
CA TYR E 90 -40.25 -1.61 -10.54
C TYR E 90 -40.35 -1.97 -12.04
N MET E 91 -39.64 -3.02 -12.42
CA MET E 91 -39.62 -3.47 -13.82
C MET E 91 -40.32 -4.82 -14.00
N ASP E 92 -40.99 -4.98 -15.13
CA ASP E 92 -41.65 -6.24 -15.48
C ASP E 92 -40.61 -7.26 -15.96
N LEU E 93 -40.25 -8.19 -15.07
CA LEU E 93 -39.22 -9.18 -15.35
C LEU E 93 -39.75 -10.61 -15.18
N ARG E 94 -39.07 -11.56 -15.82
CA ARG E 94 -39.45 -12.97 -15.74
C ARG E 94 -38.35 -13.80 -15.08
N LEU E 95 -38.56 -14.13 -13.81
CA LEU E 95 -37.60 -14.91 -13.03
C LEU E 95 -37.91 -16.40 -13.09
N THR E 96 -36.87 -17.20 -13.28
CA THR E 96 -36.99 -18.66 -13.27
C THR E 96 -36.68 -19.19 -11.88
N VAL E 97 -37.62 -19.94 -11.31
CA VAL E 97 -37.47 -20.53 -9.98
C VAL E 97 -37.17 -22.04 -10.11
N PRO E 98 -36.81 -22.70 -8.99
CA PRO E 98 -36.61 -24.16 -9.02
C PRO E 98 -37.80 -24.90 -9.62
N GLY E 99 -37.50 -25.90 -10.46
CA GLY E 99 -38.52 -26.65 -11.18
C GLY E 99 -38.78 -26.12 -12.58
N GLU E 100 -37.87 -25.27 -13.06
CA GLU E 100 -37.92 -24.67 -14.41
C GLU E 100 -39.17 -23.82 -14.71
N VAL E 101 -39.94 -23.50 -13.67
CA VAL E 101 -41.14 -22.67 -13.82
C VAL E 101 -40.76 -21.19 -13.81
N VAL E 102 -41.28 -20.44 -14.77
CA VAL E 102 -40.98 -19.01 -14.90
C VAL E 102 -42.11 -18.16 -14.31
N LEU E 103 -41.76 -17.30 -13.36
CA LEU E 103 -42.72 -16.42 -12.70
C LEU E 103 -42.50 -14.95 -13.05
N PRO E 104 -43.60 -14.20 -13.28
CA PRO E 104 -43.50 -12.75 -13.47
C PRO E 104 -43.13 -12.06 -12.16
N THR E 105 -42.03 -11.31 -12.18
CA THR E 105 -41.48 -10.70 -10.97
C THR E 105 -41.25 -9.21 -11.15
N ALA E 106 -41.69 -8.44 -10.16
CA ALA E 106 -41.50 -6.99 -10.14
C ALA E 106 -40.08 -6.66 -9.67
N GLY E 107 -39.28 -6.08 -10.56
CA GLY E 107 -37.89 -5.76 -10.28
C GLY E 107 -37.68 -4.34 -9.80
N LEU E 108 -37.66 -4.18 -8.48
CA LEU E 108 -37.43 -2.87 -7.83
C LEU E 108 -36.08 -2.27 -8.20
N SER E 109 -36.12 -1.03 -8.70
CA SER E 109 -34.91 -0.32 -9.12
C SER E 109 -35.11 1.19 -9.02
N PHE E 110 -34.00 1.94 -9.15
CA PHE E 110 -34.02 3.42 -9.10
C PHE E 110 -34.61 3.98 -7.81
N VAL E 111 -34.54 3.19 -6.74
CA VAL E 111 -35.10 3.57 -5.44
C VAL E 111 -34.12 4.49 -4.71
N ALA E 112 -34.46 5.79 -4.66
CA ALA E 112 -33.57 6.79 -4.05
C ALA E 112 -34.33 7.98 -3.47
N VAL E 113 -33.78 8.54 -2.39
CA VAL E 113 -34.31 9.73 -1.74
C VAL E 113 -33.22 10.80 -1.70
N ALA E 114 -33.60 12.06 -1.92
CA ALA E 114 -32.68 13.18 -1.87
C ALA E 114 -32.04 13.32 -0.48
N PRO E 115 -30.75 13.68 -0.43
CA PRO E 115 -30.00 13.88 0.82
C PRO E 115 -30.58 14.99 1.68
N THR E 116 -31.41 15.84 1.08
CA THR E 116 -32.05 16.95 1.76
C THR E 116 -33.38 16.54 2.41
N HIS E 117 -33.82 15.32 2.15
CA HIS E 117 -35.12 14.84 2.63
C HIS E 117 -35.11 13.49 3.30
N ARG E 118 -33.94 13.09 3.80
CA ARG E 118 -33.81 11.81 4.52
C ARG E 118 -34.25 11.91 5.98
N ARG E 119 -34.49 10.75 6.61
CA ARG E 119 -35.02 10.65 7.97
C ARG E 119 -36.43 11.24 8.10
N ARG E 120 -37.15 11.29 6.99
CA ARG E 120 -38.47 11.90 6.94
C ARG E 120 -39.58 10.86 6.73
N GLY E 121 -39.21 9.71 6.18
CA GLY E 121 -40.15 8.62 5.95
C GLY E 121 -40.63 8.53 4.52
N LEU E 122 -39.78 8.97 3.58
CA LEU E 122 -40.12 8.96 2.16
C LEU E 122 -40.02 7.56 1.55
N LEU E 123 -39.05 6.77 2.00
CA LEU E 123 -38.88 5.39 1.54
C LEU E 123 -40.02 4.49 2.02
N ARG E 124 -40.41 4.66 3.28
CA ARG E 124 -41.49 3.89 3.90
C ARG E 124 -42.82 4.09 3.16
N ALA E 125 -43.04 5.32 2.70
CA ALA E 125 -44.26 5.65 1.96
C ALA E 125 -44.21 5.14 0.52
N MET E 126 -43.05 5.28 -0.13
CA MET E 126 -42.88 4.87 -1.53
C MET E 126 -42.94 3.36 -1.73
N CYS E 127 -42.21 2.62 -0.90
CA CYS E 127 -42.17 1.16 -1.00
C CYS E 127 -43.52 0.52 -0.70
N ALA E 128 -44.23 1.04 0.30
CA ALA E 128 -45.56 0.56 0.66
C ALA E 128 -46.59 0.82 -0.43
N GLU E 129 -46.42 1.94 -1.15
CA GLU E 129 -47.28 2.28 -2.28
C GLU E 129 -47.04 1.34 -3.46
N LEU E 130 -45.77 1.04 -3.74
CA LEU E 130 -45.41 0.13 -4.83
C LEU E 130 -45.80 -1.30 -4.54
N HIS E 131 -45.63 -1.74 -3.28
CA HIS E 131 -46.08 -3.07 -2.85
C HIS E 131 -47.56 -3.24 -3.06
N ARG E 132 -48.30 -2.15 -2.87
CA ARG E 132 -49.74 -2.11 -3.11
C ARG E 132 -50.05 -2.22 -4.60
N ARG E 133 -49.21 -1.62 -5.43
CA ARG E 133 -49.38 -1.66 -6.89
C ARG E 133 -48.96 -3.01 -7.48
N ILE E 134 -47.93 -3.62 -6.89
CA ILE E 134 -47.40 -4.90 -7.34
C ILE E 134 -48.40 -6.04 -7.07
N ALA E 135 -49.07 -5.97 -5.92
CA ALA E 135 -50.09 -6.94 -5.55
C ALA E 135 -51.34 -6.84 -6.44
N ASP E 136 -51.64 -5.63 -6.89
CA ASP E 136 -52.78 -5.38 -7.78
C ASP E 136 -52.56 -5.91 -9.19
N SER E 137 -51.31 -5.89 -9.63
CA SER E 137 -50.94 -6.36 -10.97
C SER E 137 -50.86 -7.89 -11.06
N GLY E 138 -50.89 -8.56 -9.91
CA GLY E 138 -50.94 -10.01 -9.84
C GLY E 138 -49.58 -10.70 -9.81
N TYR E 139 -48.56 -9.98 -9.34
CA TYR E 139 -47.22 -10.54 -9.20
C TYR E 139 -47.13 -11.44 -7.96
N PRO E 140 -46.58 -12.66 -8.13
CA PRO E 140 -46.34 -13.56 -7.00
C PRO E 140 -45.16 -13.12 -6.12
N VAL E 141 -44.12 -12.56 -6.73
CA VAL E 141 -42.90 -12.16 -6.01
C VAL E 141 -42.35 -10.80 -6.45
N ALA E 142 -41.57 -10.18 -5.58
CA ALA E 142 -40.87 -8.92 -5.87
C ALA E 142 -39.36 -9.09 -5.65
N ALA E 143 -38.57 -8.40 -6.46
CA ALA E 143 -37.11 -8.59 -6.46
C ALA E 143 -36.31 -7.29 -6.56
N LEU E 144 -35.12 -7.28 -5.95
CA LEU E 144 -34.19 -6.15 -6.03
C LEU E 144 -32.75 -6.53 -5.69
N HIS E 145 -31.82 -5.64 -6.01
CA HIS E 145 -30.43 -5.75 -5.58
C HIS E 145 -30.12 -4.63 -4.63
N ALA E 146 -29.78 -4.97 -3.40
CA ALA E 146 -29.61 -3.99 -2.32
C ALA E 146 -28.23 -3.32 -2.29
N SER E 147 -28.22 -2.05 -1.86
CA SER E 147 -26.97 -1.31 -1.65
C SER E 147 -26.40 -1.57 -0.26
N GLU E 148 -27.29 -1.81 0.70
CA GLU E 148 -26.92 -2.34 2.02
C GLU E 148 -27.87 -3.46 2.41
N GLY E 149 -27.34 -4.45 3.13
CA GLY E 149 -28.14 -5.61 3.55
C GLY E 149 -29.00 -5.39 4.78
N GLY E 150 -29.28 -4.13 5.09
CA GLY E 150 -30.06 -3.78 6.27
C GLY E 150 -31.25 -2.88 5.99
N ILE E 151 -31.25 -2.22 4.83
CA ILE E 151 -32.33 -1.32 4.44
C ILE E 151 -33.62 -2.08 4.14
N TYR E 152 -33.49 -3.20 3.43
CA TYR E 152 -34.65 -3.94 2.94
C TYR E 152 -34.97 -5.18 3.76
N GLY E 153 -34.37 -5.27 4.95
CA GLY E 153 -34.59 -6.39 5.86
C GLY E 153 -35.99 -6.39 6.47
N ARG E 154 -36.51 -5.19 6.75
CA ARG E 154 -37.82 -5.04 7.39
C ARG E 154 -38.96 -4.88 6.36
N PHE E 155 -38.60 -4.58 5.12
CA PHE E 155 -39.58 -4.41 4.04
C PHE E 155 -40.03 -5.73 3.42
N GLY E 156 -39.47 -6.84 3.91
CA GLY E 156 -39.87 -8.18 3.48
C GLY E 156 -38.92 -8.84 2.49
N TYR E 157 -37.83 -8.16 2.17
CA TYR E 157 -36.84 -8.68 1.22
C TYR E 157 -35.74 -9.45 1.95
N GLY E 158 -35.43 -10.64 1.44
CA GLY E 158 -34.38 -11.48 2.01
C GLY E 158 -33.38 -11.93 0.96
N PRO E 159 -32.11 -12.13 1.36
CA PRO E 159 -31.05 -12.58 0.43
C PRO E 159 -31.37 -13.95 -0.16
N ALA E 160 -31.67 -13.97 -1.46
CA ALA E 160 -32.14 -15.19 -2.13
C ALA E 160 -31.08 -15.90 -2.97
N THR E 161 -30.07 -15.16 -3.40
CA THR E 161 -28.91 -15.75 -4.09
C THR E 161 -27.61 -15.26 -3.44
N THR E 162 -26.51 -15.93 -3.75
CA THR E 162 -25.20 -15.59 -3.18
C THR E 162 -24.14 -15.39 -4.26
N LEU E 163 -23.58 -14.19 -4.32
CA LEU E 163 -22.48 -13.89 -5.22
C LEU E 163 -21.18 -14.45 -4.65
N HIS E 164 -20.26 -14.82 -5.55
CA HIS E 164 -19.09 -15.61 -5.18
C HIS E 164 -17.99 -15.38 -6.17
N GLU E 165 -17.09 -14.45 -5.85
CA GLU E 165 -15.98 -14.13 -6.75
C GLU E 165 -14.83 -15.11 -6.60
N LEU E 166 -14.31 -15.59 -7.73
CA LEU E 166 -13.18 -16.52 -7.74
C LEU E 166 -12.02 -15.97 -8.57
N THR E 167 -10.91 -15.67 -7.91
CA THR E 167 -9.70 -15.23 -8.58
C THR E 167 -8.75 -16.42 -8.75
N VAL E 168 -8.58 -16.87 -9.99
CA VAL E 168 -7.76 -18.04 -10.30
C VAL E 168 -6.40 -17.62 -10.85
N ASP E 169 -5.34 -18.01 -10.14
CA ASP E 169 -3.98 -17.81 -10.63
C ASP E 169 -3.73 -18.82 -11.74
N ARG E 170 -3.93 -18.38 -12.98
CA ARG E 170 -3.89 -19.27 -14.14
C ARG E 170 -2.50 -19.79 -14.50
N ARG E 171 -1.47 -19.15 -13.96
CA ARG E 171 -0.08 -19.55 -14.18
C ARG E 171 0.21 -20.92 -13.58
N PHE E 172 -0.44 -21.23 -12.46
CA PHE E 172 -0.26 -22.50 -11.77
C PHE E 172 -1.40 -23.47 -12.07
N ALA E 173 -2.49 -22.95 -12.64
CA ALA E 173 -3.71 -23.73 -12.87
C ALA E 173 -3.55 -24.83 -13.92
N ARG E 174 -3.63 -26.07 -13.47
CA ARG E 174 -3.56 -27.23 -14.35
C ARG E 174 -4.81 -28.09 -14.14
N PHE E 175 -5.43 -28.49 -15.25
CA PHE E 175 -6.67 -29.27 -15.21
C PHE E 175 -6.47 -30.71 -14.75
N HIS E 176 -7.46 -31.23 -14.04
CA HIS E 176 -7.46 -32.60 -13.55
C HIS E 176 -7.71 -33.55 -14.69
N ALA E 177 -7.27 -34.79 -14.52
CA ALA E 177 -7.43 -35.83 -15.56
C ALA E 177 -8.89 -36.17 -15.85
N ASP E 178 -9.74 -35.99 -14.85
CA ASP E 178 -11.18 -36.29 -14.96
C ASP E 178 -11.97 -35.19 -15.68
N ALA E 179 -11.36 -34.02 -15.84
CA ALA E 179 -12.00 -32.88 -16.49
C ALA E 179 -12.20 -33.13 -17.99
N PRO E 180 -13.44 -32.94 -18.49
CA PRO E 180 -13.82 -33.17 -19.89
C PRO E 180 -12.93 -32.44 -20.90
N GLY E 181 -12.72 -33.07 -22.05
CA GLY E 181 -11.85 -32.52 -23.10
C GLY E 181 -10.39 -32.63 -22.71
N GLY E 182 -9.97 -33.84 -22.33
CA GLY E 182 -8.63 -34.08 -21.80
C GLY E 182 -7.50 -34.05 -22.81
N GLY E 183 -7.61 -34.88 -23.84
CA GLY E 183 -6.55 -35.07 -24.83
C GLY E 183 -6.47 -34.02 -25.92
N LEU E 184 -5.75 -34.35 -26.99
CA LEU E 184 -5.56 -33.46 -28.13
C LEU E 184 -6.78 -33.46 -29.06
N GLY E 185 -6.85 -32.45 -29.92
CA GLY E 185 -7.97 -32.31 -30.86
C GLY E 185 -8.46 -30.87 -30.93
N GLY E 186 -9.13 -30.55 -32.03
CA GLY E 186 -9.65 -29.19 -32.26
C GLY E 186 -10.69 -28.78 -31.25
N SER E 187 -10.39 -27.70 -30.52
CA SER E 187 -11.30 -27.16 -29.49
C SER E 187 -12.51 -26.50 -30.13
N SER E 188 -13.68 -26.74 -29.53
CA SER E 188 -14.95 -26.22 -30.04
C SER E 188 -15.26 -24.81 -29.54
N VAL E 189 -14.23 -24.11 -29.06
CA VAL E 189 -14.38 -22.74 -28.57
C VAL E 189 -13.64 -21.77 -29.50
N ARG E 190 -14.26 -20.63 -29.78
CA ARG E 190 -13.68 -19.61 -30.65
C ARG E 190 -13.52 -18.27 -29.93
N LEU E 191 -12.52 -17.49 -30.36
CA LEU E 191 -12.32 -16.13 -29.85
C LEU E 191 -12.97 -15.14 -30.82
N VAL E 192 -14.09 -14.56 -30.41
CA VAL E 192 -14.91 -13.70 -31.28
C VAL E 192 -15.22 -12.34 -30.69
N ARG E 193 -15.41 -11.34 -31.56
CA ARG E 193 -15.88 -10.03 -31.15
C ARG E 193 -17.36 -10.11 -30.77
N PRO E 194 -17.72 -9.61 -29.57
CA PRO E 194 -19.05 -9.79 -28.98
C PRO E 194 -20.20 -9.16 -29.79
N THR E 195 -19.95 -8.03 -30.43
CA THR E 195 -20.98 -7.31 -31.18
C THR E 195 -21.36 -7.99 -32.50
N GLU E 196 -20.47 -8.82 -33.02
CA GLU E 196 -20.65 -9.49 -34.31
C GLU E 196 -21.38 -10.84 -34.18
N HIS E 197 -21.66 -11.26 -32.96
CA HIS E 197 -22.28 -12.57 -32.71
C HIS E 197 -23.44 -12.51 -31.76
N ARG E 198 -24.18 -11.40 -31.82
CA ARG E 198 -25.33 -11.14 -30.93
C ARG E 198 -26.39 -12.24 -30.96
N GLY E 199 -26.63 -12.79 -32.15
CA GLY E 199 -27.65 -13.83 -32.34
C GLY E 199 -27.42 -15.08 -31.52
N GLU E 200 -26.17 -15.55 -31.49
CA GLU E 200 -25.81 -16.75 -30.74
C GLU E 200 -25.86 -16.55 -29.22
N PHE E 201 -25.44 -15.37 -28.77
CA PHE E 201 -25.44 -15.04 -27.34
C PHE E 201 -26.86 -15.00 -26.76
N GLU E 202 -27.78 -14.45 -27.53
CA GLU E 202 -29.19 -14.39 -27.13
C GLU E 202 -29.82 -15.78 -27.11
N ALA E 203 -29.35 -16.66 -27.99
CA ALA E 203 -29.84 -18.03 -28.08
C ALA E 203 -29.35 -18.90 -26.92
N ILE E 204 -28.08 -18.75 -26.57
CA ILE E 204 -27.45 -19.51 -25.48
C ILE E 204 -28.00 -19.08 -24.12
N TYR E 205 -28.12 -17.76 -23.92
CA TYR E 205 -28.64 -17.21 -22.67
C TYR E 205 -30.08 -17.62 -22.41
N GLU E 206 -30.89 -17.67 -23.46
CA GLU E 206 -32.31 -18.06 -23.36
C GLU E 206 -32.46 -19.51 -22.89
N ARG E 207 -31.58 -20.39 -23.39
CA ARG E 207 -31.53 -21.78 -22.95
C ARG E 207 -31.07 -21.89 -21.50
N TRP E 208 -30.12 -21.02 -21.13
CA TRP E 208 -29.54 -21.01 -19.79
C TRP E 208 -30.51 -20.48 -18.76
N ARG E 209 -31.16 -19.37 -19.07
CA ARG E 209 -32.03 -18.68 -18.11
C ARG E 209 -33.32 -19.43 -17.80
N GLN E 210 -33.66 -20.42 -18.63
CA GLN E 210 -34.89 -21.19 -18.47
C GLN E 210 -34.71 -22.45 -17.64
N GLN E 211 -33.48 -22.99 -17.62
CA GLN E 211 -33.20 -24.23 -16.90
C GLN E 211 -32.51 -24.01 -15.55
N VAL E 212 -31.96 -22.81 -15.35
CA VAL E 212 -31.22 -22.47 -14.14
C VAL E 212 -32.03 -21.51 -13.25
N PRO E 213 -32.27 -21.90 -11.97
CA PRO E 213 -32.98 -21.06 -11.01
C PRO E 213 -32.27 -19.74 -10.77
N GLY E 214 -33.04 -18.67 -10.67
CA GLY E 214 -32.50 -17.31 -10.54
C GLY E 214 -32.29 -16.63 -11.88
N GLY E 215 -32.56 -17.37 -12.96
CA GLY E 215 -32.41 -16.86 -14.32
C GLY E 215 -33.50 -15.88 -14.71
N LEU E 216 -33.09 -14.73 -15.20
CA LEU E 216 -34.02 -13.67 -15.61
C LEU E 216 -34.07 -13.54 -17.12
N LEU E 217 -35.26 -13.19 -17.62
CA LEU E 217 -35.45 -12.93 -19.05
C LEU E 217 -34.81 -11.59 -19.41
N ARG E 218 -33.87 -11.63 -20.35
CA ARG E 218 -33.21 -10.42 -20.82
C ARG E 218 -33.76 -10.03 -22.20
N PRO E 219 -34.62 -8.98 -22.22
CA PRO E 219 -35.32 -8.53 -23.43
C PRO E 219 -34.41 -7.86 -24.45
N GLN E 220 -34.99 -7.45 -25.58
CA GLN E 220 -34.28 -6.81 -26.68
C GLN E 220 -33.49 -5.57 -26.25
N VAL E 221 -34.07 -4.77 -25.37
CA VAL E 221 -33.49 -3.49 -24.94
C VAL E 221 -32.23 -3.64 -24.08
N LEU E 222 -32.15 -4.73 -23.32
CA LEU E 222 -31.02 -4.94 -22.40
C LEU E 222 -29.78 -5.49 -23.08
N TRP E 223 -29.96 -6.13 -24.23
CA TRP E 223 -28.83 -6.60 -25.04
C TRP E 223 -28.20 -5.45 -25.79
N ASP E 224 -28.99 -4.39 -25.99
CA ASP E 224 -28.49 -3.15 -26.58
C ASP E 224 -27.51 -2.45 -25.65
N GLU E 225 -27.82 -2.47 -24.36
CA GLU E 225 -27.01 -1.83 -23.32
C GLU E 225 -25.73 -2.63 -23.02
N LEU E 226 -25.86 -3.95 -23.02
CA LEU E 226 -24.74 -4.84 -22.74
C LEU E 226 -23.66 -4.78 -23.82
N LEU E 227 -24.10 -4.76 -25.08
CA LEU E 227 -23.18 -4.72 -26.23
C LEU E 227 -22.60 -3.32 -26.48
N ALA E 228 -23.26 -2.30 -25.94
CA ALA E 228 -22.78 -0.92 -26.03
C ALA E 228 -21.66 -0.64 -25.02
N GLU E 229 -21.59 -1.48 -24.00
CA GLU E 229 -20.56 -1.38 -22.96
C GLU E 229 -19.32 -2.21 -23.30
N ALA E 230 -19.39 -2.96 -24.40
CA ALA E 230 -18.29 -3.81 -24.84
C ALA E 230 -17.15 -3.02 -25.47
N LYS E 231 -17.49 -1.98 -26.23
CA LYS E 231 -16.50 -1.11 -26.86
C LYS E 231 -15.70 -0.32 -25.84
N ALA E 232 -14.41 -0.11 -26.13
CA ALA E 232 -13.51 0.59 -25.23
C ALA E 232 -13.83 2.08 -25.14
N ALA E 233 -14.19 2.52 -23.93
CA ALA E 233 -14.46 3.93 -23.67
C ALA E 233 -13.16 4.68 -23.36
N PRO E 234 -13.04 5.92 -23.87
CA PRO E 234 -11.83 6.73 -23.62
C PRO E 234 -11.65 7.06 -22.14
N GLY E 235 -10.63 6.47 -21.52
CA GLY E 235 -10.33 6.69 -20.11
C GLY E 235 -11.11 5.79 -19.16
N GLY E 236 -12.03 5.00 -19.70
CA GLY E 236 -12.86 4.10 -18.91
C GLY E 236 -12.40 2.66 -19.00
N ASP E 237 -13.36 1.76 -19.26
CA ASP E 237 -13.07 0.33 -19.38
C ASP E 237 -12.43 -0.02 -20.72
N ARG E 238 -11.87 -1.21 -20.81
CA ARG E 238 -11.20 -1.68 -22.02
C ARG E 238 -12.14 -2.52 -22.89
N GLU E 239 -11.70 -2.81 -24.12
CA GLU E 239 -12.50 -3.58 -25.08
C GLU E 239 -12.82 -4.98 -24.58
N SER E 240 -14.11 -5.33 -24.62
CA SER E 240 -14.57 -6.64 -24.19
C SER E 240 -14.41 -7.68 -25.29
N PHE E 241 -14.05 -8.90 -24.89
CA PHE E 241 -13.94 -10.02 -25.82
C PHE E 241 -14.89 -11.15 -25.39
N ALA E 242 -15.07 -12.11 -26.29
CA ALA E 242 -15.97 -13.24 -26.03
C ALA E 242 -15.36 -14.56 -26.45
N LEU E 243 -15.63 -15.60 -25.66
CA LEU E 243 -15.29 -16.96 -26.01
C LEU E 243 -16.57 -17.74 -26.29
N LEU E 244 -16.67 -18.32 -27.48
CA LEU E 244 -17.92 -18.90 -27.95
C LEU E 244 -17.90 -20.42 -28.11
N HIS E 245 -18.70 -21.08 -27.27
CA HIS E 245 -18.99 -22.51 -27.40
C HIS E 245 -20.43 -22.60 -27.84
N PRO E 246 -20.76 -23.59 -28.70
CA PRO E 246 -22.14 -23.77 -29.15
C PRO E 246 -23.16 -23.84 -28.02
N ASP E 247 -22.71 -24.22 -26.82
CA ASP E 247 -23.57 -24.37 -25.65
C ASP E 247 -23.23 -23.40 -24.50
N GLY E 248 -22.30 -22.47 -24.74
CA GLY E 248 -21.90 -21.51 -23.71
C GLY E 248 -21.05 -20.35 -24.19
N TYR E 249 -21.11 -19.23 -23.47
CA TYR E 249 -20.29 -18.06 -23.79
C TYR E 249 -19.63 -17.42 -22.58
N ALA E 250 -18.47 -16.79 -22.82
CA ALA E 250 -17.71 -16.12 -21.77
C ALA E 250 -17.36 -14.69 -22.17
N LEU E 251 -17.98 -13.72 -21.50
CA LEU E 251 -17.67 -12.31 -21.69
C LEU E 251 -16.65 -11.83 -20.67
N TYR E 252 -15.46 -11.48 -21.16
CA TYR E 252 -14.38 -11.01 -20.29
C TYR E 252 -13.75 -9.72 -20.81
N ARG E 253 -13.06 -9.02 -19.92
CA ARG E 253 -12.31 -7.82 -20.27
C ARG E 253 -11.14 -7.62 -19.31
N VAL E 254 -10.05 -7.06 -19.83
CA VAL E 254 -8.87 -6.75 -19.01
C VAL E 254 -9.20 -5.54 -18.12
N ASP E 255 -8.78 -5.60 -16.86
CA ASP E 255 -9.03 -4.53 -15.90
C ASP E 255 -8.31 -3.24 -16.32
N ARG E 256 -8.94 -2.11 -16.00
CA ARG E 256 -8.43 -0.79 -16.39
C ARG E 256 -7.00 -0.56 -15.92
N THR E 257 -6.77 -0.79 -14.63
CA THR E 257 -5.47 -0.55 -14.02
C THR E 257 -4.63 -1.83 -13.92
N ASP E 258 -5.29 -2.94 -13.59
CA ASP E 258 -4.61 -4.23 -13.47
C ASP E 258 -4.50 -4.90 -14.84
N LEU E 259 -3.35 -4.70 -15.50
CA LEU E 259 -3.11 -5.22 -16.85
C LEU E 259 -2.77 -6.71 -16.86
N LYS E 260 -2.87 -7.36 -15.71
CA LYS E 260 -2.62 -8.80 -15.60
C LYS E 260 -3.87 -9.56 -15.14
N LEU E 261 -4.96 -8.83 -14.95
CA LEU E 261 -6.22 -9.43 -14.51
C LEU E 261 -7.28 -9.36 -15.61
N ALA E 262 -7.86 -10.51 -15.94
CA ALA E 262 -8.98 -10.58 -16.87
C ALA E 262 -10.28 -10.79 -16.10
N ARG E 263 -11.13 -9.78 -16.11
CA ARG E 263 -12.39 -9.81 -15.38
C ARG E 263 -13.51 -10.43 -16.22
N VAL E 264 -13.93 -11.62 -15.85
CA VAL E 264 -15.05 -12.29 -16.51
C VAL E 264 -16.35 -11.71 -15.98
N SER E 265 -16.96 -10.84 -16.79
CA SER E 265 -18.20 -10.17 -16.43
C SER E 265 -19.41 -11.10 -16.55
N GLU E 266 -19.30 -12.10 -17.44
CA GLU E 266 -20.39 -13.02 -17.71
C GLU E 266 -19.89 -14.39 -18.15
N LEU E 267 -20.47 -15.43 -17.54
CA LEU E 267 -20.19 -16.81 -17.93
C LEU E 267 -21.49 -17.62 -17.89
N ARG E 268 -22.02 -17.90 -19.08
CA ARG E 268 -23.22 -18.71 -19.23
C ARG E 268 -22.92 -19.99 -19.99
N ALA E 269 -23.19 -21.12 -19.36
CA ALA E 269 -22.97 -22.44 -19.98
C ALA E 269 -24.14 -23.36 -19.70
N VAL E 270 -24.66 -23.97 -20.75
CA VAL E 270 -25.82 -24.86 -20.65
C VAL E 270 -25.39 -26.26 -20.19
N THR E 271 -24.49 -26.88 -20.96
CA THR E 271 -23.97 -28.21 -20.61
C THR E 271 -22.74 -28.11 -19.71
N ALA E 272 -22.54 -29.13 -18.88
CA ALA E 272 -21.37 -29.22 -18.00
C ALA E 272 -20.08 -29.34 -18.82
N ASP E 273 -20.22 -29.78 -20.07
CA ASP E 273 -19.11 -29.90 -20.99
C ASP E 273 -18.65 -28.52 -21.46
N ALA E 274 -19.62 -27.62 -21.66
CA ALA E 274 -19.36 -26.26 -22.12
C ALA E 274 -18.64 -25.43 -21.05
N HIS E 275 -19.05 -25.60 -19.80
CA HIS E 275 -18.44 -24.92 -18.65
C HIS E 275 -16.98 -25.22 -18.54
N CYS E 276 -16.62 -26.49 -18.72
CA CYS E 276 -15.23 -26.93 -18.68
C CYS E 276 -14.45 -26.48 -19.92
N ALA E 277 -15.13 -26.43 -21.06
CA ALA E 277 -14.52 -26.04 -22.34
C ALA E 277 -14.14 -24.57 -22.40
N LEU E 278 -14.96 -23.74 -21.76
CA LEU E 278 -14.71 -22.29 -21.73
C LEU E 278 -13.58 -21.92 -20.76
N TRP E 279 -13.41 -22.74 -19.71
CA TRP E 279 -12.38 -22.48 -18.71
C TRP E 279 -11.00 -22.89 -19.15
N ARG E 280 -10.92 -23.84 -20.06
CA ARG E 280 -9.66 -24.21 -20.71
C ARG E 280 -9.20 -23.07 -21.60
N ALA E 281 -10.17 -22.35 -22.17
CA ALA E 281 -9.91 -21.17 -23.00
C ALA E 281 -9.53 -19.96 -22.15
N LEU E 282 -10.24 -19.77 -21.03
CA LEU E 282 -10.00 -18.65 -20.12
C LEU E 282 -8.63 -18.71 -19.46
N ILE E 283 -8.22 -19.91 -19.05
CA ILE E 283 -6.89 -20.13 -18.48
C ILE E 283 -5.83 -20.08 -19.59
N GLY E 284 -6.29 -20.19 -20.84
CA GLY E 284 -5.42 -20.08 -22.00
C GLY E 284 -4.86 -18.69 -22.27
N LEU E 285 -5.42 -17.69 -21.59
CA LEU E 285 -4.99 -16.30 -21.72
C LEU E 285 -3.62 -16.07 -21.06
N ASP E 286 -2.55 -16.40 -21.78
CA ASP E 286 -1.20 -16.32 -21.24
C ASP E 286 -0.70 -14.90 -20.97
N SER E 287 -1.46 -13.91 -21.42
CA SER E 287 -1.14 -12.50 -21.18
C SER E 287 -1.49 -12.10 -19.75
N MET E 288 -2.38 -12.85 -19.12
CA MET E 288 -2.88 -12.55 -17.78
C MET E 288 -2.22 -13.40 -16.69
N GLU E 289 -2.13 -12.84 -15.50
CA GLU E 289 -1.65 -13.56 -14.32
C GLU E 289 -2.82 -14.19 -13.56
N ARG E 290 -3.95 -13.48 -13.55
CA ARG E 290 -5.13 -13.91 -12.79
C ARG E 290 -6.42 -13.73 -13.58
N ILE E 291 -7.39 -14.61 -13.32
CA ILE E 291 -8.71 -14.53 -13.93
C ILE E 291 -9.78 -14.47 -12.83
N SER E 292 -10.53 -13.37 -12.79
CA SER E 292 -11.57 -13.18 -11.77
C SER E 292 -12.98 -13.30 -12.36
N ILE E 293 -13.89 -13.85 -11.57
CA ILE E 293 -15.28 -14.08 -11.99
C ILE E 293 -16.24 -14.10 -10.81
N ILE E 294 -17.27 -13.27 -10.87
CA ILE E 294 -18.32 -13.25 -9.86
C ILE E 294 -19.38 -14.28 -10.25
N THR E 295 -19.46 -15.36 -9.48
CA THR E 295 -20.35 -16.48 -9.81
C THR E 295 -21.15 -16.96 -8.59
N HIS E 296 -21.55 -18.23 -8.58
CA HIS E 296 -22.31 -18.83 -7.48
C HIS E 296 -21.46 -19.82 -6.71
N PRO E 297 -21.82 -20.08 -5.43
CA PRO E 297 -21.00 -20.93 -4.54
C PRO E 297 -20.81 -22.36 -5.05
N GLN E 298 -21.78 -22.89 -5.78
CA GLN E 298 -21.75 -24.27 -6.25
C GLN E 298 -21.08 -24.43 -7.63
N ASP E 299 -20.25 -23.46 -7.99
CA ASP E 299 -19.50 -23.50 -9.25
C ASP E 299 -18.44 -24.61 -9.19
N PRO E 300 -18.47 -25.53 -10.17
CA PRO E 300 -17.59 -26.70 -10.16
C PRO E 300 -16.17 -26.45 -10.69
N LEU E 301 -15.75 -25.18 -10.68
CA LEU E 301 -14.42 -24.80 -11.18
C LEU E 301 -13.23 -25.36 -10.38
N PRO E 302 -13.29 -25.31 -9.02
CA PRO E 302 -12.17 -25.84 -8.23
C PRO E 302 -11.89 -27.32 -8.47
N HIS E 303 -12.95 -28.11 -8.65
CA HIS E 303 -12.81 -29.55 -8.86
C HIS E 303 -12.36 -29.91 -10.26
N LEU E 304 -12.29 -28.91 -11.14
CA LEU E 304 -11.73 -29.07 -12.48
C LEU E 304 -10.21 -29.04 -12.47
N LEU E 305 -9.64 -28.34 -11.50
CA LEU E 305 -8.20 -28.19 -11.37
C LEU E 305 -7.60 -29.23 -10.44
N THR E 306 -6.32 -29.56 -10.66
CA THR E 306 -5.59 -30.47 -9.78
C THR E 306 -5.41 -29.85 -8.38
N ASP E 307 -5.35 -28.53 -8.35
CA ASP E 307 -5.26 -27.78 -7.11
C ASP E 307 -6.56 -26.99 -6.91
N THR E 308 -7.43 -27.52 -6.05
CA THR E 308 -8.74 -26.92 -5.77
C THR E 308 -8.63 -25.55 -5.10
N ARG E 309 -7.46 -25.28 -4.54
CA ARG E 309 -7.23 -24.06 -3.77
C ARG E 309 -6.78 -22.89 -4.64
N LEU E 310 -6.44 -23.17 -5.90
CA LEU E 310 -6.06 -22.12 -6.84
C LEU E 310 -7.24 -21.26 -7.25
N ALA E 311 -8.44 -21.83 -7.17
CA ALA E 311 -9.68 -21.09 -7.37
C ALA E 311 -10.11 -20.44 -6.05
N ARG E 312 -9.39 -19.41 -5.65
CA ARG E 312 -9.60 -18.73 -4.36
C ARG E 312 -10.82 -17.83 -4.38
N THR E 313 -11.66 -17.95 -3.35
CA THR E 313 -12.79 -17.06 -3.16
C THR E 313 -12.33 -15.77 -2.46
N THR E 314 -12.15 -14.73 -3.25
CA THR E 314 -11.67 -13.43 -2.74
C THR E 314 -12.81 -12.57 -2.20
N TRP E 315 -14.00 -12.77 -2.75
CA TRP E 315 -15.16 -11.93 -2.43
C TRP E 315 -16.43 -12.74 -2.36
N ARG E 316 -17.27 -12.40 -1.39
CA ARG E 316 -18.50 -13.15 -1.13
C ARG E 316 -19.57 -12.20 -0.60
N GLN E 317 -20.71 -12.16 -1.30
CA GLN E 317 -21.80 -11.25 -0.96
C GLN E 317 -23.15 -11.80 -1.39
N ASP E 318 -24.23 -11.20 -0.88
CA ASP E 318 -25.59 -11.56 -1.31
C ASP E 318 -25.93 -10.88 -2.64
N GLY E 319 -26.72 -11.58 -3.45
CA GLY E 319 -27.08 -11.10 -4.79
C GLY E 319 -28.51 -10.59 -4.88
N LEU E 320 -29.40 -11.45 -5.34
CA LEU E 320 -30.80 -11.10 -5.55
C LEU E 320 -31.59 -11.19 -4.24
N TRP E 321 -32.46 -10.20 -4.01
CA TRP E 321 -33.32 -10.17 -2.84
C TRP E 321 -34.75 -10.41 -3.24
N LEU E 322 -35.43 -11.28 -2.50
CA LEU E 322 -36.81 -11.66 -2.83
C LEU E 322 -37.82 -11.39 -1.72
N ARG E 323 -38.91 -10.72 -2.08
CA ARG E 323 -40.06 -10.53 -1.22
C ARG E 323 -41.24 -11.26 -1.83
N ILE E 324 -41.80 -12.23 -1.11
CA ILE E 324 -42.96 -12.97 -1.58
C ILE E 324 -44.22 -12.12 -1.40
N MET E 325 -44.82 -11.75 -2.52
CA MET E 325 -46.05 -10.94 -2.52
C MET E 325 -47.25 -11.85 -2.27
N ASN E 326 -47.41 -12.86 -3.11
CA ASN E 326 -48.47 -13.84 -2.96
C ASN E 326 -47.89 -15.17 -2.45
N VAL E 327 -48.16 -15.47 -1.18
CA VAL E 327 -47.56 -16.63 -0.50
C VAL E 327 -47.96 -17.98 -1.13
N PRO E 328 -49.26 -18.26 -1.27
CA PRO E 328 -49.63 -19.56 -1.85
C PRO E 328 -49.33 -19.71 -3.34
N ALA E 329 -49.41 -18.60 -4.09
CA ALA E 329 -49.18 -18.62 -5.54
C ALA E 329 -47.72 -18.90 -5.90
N ALA E 330 -46.80 -18.39 -5.08
CA ALA E 330 -45.37 -18.58 -5.31
C ALA E 330 -44.91 -19.98 -4.87
N LEU E 331 -45.38 -20.43 -3.71
CA LEU E 331 -44.98 -21.73 -3.15
C LEU E 331 -45.49 -22.91 -3.97
N GLU E 332 -46.66 -22.77 -4.57
CA GLU E 332 -47.25 -23.83 -5.41
C GLU E 332 -46.58 -23.92 -6.78
N ALA E 333 -46.09 -22.79 -7.27
CA ALA E 333 -45.46 -22.71 -8.60
C ALA E 333 -43.99 -23.17 -8.58
N ARG E 334 -43.47 -23.48 -7.39
CA ARG E 334 -42.07 -23.88 -7.25
C ARG E 334 -41.90 -25.40 -7.29
N GLY E 335 -40.75 -25.84 -7.81
CA GLY E 335 -40.40 -27.26 -7.86
C GLY E 335 -39.56 -27.67 -6.66
N TYR E 336 -39.96 -28.75 -6.01
CA TYR E 336 -39.31 -29.22 -4.79
C TYR E 336 -38.61 -30.57 -4.99
N ALA E 337 -37.84 -30.99 -3.99
CA ALA E 337 -37.04 -32.21 -4.09
C ALA E 337 -37.89 -33.47 -3.91
N HIS E 338 -37.59 -34.49 -4.72
CA HIS E 338 -38.28 -35.78 -4.68
C HIS E 338 -37.80 -36.63 -3.54
N GLU E 339 -36.58 -36.35 -3.05
CA GLU E 339 -35.90 -37.18 -2.07
C GLU E 339 -36.31 -36.89 -0.62
N VAL E 340 -37.52 -36.37 -0.44
CA VAL E 340 -38.05 -36.08 0.90
C VAL E 340 -39.41 -36.74 1.12
N GLY E 341 -39.64 -37.23 2.33
CA GLY E 341 -40.92 -37.84 2.70
C GLY E 341 -42.05 -36.83 2.67
N GLU E 342 -43.26 -37.31 2.38
CA GLU E 342 -44.44 -36.44 2.28
C GLU E 342 -44.89 -35.94 3.65
N PHE E 343 -45.08 -34.63 3.76
CA PHE E 343 -45.48 -34.00 5.02
C PHE E 343 -46.46 -32.84 4.81
N SER E 344 -47.22 -32.53 5.86
CA SER E 344 -48.16 -31.41 5.87
C SER E 344 -48.01 -30.60 7.15
N THR E 345 -47.92 -29.28 7.00
CA THR E 345 -47.72 -28.38 8.15
C THR E 345 -48.36 -26.99 7.93
N VAL E 346 -48.60 -26.29 9.03
CA VAL E 346 -49.19 -24.94 9.00
C VAL E 346 -48.12 -23.89 9.27
N LEU E 347 -47.92 -23.00 8.30
CA LEU E 347 -46.91 -21.95 8.36
C LEU E 347 -47.55 -20.58 8.55
N GLU E 348 -46.94 -19.76 9.39
CA GLU E 348 -47.36 -18.39 9.58
C GLU E 348 -46.27 -17.43 9.13
N VAL E 349 -46.70 -16.22 8.79
CA VAL E 349 -45.81 -15.09 8.59
C VAL E 349 -46.36 -14.04 9.55
N SER E 350 -45.46 -13.37 10.26
CA SER E 350 -45.82 -12.40 11.31
C SER E 350 -47.13 -11.67 11.03
N ASP E 351 -47.14 -10.88 9.96
CA ASP E 351 -48.32 -10.13 9.54
C ASP E 351 -48.57 -10.34 8.04
N GLY E 352 -48.83 -11.59 7.68
CA GLY E 352 -49.11 -11.97 6.29
C GLY E 352 -50.08 -13.12 6.24
N GLY E 353 -50.60 -13.49 7.40
CA GLY E 353 -51.58 -14.55 7.52
C GLY E 353 -50.98 -15.90 7.85
N ARG E 354 -51.81 -16.93 7.80
CA ARG E 354 -51.43 -18.30 8.10
C ARG E 354 -51.78 -19.21 6.93
N PHE E 355 -50.88 -20.12 6.59
CA PHE E 355 -51.04 -20.95 5.40
C PHE E 355 -50.76 -22.43 5.66
N ALA E 356 -51.60 -23.29 5.08
CA ALA E 356 -51.41 -24.73 5.17
C ALA E 356 -50.57 -25.22 4.00
N LEU E 357 -49.46 -25.87 4.31
CA LEU E 357 -48.51 -26.32 3.30
C LEU E 357 -48.39 -27.84 3.27
N LYS E 358 -48.48 -28.41 2.08
CA LYS E 358 -48.37 -29.86 1.87
C LYS E 358 -47.40 -30.15 0.73
N ILE E 359 -46.26 -30.76 1.07
CA ILE E 359 -45.22 -31.05 0.09
C ILE E 359 -45.07 -32.57 -0.12
N GLY E 360 -45.12 -32.98 -1.38
CA GLY E 360 -44.98 -34.39 -1.76
C GLY E 360 -44.75 -34.56 -3.25
N ASP E 361 -43.87 -35.50 -3.59
CA ASP E 361 -43.53 -35.84 -4.99
C ASP E 361 -42.97 -34.70 -5.84
N GLY E 362 -42.55 -33.61 -5.20
CA GLY E 362 -41.91 -32.49 -5.89
C GLY E 362 -42.76 -31.25 -6.05
N ARG E 363 -44.07 -31.39 -5.85
CA ARG E 363 -44.98 -30.26 -5.95
C ARG E 363 -45.64 -30.00 -4.59
N ALA E 364 -46.18 -28.79 -4.42
CA ALA E 364 -46.75 -28.37 -3.14
C ALA E 364 -48.17 -27.82 -3.24
N ARG E 365 -48.95 -28.02 -2.19
CA ARG E 365 -50.29 -27.44 -2.05
C ARG E 365 -50.31 -26.38 -0.96
N CYS E 366 -50.81 -25.20 -1.30
CA CYS E 366 -50.88 -24.09 -0.33
C CYS E 366 -52.17 -23.29 -0.44
N THR E 367 -52.90 -23.22 0.68
CA THR E 367 -54.12 -22.43 0.80
C THR E 367 -54.14 -21.74 2.17
N PRO E 368 -54.67 -20.50 2.24
CA PRO E 368 -54.79 -19.77 3.51
C PRO E 368 -55.67 -20.48 4.53
N THR E 369 -55.21 -20.52 5.77
CA THR E 369 -55.93 -21.18 6.87
C THR E 369 -55.81 -20.39 8.18
N ASP E 370 -56.38 -20.92 9.26
CA ASP E 370 -56.30 -20.29 10.57
C ASP E 370 -56.12 -21.32 11.70
N ALA E 371 -55.71 -22.53 11.33
CA ALA E 371 -55.40 -23.58 12.29
C ALA E 371 -54.05 -23.32 12.97
N ALA E 372 -53.86 -23.88 14.16
CA ALA E 372 -52.66 -23.65 14.97
C ALA E 372 -51.36 -23.74 14.17
N ALA E 373 -50.56 -22.68 14.27
CA ALA E 373 -49.30 -22.56 13.53
C ALA E 373 -48.19 -23.42 14.15
N GLU E 374 -47.39 -24.05 13.29
CA GLU E 374 -46.25 -24.86 13.73
C GLU E 374 -44.94 -24.12 13.51
N ILE E 375 -44.82 -23.45 12.36
CA ILE E 375 -43.63 -22.68 12.03
C ILE E 375 -43.97 -21.18 11.97
N GLU E 376 -43.15 -20.37 12.63
CA GLU E 376 -43.33 -18.92 12.65
C GLU E 376 -42.09 -18.21 12.13
N MET E 377 -42.25 -17.49 11.02
CA MET E 377 -41.14 -16.75 10.40
C MET E 377 -41.60 -15.42 9.81
N ASP E 378 -40.67 -14.48 9.68
CA ASP E 378 -40.95 -13.19 9.06
C ASP E 378 -41.03 -13.34 7.53
N ARG E 379 -41.49 -12.29 6.87
CA ARG E 379 -41.71 -12.29 5.41
C ARG E 379 -40.40 -12.40 4.62
N ASP E 380 -39.32 -11.85 5.18
CA ASP E 380 -38.02 -11.87 4.52
C ASP E 380 -37.30 -13.22 4.64
N VAL E 381 -37.62 -13.96 5.70
CA VAL E 381 -37.02 -15.28 5.95
C VAL E 381 -37.46 -16.27 4.86
N LEU E 382 -38.71 -16.14 4.43
CA LEU E 382 -39.27 -16.95 3.35
C LEU E 382 -38.58 -16.64 2.02
N GLY E 383 -38.20 -15.38 1.84
CA GLY E 383 -37.51 -14.93 0.63
C GLY E 383 -36.16 -15.58 0.43
N SER E 384 -35.44 -15.75 1.54
CA SER E 384 -34.12 -16.40 1.53
C SER E 384 -34.25 -17.90 1.24
N LEU E 385 -35.28 -18.52 1.82
CA LEU E 385 -35.52 -19.95 1.65
C LEU E 385 -36.06 -20.32 0.28
N TYR E 386 -36.81 -19.41 -0.34
CA TYR E 386 -37.55 -19.69 -1.57
C TYR E 386 -36.72 -20.25 -2.72
N LEU E 387 -35.65 -19.55 -3.08
CA LEU E 387 -34.78 -20.00 -4.16
C LEU E 387 -33.85 -21.15 -3.73
N GLY E 388 -33.75 -21.37 -2.42
CA GLY E 388 -32.97 -22.48 -1.87
C GLY E 388 -31.49 -22.20 -1.78
N ALA E 389 -31.14 -20.99 -1.36
CA ALA E 389 -29.75 -20.61 -1.16
C ALA E 389 -29.38 -20.69 0.31
N HIS E 390 -30.35 -20.46 1.18
CA HIS E 390 -30.14 -20.49 2.63
C HIS E 390 -30.91 -21.58 3.29
N ARG E 391 -30.21 -22.35 4.12
CA ARG E 391 -30.80 -23.51 4.81
C ARG E 391 -31.66 -23.10 6.00
N ALA E 392 -32.76 -23.84 6.20
CA ALA E 392 -33.70 -23.58 7.29
C ALA E 392 -33.07 -23.82 8.67
N SER E 393 -32.14 -24.76 8.74
CA SER E 393 -31.43 -25.05 9.99
C SER E 393 -30.57 -23.89 10.46
N THR E 394 -29.93 -23.20 9.50
CA THR E 394 -29.08 -22.05 9.79
C THR E 394 -29.91 -20.87 10.28
N LEU E 395 -31.08 -20.68 9.66
CA LEU E 395 -32.00 -19.60 10.01
C LEU E 395 -32.72 -19.86 11.33
N ALA E 396 -32.93 -21.14 11.65
CA ALA E 396 -33.55 -21.53 12.92
C ALA E 396 -32.57 -21.39 14.08
N ALA E 397 -31.28 -21.57 13.79
CA ALA E 397 -30.21 -21.38 14.77
C ALA E 397 -30.09 -19.90 15.15
N ALA E 398 -30.36 -19.03 14.18
CA ALA E 398 -30.35 -17.59 14.39
C ALA E 398 -31.73 -17.07 14.86
N ASN E 399 -32.64 -18.01 15.09
CA ASN E 399 -34.01 -17.73 15.56
C ASN E 399 -34.84 -16.82 14.64
N ARG E 400 -34.58 -16.93 13.34
CA ARG E 400 -35.33 -16.18 12.33
C ARG E 400 -36.61 -16.91 11.95
N LEU E 401 -36.59 -18.23 12.10
CA LEU E 401 -37.80 -19.06 11.98
C LEU E 401 -37.91 -19.99 13.18
N ARG E 402 -39.09 -19.99 13.81
CA ARG E 402 -39.31 -20.72 15.05
C ARG E 402 -40.26 -21.89 14.88
N THR E 403 -39.86 -23.04 15.43
CA THR E 403 -40.70 -24.23 15.47
C THR E 403 -40.28 -25.14 16.63
N LYS E 404 -41.25 -25.81 17.23
CA LYS E 404 -41.00 -26.70 18.37
C LYS E 404 -40.68 -28.13 17.90
N ASP E 405 -40.90 -28.38 16.61
CA ASP E 405 -40.61 -29.67 16.00
C ASP E 405 -39.30 -29.61 15.23
N SER E 406 -38.28 -30.30 15.74
CA SER E 406 -36.95 -30.33 15.10
C SER E 406 -36.92 -31.23 13.87
N GLN E 407 -37.83 -32.19 13.81
CA GLN E 407 -37.97 -33.08 12.66
C GLN E 407 -38.47 -32.31 11.43
N LEU E 408 -39.36 -31.35 11.68
CA LEU E 408 -39.93 -30.50 10.63
C LEU E 408 -38.86 -29.63 9.96
N LEU E 409 -37.84 -29.25 10.74
CA LEU E 409 -36.72 -28.46 10.23
C LEU E 409 -35.91 -29.20 9.17
N ARG E 410 -35.59 -30.46 9.45
CA ARG E 410 -34.79 -31.30 8.56
C ARG E 410 -35.49 -31.53 7.21
N ARG E 411 -36.82 -31.62 7.27
CA ARG E 411 -37.64 -31.85 6.07
C ARG E 411 -37.80 -30.58 5.23
N LEU E 412 -37.76 -29.42 5.89
CA LEU E 412 -37.80 -28.14 5.20
C LEU E 412 -36.48 -27.82 4.50
N ASP E 413 -35.38 -28.31 5.07
CA ASP E 413 -34.05 -28.19 4.48
C ASP E 413 -33.93 -29.00 3.19
N ALA E 414 -34.49 -30.21 3.21
CA ALA E 414 -34.42 -31.12 2.07
C ALA E 414 -35.39 -30.73 0.95
N ALA E 415 -36.60 -30.30 1.33
CA ALA E 415 -37.64 -29.96 0.37
C ALA E 415 -37.31 -28.68 -0.42
N PHE E 416 -36.88 -27.64 0.29
CA PHE E 416 -36.58 -26.36 -0.33
C PHE E 416 -35.26 -26.33 -1.10
N ALA E 417 -34.42 -27.34 -0.88
CA ALA E 417 -33.14 -27.44 -1.57
C ALA E 417 -33.35 -27.60 -3.07
N SER E 418 -32.74 -26.69 -3.84
CA SER E 418 -32.86 -26.70 -5.30
C SER E 418 -31.94 -27.75 -5.91
N ASP E 419 -32.51 -28.55 -6.83
CA ASP E 419 -31.75 -29.58 -7.54
C ASP E 419 -30.66 -28.96 -8.40
N VAL E 420 -31.03 -27.99 -9.23
CA VAL E 420 -30.07 -27.23 -10.02
C VAL E 420 -29.61 -26.03 -9.19
N PRO E 421 -28.28 -25.87 -9.02
CA PRO E 421 -27.69 -24.79 -8.25
C PRO E 421 -28.21 -23.39 -8.64
N VAL E 422 -28.48 -22.57 -7.64
CA VAL E 422 -29.03 -21.23 -7.84
C VAL E 422 -27.95 -20.26 -8.31
N GLN E 423 -28.27 -19.46 -9.32
CA GLN E 423 -27.33 -18.49 -9.87
C GLN E 423 -27.96 -17.10 -9.97
N THR E 424 -27.13 -16.07 -9.81
CA THR E 424 -27.56 -14.69 -10.01
C THR E 424 -27.48 -14.38 -11.50
N ALA E 425 -28.58 -13.92 -12.08
CA ALA E 425 -28.66 -13.63 -13.51
C ALA E 425 -27.88 -12.37 -13.88
N PHE E 426 -28.53 -11.21 -13.76
CA PHE E 426 -27.86 -9.92 -13.97
C PHE E 426 -28.28 -8.90 -12.94
N GLU E 427 -27.51 -7.82 -12.82
CA GLU E 427 -27.75 -6.79 -11.83
C GLU E 427 -28.70 -5.71 -12.38
N PHE E 428 -29.77 -5.44 -11.62
CA PHE E 428 -30.75 -4.43 -12.01
C PHE E 428 -31.09 -3.50 -10.85
N VAL F 29 -6.75 -27.71 -39.52
CA VAL F 29 -5.54 -27.01 -38.98
C VAL F 29 -4.44 -26.98 -40.05
N THR F 30 -4.29 -25.82 -40.69
CA THR F 30 -3.30 -25.64 -41.76
C THR F 30 -2.52 -24.33 -41.63
N LEU F 31 -1.28 -24.35 -42.11
CA LEU F 31 -0.40 -23.18 -42.08
C LEU F 31 -0.15 -22.65 -43.49
N CYS F 32 -0.35 -21.35 -43.68
CA CYS F 32 -0.18 -20.70 -44.98
C CYS F 32 0.05 -19.18 -44.84
N SER F 33 0.28 -18.52 -45.98
CA SER F 33 0.41 -17.07 -46.04
C SER F 33 -0.95 -16.39 -45.99
N PRO F 34 -1.02 -15.16 -45.44
CA PRO F 34 -2.30 -14.48 -45.25
C PRO F 34 -2.83 -13.77 -46.49
N THR F 35 -4.15 -13.65 -46.58
CA THR F 35 -4.82 -12.93 -47.67
C THR F 35 -5.30 -11.56 -47.18
N GLU F 36 -6.39 -11.05 -47.76
CA GLU F 36 -6.95 -9.76 -47.35
C GLU F 36 -8.22 -9.93 -46.50
N ASP F 37 -8.96 -11.01 -46.75
CA ASP F 37 -10.11 -11.38 -45.94
C ASP F 37 -9.65 -12.06 -44.65
N ASP F 38 -8.37 -11.87 -44.34
CA ASP F 38 -7.69 -12.58 -43.26
C ASP F 38 -7.24 -11.62 -42.15
N TRP F 39 -6.99 -10.37 -42.53
CA TRP F 39 -6.48 -9.35 -41.60
C TRP F 39 -7.42 -8.93 -40.49
N PRO F 40 -8.74 -8.79 -40.78
CA PRO F 40 -9.68 -8.44 -39.71
C PRO F 40 -9.68 -9.43 -38.54
N GLY F 41 -9.35 -10.70 -38.83
CA GLY F 41 -9.24 -11.73 -37.80
C GLY F 41 -7.93 -11.64 -37.02
N MET F 42 -6.88 -11.13 -37.67
CA MET F 42 -5.56 -10.98 -37.04
C MET F 42 -5.55 -9.87 -36.01
N PHE F 43 -6.27 -8.77 -36.30
CA PHE F 43 -6.39 -7.65 -35.38
C PHE F 43 -7.16 -8.05 -34.13
N LEU F 44 -8.08 -8.99 -34.28
CA LEU F 44 -8.85 -9.53 -33.16
C LEU F 44 -7.94 -10.33 -32.23
N LEU F 45 -7.07 -11.14 -32.83
CA LEU F 45 -6.12 -11.96 -32.09
C LEU F 45 -5.07 -11.09 -31.38
N ALA F 46 -4.62 -10.05 -32.08
CA ALA F 46 -3.63 -9.11 -31.53
C ALA F 46 -4.20 -8.29 -30.39
N ALA F 47 -5.48 -7.91 -30.50
CA ALA F 47 -6.15 -7.11 -29.47
C ALA F 47 -6.38 -7.91 -28.19
N ALA F 48 -6.55 -9.22 -28.32
CA ALA F 48 -6.77 -10.11 -27.18
C ALA F 48 -5.47 -10.60 -26.56
N SER F 49 -4.42 -10.67 -27.36
CA SER F 49 -3.11 -11.15 -26.90
C SER F 49 -2.23 -10.05 -26.33
N PHE F 50 -2.42 -8.83 -26.83
CA PHE F 50 -1.60 -7.70 -26.39
C PHE F 50 -2.46 -6.60 -25.76
N THR F 51 -2.09 -6.22 -24.54
CA THR F 51 -2.78 -5.16 -23.81
C THR F 51 -2.41 -3.77 -24.32
N ASP F 52 -1.22 -3.67 -24.91
CA ASP F 52 -0.73 -2.42 -25.47
C ASP F 52 -0.83 -2.39 -27.01
N PHE F 53 -1.82 -3.11 -27.54
CA PHE F 53 -2.07 -3.17 -28.99
C PHE F 53 -2.49 -1.80 -29.51
N ILE F 54 -1.69 -1.28 -30.44
CA ILE F 54 -1.87 0.08 -30.97
C ILE F 54 -3.07 0.26 -31.92
N GLY F 55 -4.07 -0.60 -31.77
CA GLY F 55 -5.30 -0.50 -32.55
C GLY F 55 -5.19 -1.00 -33.98
N PRO F 56 -6.34 -1.26 -34.64
CA PRO F 56 -6.37 -1.72 -36.04
C PRO F 56 -5.87 -0.66 -37.01
N GLU F 57 -5.84 0.61 -36.58
CA GLU F 57 -5.40 1.72 -37.41
C GLU F 57 -3.87 1.77 -37.56
N SER F 58 -3.16 1.74 -36.44
CA SER F 58 -1.70 1.89 -36.44
C SER F 58 -0.97 0.61 -36.88
N ALA F 59 -1.64 -0.53 -36.77
CA ALA F 59 -1.07 -1.82 -37.17
C ALA F 59 -0.80 -1.91 -38.67
N THR F 60 -1.52 -1.10 -39.44
CA THR F 60 -1.34 -1.02 -40.89
C THR F 60 -0.06 -0.23 -41.22
N ALA F 61 0.29 0.73 -40.37
CA ALA F 61 1.49 1.54 -40.53
C ALA F 61 2.76 0.75 -40.26
N TRP F 62 2.67 -0.22 -39.36
CA TRP F 62 3.78 -1.14 -39.07
C TRP F 62 3.89 -2.21 -40.14
N ARG F 63 2.78 -2.45 -40.84
CA ARG F 63 2.68 -3.51 -41.85
C ARG F 63 3.42 -3.18 -43.15
N THR F 64 3.72 -1.90 -43.36
CA THR F 64 4.47 -1.45 -44.52
C THR F 64 5.95 -1.86 -44.45
N LEU F 65 6.37 -2.32 -43.27
CA LEU F 65 7.74 -2.77 -43.05
C LEU F 65 7.91 -4.29 -43.17
N VAL F 66 6.79 -5.00 -43.24
CA VAL F 66 6.79 -6.45 -43.44
C VAL F 66 6.86 -6.77 -44.93
N PRO F 67 7.92 -7.47 -45.37
CA PRO F 67 8.05 -7.88 -46.77
C PRO F 67 7.03 -8.97 -47.13
N THR F 68 6.71 -9.07 -48.41
CA THR F 68 5.77 -10.07 -48.92
C THR F 68 6.26 -11.48 -48.59
N ASP F 69 5.34 -12.34 -48.17
CA ASP F 69 5.64 -13.68 -47.65
C ASP F 69 6.53 -13.61 -46.40
N GLY F 70 6.24 -12.62 -45.56
CA GLY F 70 6.93 -12.43 -44.29
C GLY F 70 6.01 -12.61 -43.10
N ALA F 71 4.80 -13.08 -43.37
CA ALA F 71 3.80 -13.35 -42.33
C ALA F 71 3.17 -14.72 -42.54
N VAL F 72 2.86 -15.40 -41.45
CA VAL F 72 2.20 -16.71 -41.50
C VAL F 72 0.97 -16.76 -40.59
N VAL F 73 -0.04 -17.50 -41.03
CA VAL F 73 -1.30 -17.64 -40.28
C VAL F 73 -1.77 -19.09 -40.21
N VAL F 74 -2.47 -19.43 -39.12
CA VAL F 74 -3.03 -20.76 -38.93
C VAL F 74 -4.55 -20.66 -38.78
N ARG F 75 -5.27 -21.42 -39.59
CA ARG F 75 -6.74 -21.44 -39.57
C ARG F 75 -7.30 -22.76 -39.05
N ASP F 76 -8.51 -22.72 -38.51
CA ASP F 76 -9.17 -23.92 -37.98
C ASP F 76 -10.47 -24.20 -38.74
N GLY F 77 -10.50 -25.33 -39.44
CA GLY F 77 -11.68 -25.74 -40.20
C GLY F 77 -11.41 -26.99 -41.02
N SER F 82 -13.74 -20.89 -41.68
CA SER F 82 -12.54 -21.08 -40.88
C SER F 82 -11.97 -19.76 -40.36
N GLU F 83 -11.73 -19.70 -39.06
CA GLU F 83 -11.18 -18.51 -38.41
C GLU F 83 -9.70 -18.66 -38.12
N VAL F 84 -8.96 -17.56 -38.20
CA VAL F 84 -7.53 -17.53 -37.91
C VAL F 84 -7.28 -17.59 -36.40
N VAL F 85 -6.49 -18.57 -35.98
CA VAL F 85 -6.22 -18.81 -34.55
C VAL F 85 -4.73 -18.87 -34.22
N GLY F 86 -3.90 -18.31 -35.10
CA GLY F 86 -2.47 -18.26 -34.90
C GLY F 86 -1.79 -17.37 -35.92
N MET F 87 -0.87 -16.53 -35.45
CA MET F 87 -0.16 -15.59 -36.32
C MET F 87 1.27 -15.28 -35.85
N ALA F 88 2.14 -14.99 -36.80
CA ALA F 88 3.53 -14.60 -36.53
C ALA F 88 4.15 -13.97 -37.77
N LEU F 89 4.95 -12.92 -37.57
CA LEU F 89 5.58 -12.20 -38.68
C LEU F 89 6.94 -11.58 -38.31
N TYR F 90 7.70 -11.18 -39.33
CA TYR F 90 8.94 -10.46 -39.13
C TYR F 90 8.96 -9.14 -39.92
N MET F 91 9.80 -8.19 -39.47
CA MET F 91 9.92 -6.89 -40.12
C MET F 91 11.33 -6.65 -40.67
N ASP F 92 11.41 -5.87 -41.74
CA ASP F 92 12.69 -5.55 -42.38
C ASP F 92 13.36 -4.37 -41.67
N LEU F 93 14.27 -4.68 -40.77
CA LEU F 93 14.98 -3.68 -39.97
C LEU F 93 16.47 -3.67 -40.28
N ARG F 94 17.15 -2.59 -39.90
CA ARG F 94 18.59 -2.46 -40.12
C ARG F 94 19.35 -2.28 -38.80
N LEU F 95 19.93 -3.37 -38.32
CA LEU F 95 20.64 -3.38 -37.03
C LEU F 95 22.10 -3.01 -37.17
N THR F 96 22.55 -2.06 -36.35
CA THR F 96 23.94 -1.64 -36.31
C THR F 96 24.70 -2.47 -35.27
N VAL F 97 25.77 -3.12 -35.72
CA VAL F 97 26.61 -3.95 -34.84
C VAL F 97 27.91 -3.21 -34.53
N PRO F 98 28.64 -3.64 -33.47
CA PRO F 98 29.95 -3.04 -33.16
C PRO F 98 30.85 -2.96 -34.39
N GLY F 99 31.50 -1.81 -34.56
CA GLY F 99 32.29 -1.53 -35.77
C GLY F 99 31.50 -0.73 -36.78
N GLU F 100 30.34 -0.23 -36.37
CA GLU F 100 29.45 0.61 -37.18
C GLU F 100 28.90 -0.06 -38.45
N VAL F 101 28.97 -1.38 -38.50
CA VAL F 101 28.46 -2.14 -39.65
C VAL F 101 26.96 -2.38 -39.48
N VAL F 102 26.20 -2.07 -40.53
CA VAL F 102 24.75 -2.19 -40.51
C VAL F 102 24.30 -3.45 -41.25
N LEU F 103 23.51 -4.29 -40.56
CA LEU F 103 23.03 -5.55 -41.13
C LEU F 103 21.50 -5.55 -41.28
N PRO F 104 21.01 -6.12 -42.40
CA PRO F 104 19.56 -6.35 -42.57
C PRO F 104 19.10 -7.43 -41.60
N THR F 105 18.15 -7.08 -40.73
CA THR F 105 17.72 -7.97 -39.64
C THR F 105 16.21 -8.19 -39.67
N ALA F 106 15.82 -9.47 -39.63
CA ALA F 106 14.41 -9.85 -39.53
C ALA F 106 13.91 -9.65 -38.10
N GLY F 107 12.97 -8.73 -37.94
CA GLY F 107 12.46 -8.37 -36.61
C GLY F 107 11.12 -9.02 -36.29
N LEU F 108 11.18 -10.14 -35.57
CA LEU F 108 9.98 -10.91 -35.19
C LEU F 108 9.05 -10.12 -34.28
N SER F 109 7.80 -9.99 -34.72
CA SER F 109 6.78 -9.26 -33.97
C SER F 109 5.39 -9.82 -34.28
N PHE F 110 4.39 -9.39 -33.49
CA PHE F 110 3.00 -9.83 -33.63
C PHE F 110 2.82 -11.36 -33.51
N VAL F 111 3.69 -11.99 -32.74
CA VAL F 111 3.65 -13.44 -32.53
C VAL F 111 2.63 -13.79 -31.45
N ALA F 112 1.53 -14.42 -31.88
CA ALA F 112 0.43 -14.75 -30.96
C ALA F 112 -0.39 -15.95 -31.43
N VAL F 113 -0.76 -16.80 -30.47
CA VAL F 113 -1.62 -17.95 -30.71
C VAL F 113 -2.87 -17.81 -29.84
N ALA F 114 -4.02 -18.15 -30.40
CA ALA F 114 -5.29 -18.11 -29.69
C ALA F 114 -5.28 -19.00 -28.45
N PRO F 115 -5.87 -18.52 -27.34
CA PRO F 115 -5.98 -19.27 -26.07
C PRO F 115 -6.77 -20.57 -26.21
N THR F 116 -7.53 -20.69 -27.29
CA THR F 116 -8.33 -21.87 -27.57
C THR F 116 -7.52 -22.96 -28.30
N HIS F 117 -6.36 -22.57 -28.83
CA HIS F 117 -5.52 -23.48 -29.60
C HIS F 117 -4.09 -23.53 -29.12
N ARG F 118 -3.92 -23.40 -27.81
CA ARG F 118 -2.58 -23.50 -27.20
C ARG F 118 -2.25 -24.92 -26.73
N ARG F 119 -0.97 -25.13 -26.38
CA ARG F 119 -0.42 -26.46 -26.04
C ARG F 119 -0.63 -27.48 -27.16
N ARG F 120 -0.60 -27.00 -28.40
CA ARG F 120 -0.90 -27.82 -29.58
C ARG F 120 0.32 -27.95 -30.49
N GLY F 121 1.19 -26.95 -30.48
CA GLY F 121 2.38 -26.95 -31.31
C GLY F 121 2.31 -25.96 -32.46
N LEU F 122 1.54 -24.89 -32.27
CA LEU F 122 1.36 -23.87 -33.30
C LEU F 122 2.57 -22.95 -33.43
N LEU F 123 3.16 -22.57 -32.31
CA LEU F 123 4.37 -21.74 -32.29
C LEU F 123 5.55 -22.48 -32.89
N ARG F 124 5.69 -23.76 -32.54
CA ARG F 124 6.75 -24.62 -33.04
C ARG F 124 6.66 -24.76 -34.58
N ALA F 125 5.42 -24.76 -35.08
CA ALA F 125 5.17 -24.82 -36.52
C ALA F 125 5.41 -23.48 -37.22
N MET F 126 4.99 -22.39 -36.57
CA MET F 126 5.08 -21.05 -37.15
C MET F 126 6.50 -20.46 -37.12
N CYS F 127 7.16 -20.54 -35.96
CA CYS F 127 8.50 -19.98 -35.80
C CYS F 127 9.55 -20.69 -36.67
N ALA F 128 9.45 -22.01 -36.76
CA ALA F 128 10.36 -22.80 -37.60
C ALA F 128 10.13 -22.55 -39.10
N GLU F 129 8.89 -22.22 -39.45
CA GLU F 129 8.52 -21.86 -40.82
C GLU F 129 9.11 -20.49 -41.21
N LEU F 130 9.01 -19.53 -40.30
CA LEU F 130 9.53 -18.18 -40.53
C LEU F 130 11.06 -18.14 -40.60
N HIS F 131 11.72 -18.93 -39.75
CA HIS F 131 13.18 -19.05 -39.79
C HIS F 131 13.65 -19.57 -41.11
N ARG F 132 12.87 -20.47 -41.69
CA ARG F 132 13.15 -21.02 -43.02
C ARG F 132 12.95 -19.95 -44.10
N ARG F 133 11.98 -19.07 -43.89
CA ARG F 133 11.73 -17.94 -44.80
C ARG F 133 12.78 -16.85 -44.65
N ILE F 134 13.30 -16.69 -43.42
CA ILE F 134 14.34 -15.71 -43.12
C ILE F 134 15.66 -16.09 -43.80
N ALA F 135 15.96 -17.39 -43.84
CA ALA F 135 17.15 -17.91 -44.50
C ALA F 135 17.08 -17.77 -46.02
N ASP F 136 15.86 -17.85 -46.57
CA ASP F 136 15.62 -17.71 -48.01
C ASP F 136 15.86 -16.28 -48.50
N SER F 137 15.52 -15.30 -47.66
CA SER F 137 15.75 -13.89 -47.98
C SER F 137 17.20 -13.48 -47.74
N GLY F 138 17.91 -14.27 -46.94
CA GLY F 138 19.35 -14.09 -46.72
C GLY F 138 19.72 -13.08 -45.65
N TYR F 139 18.97 -13.10 -44.55
CA TYR F 139 19.30 -12.26 -43.39
C TYR F 139 20.39 -12.93 -42.55
N PRO F 140 21.44 -12.16 -42.17
CA PRO F 140 22.50 -12.70 -41.31
C PRO F 140 22.02 -12.98 -39.88
N VAL F 141 21.13 -12.15 -39.35
CA VAL F 141 20.63 -12.28 -37.98
C VAL F 141 19.13 -12.06 -37.86
N ALA F 142 18.54 -12.62 -36.80
CA ALA F 142 17.13 -12.41 -36.47
C ALA F 142 16.99 -11.79 -35.08
N ALA F 143 15.93 -11.02 -34.86
CA ALA F 143 15.76 -10.28 -33.61
C ALA F 143 14.31 -10.13 -33.16
N LEU F 144 14.11 -10.05 -31.85
CA LEU F 144 12.78 -9.80 -31.25
C LEU F 144 12.85 -9.26 -29.82
N HIS F 145 11.70 -8.79 -29.32
CA HIS F 145 11.53 -8.44 -27.92
C HIS F 145 10.62 -9.43 -27.27
N ALA F 146 11.10 -10.06 -26.19
CA ALA F 146 10.39 -11.17 -25.56
C ALA F 146 9.42 -10.74 -24.46
N SER F 147 8.28 -11.41 -24.41
CA SER F 147 7.29 -11.20 -23.34
C SER F 147 7.69 -11.94 -22.07
N GLU F 148 8.37 -13.07 -22.24
CA GLU F 148 8.95 -13.83 -21.14
C GLU F 148 10.34 -14.33 -21.54
N GLY F 149 11.25 -14.36 -20.57
CA GLY F 149 12.64 -14.74 -20.84
C GLY F 149 12.91 -16.24 -20.96
N GLY F 150 11.85 -17.02 -21.18
CA GLY F 150 11.97 -18.47 -21.27
C GLY F 150 11.38 -19.10 -22.51
N ILE F 151 10.48 -18.37 -23.18
CA ILE F 151 9.80 -18.86 -24.39
C ILE F 151 10.77 -18.94 -25.58
N TYR F 152 11.63 -17.94 -25.71
CA TYR F 152 12.48 -17.80 -26.90
C TYR F 152 13.94 -18.21 -26.70
N GLY F 153 14.29 -18.61 -25.47
CA GLY F 153 15.64 -19.10 -25.16
C GLY F 153 15.95 -20.41 -25.85
N ARG F 154 14.90 -21.19 -26.14
CA ARG F 154 15.02 -22.49 -26.80
C ARG F 154 15.01 -22.39 -28.32
N PHE F 155 14.34 -21.38 -28.86
CA PHE F 155 14.26 -21.19 -30.31
C PHE F 155 15.52 -20.60 -30.95
N GLY F 156 16.52 -20.30 -30.12
CA GLY F 156 17.81 -19.81 -30.60
C GLY F 156 18.07 -18.35 -30.32
N TYR F 157 17.11 -17.69 -29.67
CA TYR F 157 17.23 -16.27 -29.31
C TYR F 157 17.88 -16.12 -27.93
N GLY F 158 18.89 -15.27 -27.86
CA GLY F 158 19.56 -14.97 -26.59
C GLY F 158 19.49 -13.49 -26.25
N PRO F 159 19.36 -13.16 -24.95
CA PRO F 159 19.31 -11.77 -24.49
C PRO F 159 20.56 -11.01 -24.91
N ALA F 160 20.43 -10.17 -25.93
CA ALA F 160 21.57 -9.47 -26.53
C ALA F 160 21.88 -8.12 -25.91
N THR F 161 20.83 -7.38 -25.50
CA THR F 161 21.00 -6.09 -24.83
C THR F 161 20.33 -6.11 -23.45
N THR F 162 20.80 -5.22 -22.57
CA THR F 162 20.26 -5.13 -21.21
C THR F 162 19.67 -3.75 -20.94
N LEU F 163 18.39 -3.73 -20.56
CA LEU F 163 17.70 -2.50 -20.17
C LEU F 163 18.07 -2.15 -18.72
N HIS F 164 18.22 -0.85 -18.47
CA HIS F 164 18.75 -0.37 -17.20
C HIS F 164 18.06 0.92 -16.82
N GLU F 165 16.93 0.81 -16.14
CA GLU F 165 16.15 1.98 -15.75
C GLU F 165 16.76 2.72 -14.56
N LEU F 166 17.02 4.02 -14.76
CA LEU F 166 17.55 4.88 -13.72
C LEU F 166 16.52 5.90 -13.25
N THR F 167 16.40 6.07 -11.95
CA THR F 167 15.52 7.07 -11.37
C THR F 167 16.35 8.01 -10.48
N VAL F 168 16.38 9.29 -10.86
CA VAL F 168 17.20 10.28 -10.17
C VAL F 168 16.33 11.24 -9.37
N ASP F 169 16.57 11.31 -8.05
CA ASP F 169 15.93 12.30 -7.20
C ASP F 169 16.61 13.66 -7.46
N ARG F 170 16.02 14.42 -8.38
CA ARG F 170 16.61 15.65 -8.89
C ARG F 170 16.74 16.77 -7.85
N ARG F 171 15.91 16.69 -6.81
CA ARG F 171 15.93 17.69 -5.72
C ARG F 171 17.25 17.69 -4.97
N PHE F 172 17.94 16.54 -5.00
CA PHE F 172 19.25 16.40 -4.35
C PHE F 172 20.39 16.39 -5.37
N ALA F 173 20.05 16.18 -6.64
CA ALA F 173 21.05 16.03 -7.71
C ALA F 173 21.88 17.29 -7.96
N ARG F 174 23.17 17.17 -7.68
CA ARG F 174 24.15 18.23 -7.95
C ARG F 174 25.24 17.71 -8.87
N PHE F 175 25.58 18.52 -9.88
CA PHE F 175 26.61 18.15 -10.85
C PHE F 175 28.02 18.29 -10.32
N HIS F 176 28.89 17.37 -10.73
CA HIS F 176 30.29 17.35 -10.32
C HIS F 176 31.05 18.50 -10.94
N ALA F 177 32.14 18.90 -10.29
CA ALA F 177 32.99 19.99 -10.80
C ALA F 177 33.62 19.64 -12.14
N ASP F 178 33.75 18.35 -12.41
CA ASP F 178 34.36 17.85 -13.64
C ASP F 178 33.37 17.78 -14.80
N ALA F 179 32.07 17.87 -14.49
CA ALA F 179 31.02 17.77 -15.50
C ALA F 179 31.06 18.91 -16.53
N PRO F 180 30.98 18.56 -17.83
CA PRO F 180 30.99 19.53 -18.94
C PRO F 180 29.89 20.59 -18.84
N GLY F 181 30.23 21.82 -19.23
CA GLY F 181 29.31 22.95 -19.17
C GLY F 181 29.00 23.38 -17.74
N GLY F 182 30.03 23.38 -16.89
CA GLY F 182 29.88 23.71 -15.47
C GLY F 182 30.27 25.14 -15.14
N GLY F 183 29.63 26.09 -15.81
CA GLY F 183 29.86 27.51 -15.56
C GLY F 183 28.70 28.37 -16.02
N LEU F 184 28.94 29.67 -16.11
CA LEU F 184 27.92 30.61 -16.57
C LEU F 184 27.97 30.77 -18.10
N GLY F 185 26.84 31.19 -18.66
CA GLY F 185 26.71 31.34 -20.12
C GLY F 185 25.47 30.63 -20.62
N GLY F 186 24.99 31.06 -21.79
CA GLY F 186 23.77 30.52 -22.40
C GLY F 186 23.85 29.04 -22.73
N SER F 187 22.88 28.29 -22.23
CA SER F 187 22.79 26.85 -22.50
C SER F 187 22.36 26.59 -23.94
N SER F 188 22.95 25.57 -24.55
CA SER F 188 22.68 25.24 -25.95
C SER F 188 21.50 24.25 -26.10
N VAL F 189 20.64 24.19 -25.08
CA VAL F 189 19.48 23.32 -25.08
C VAL F 189 18.19 24.15 -25.08
N ARG F 190 17.23 23.76 -25.91
CA ARG F 190 15.94 24.45 -26.01
C ARG F 190 14.78 23.54 -25.63
N LEU F 191 13.73 24.13 -25.05
CA LEU F 191 12.49 23.43 -24.78
C LEU F 191 11.54 23.63 -25.96
N VAL F 192 11.27 22.56 -26.69
CA VAL F 192 10.45 22.65 -27.92
C VAL F 192 9.36 21.59 -27.99
N ARG F 193 8.33 21.85 -28.79
CA ARG F 193 7.29 20.86 -29.08
C ARG F 193 7.83 19.78 -30.03
N PRO F 194 7.55 18.50 -29.71
CA PRO F 194 8.12 17.37 -30.45
C PRO F 194 7.59 17.20 -31.88
N THR F 195 6.36 17.66 -32.12
CA THR F 195 5.73 17.54 -33.44
C THR F 195 6.18 18.61 -34.43
N GLU F 196 6.74 19.70 -33.90
CA GLU F 196 7.13 20.86 -34.71
C GLU F 196 8.62 20.86 -35.07
N HIS F 197 9.34 19.81 -34.70
CA HIS F 197 10.77 19.70 -34.96
C HIS F 197 11.18 18.35 -35.47
N ARG F 198 10.26 17.70 -36.20
CA ARG F 198 10.47 16.33 -36.70
C ARG F 198 11.76 16.17 -37.52
N GLY F 199 12.05 17.15 -38.36
CA GLY F 199 13.23 17.12 -39.24
C GLY F 199 14.55 17.01 -38.51
N GLU F 200 14.65 17.65 -37.35
CA GLU F 200 15.86 17.63 -36.52
C GLU F 200 16.02 16.31 -35.75
N PHE F 201 14.91 15.78 -35.24
CA PHE F 201 14.93 14.52 -34.50
C PHE F 201 15.36 13.34 -35.39
N GLU F 202 14.88 13.34 -36.62
CA GLU F 202 15.26 12.32 -37.61
C GLU F 202 16.73 12.43 -37.99
N ALA F 203 17.23 13.67 -38.02
CA ALA F 203 18.63 13.95 -38.35
C ALA F 203 19.58 13.52 -37.23
N ILE F 204 19.20 13.79 -35.99
CA ILE F 204 20.01 13.43 -34.82
C ILE F 204 19.97 11.92 -34.55
N TYR F 205 18.80 11.31 -34.76
CA TYR F 205 18.62 9.87 -34.55
C TYR F 205 19.43 9.05 -35.55
N GLU F 206 19.44 9.48 -36.81
CA GLU F 206 20.16 8.79 -37.89
C GLU F 206 21.67 8.75 -37.62
N ARG F 207 22.20 9.83 -37.05
CA ARG F 207 23.61 9.91 -36.68
C ARG F 207 23.92 9.05 -35.45
N TRP F 208 22.96 8.99 -34.52
CA TRP F 208 23.11 8.19 -33.30
C TRP F 208 23.04 6.71 -33.56
N ARG F 209 22.06 6.29 -34.36
CA ARG F 209 21.78 4.87 -34.59
C ARG F 209 22.84 4.17 -35.46
N GLN F 210 23.73 4.94 -36.07
CA GLN F 210 24.76 4.39 -36.94
C GLN F 210 26.13 4.22 -36.28
N GLN F 211 26.39 5.02 -35.24
CA GLN F 211 27.67 4.94 -34.52
C GLN F 211 27.59 4.14 -33.21
N VAL F 212 26.37 3.92 -32.73
CA VAL F 212 26.14 3.16 -31.50
C VAL F 212 25.59 1.76 -31.83
N PRO F 213 26.27 0.70 -31.33
CA PRO F 213 25.82 -0.67 -31.54
C PRO F 213 24.44 -0.92 -30.92
N GLY F 214 23.57 -1.59 -31.67
CA GLY F 214 22.21 -1.89 -31.24
C GLY F 214 21.19 -0.94 -31.83
N GLY F 215 21.67 0.06 -32.57
CA GLY F 215 20.79 1.05 -33.21
C GLY F 215 20.04 0.49 -34.41
N LEU F 216 18.79 0.91 -34.55
CA LEU F 216 17.93 0.46 -35.65
C LEU F 216 17.49 1.62 -36.52
N LEU F 217 17.32 1.35 -37.81
CA LEU F 217 16.82 2.33 -38.78
C LEU F 217 15.33 2.56 -38.56
N ARG F 218 14.96 3.82 -38.33
CA ARG F 218 13.56 4.18 -38.14
C ARG F 218 13.01 4.92 -39.37
N PRO F 219 12.12 4.23 -40.13
CA PRO F 219 11.54 4.75 -41.37
C PRO F 219 10.52 5.86 -41.13
N GLN F 220 9.98 6.39 -42.23
CA GLN F 220 8.99 7.48 -42.19
C GLN F 220 7.68 7.07 -41.53
N VAL F 221 7.34 5.78 -41.66
CA VAL F 221 6.09 5.24 -41.11
C VAL F 221 6.10 5.08 -39.59
N LEU F 222 7.31 5.03 -39.00
CA LEU F 222 7.45 4.89 -37.55
C LEU F 222 7.54 6.22 -36.82
N TRP F 223 7.99 7.25 -37.52
CA TRP F 223 8.00 8.62 -36.97
C TRP F 223 6.61 9.20 -36.94
N ASP F 224 5.72 8.68 -37.78
CA ASP F 224 4.31 9.04 -37.78
C ASP F 224 3.63 8.58 -36.49
N GLU F 225 3.97 7.36 -36.05
CA GLU F 225 3.35 6.76 -34.87
C GLU F 225 3.97 7.23 -33.56
N LEU F 226 5.24 7.60 -33.60
CA LEU F 226 5.93 8.14 -32.42
C LEU F 226 5.40 9.53 -32.06
N LEU F 227 5.20 10.36 -33.08
CA LEU F 227 4.70 11.73 -32.91
C LEU F 227 3.19 11.77 -32.66
N ALA F 228 2.49 10.70 -33.02
CA ALA F 228 1.05 10.59 -32.79
C ALA F 228 0.74 10.28 -31.31
N GLU F 229 1.71 9.68 -30.63
CA GLU F 229 1.57 9.36 -29.21
C GLU F 229 2.02 10.52 -28.32
N ALA F 230 2.70 11.50 -28.92
CA ALA F 230 3.22 12.66 -28.19
C ALA F 230 2.12 13.58 -27.68
N LYS F 231 1.10 13.81 -28.51
CA LYS F 231 -0.05 14.64 -28.13
C LYS F 231 -0.87 13.97 -27.02
N ALA F 232 -1.37 14.80 -26.11
CA ALA F 232 -2.14 14.33 -24.96
C ALA F 232 -3.43 13.62 -25.36
N ALA F 233 -3.62 12.42 -24.84
CA ALA F 233 -4.81 11.62 -25.12
C ALA F 233 -5.85 11.78 -24.02
N PRO F 234 -7.13 11.96 -24.39
CA PRO F 234 -8.22 12.07 -23.41
C PRO F 234 -8.38 10.79 -22.58
N GLY F 235 -8.00 10.87 -21.31
CA GLY F 235 -8.05 9.73 -20.41
C GLY F 235 -6.86 8.79 -20.55
N GLY F 236 -5.74 9.34 -21.03
CA GLY F 236 -4.52 8.55 -21.21
C GLY F 236 -3.29 9.29 -20.75
N ASP F 237 -2.24 9.27 -21.57
CA ASP F 237 -0.97 9.92 -21.25
C ASP F 237 -1.06 11.44 -21.43
N ARG F 238 -0.16 12.14 -20.74
CA ARG F 238 -0.07 13.60 -20.84
C ARG F 238 0.74 13.99 -22.07
N GLU F 239 0.69 15.27 -22.44
CA GLU F 239 1.41 15.78 -23.62
C GLU F 239 2.92 15.65 -23.45
N SER F 240 3.58 15.09 -24.47
CA SER F 240 5.02 14.93 -24.47
C SER F 240 5.73 16.22 -24.84
N PHE F 241 6.87 16.47 -24.18
CA PHE F 241 7.70 17.64 -24.47
C PHE F 241 9.10 17.20 -24.87
N ALA F 242 9.82 18.07 -25.57
CA ALA F 242 11.14 17.74 -26.07
C ALA F 242 12.21 18.77 -25.70
N LEU F 243 13.36 18.27 -25.26
CA LEU F 243 14.53 19.11 -25.03
C LEU F 243 15.49 18.90 -26.21
N LEU F 244 15.81 19.99 -26.91
CA LEU F 244 16.60 19.92 -28.15
C LEU F 244 17.99 20.53 -28.03
N HIS F 245 18.98 19.78 -28.52
CA HIS F 245 20.37 20.20 -28.57
C HIS F 245 20.90 19.83 -29.93
N PRO F 246 21.75 20.69 -30.53
CA PRO F 246 22.30 20.44 -31.87
C PRO F 246 22.76 19.00 -32.14
N ASP F 247 23.15 18.28 -31.10
CA ASP F 247 23.66 16.91 -31.24
C ASP F 247 22.86 15.86 -30.46
N GLY F 248 21.81 16.29 -29.77
CA GLY F 248 21.01 15.36 -28.96
C GLY F 248 19.60 15.83 -28.64
N TYR F 249 18.73 14.89 -28.30
CA TYR F 249 17.35 15.23 -27.91
C TYR F 249 16.79 14.35 -26.80
N ALA F 250 15.97 14.97 -25.94
CA ALA F 250 15.31 14.28 -24.85
C ALA F 250 13.80 14.34 -25.02
N LEU F 251 13.17 13.18 -25.20
CA LEU F 251 11.73 13.08 -25.37
C LEU F 251 11.09 12.55 -24.09
N TYR F 252 10.45 13.45 -23.33
CA TYR F 252 9.90 13.11 -22.02
C TYR F 252 8.42 13.45 -21.88
N ARG F 253 7.79 12.88 -20.85
CA ARG F 253 6.41 13.17 -20.48
C ARG F 253 6.20 12.94 -18.99
N VAL F 254 5.34 13.76 -18.39
CA VAL F 254 4.97 13.60 -16.98
C VAL F 254 4.03 12.39 -16.85
N ASP F 255 4.26 11.57 -15.82
CA ASP F 255 3.46 10.37 -15.59
C ASP F 255 2.01 10.70 -15.33
N ARG F 256 1.11 9.87 -15.84
CA ARG F 256 -0.34 10.08 -15.74
C ARG F 256 -0.87 10.14 -14.31
N THR F 257 -0.43 9.22 -13.46
CA THR F 257 -0.89 9.15 -12.07
C THR F 257 0.13 9.72 -11.07
N ASP F 258 1.40 9.79 -11.47
CA ASP F 258 2.44 10.39 -10.66
C ASP F 258 2.86 11.74 -11.25
N LEU F 259 2.30 12.80 -10.71
CA LEU F 259 2.52 14.16 -11.24
C LEU F 259 3.91 14.73 -10.92
N LYS F 260 4.66 14.05 -10.06
CA LYS F 260 6.01 14.49 -9.70
C LYS F 260 7.10 13.70 -10.43
N LEU F 261 6.68 12.74 -11.25
CA LEU F 261 7.61 11.91 -12.02
C LEU F 261 7.62 12.28 -13.49
N ALA F 262 8.81 12.50 -14.02
CA ALA F 262 8.99 12.77 -15.46
C ALA F 262 9.66 11.58 -16.13
N ARG F 263 8.93 10.95 -17.06
CA ARG F 263 9.42 9.78 -17.78
C ARG F 263 10.08 10.14 -19.09
N VAL F 264 11.41 10.03 -19.14
CA VAL F 264 12.15 10.23 -20.38
C VAL F 264 12.01 8.96 -21.21
N SER F 265 11.10 9.01 -22.19
CA SER F 265 10.82 7.88 -23.07
C SER F 265 11.95 7.64 -24.07
N GLU F 266 12.70 8.70 -24.37
CA GLU F 266 13.76 8.63 -25.37
C GLU F 266 14.88 9.65 -25.12
N LEU F 267 16.12 9.18 -25.19
CA LEU F 267 17.30 10.03 -25.03
C LEU F 267 18.38 9.59 -26.02
N ARG F 268 18.59 10.40 -27.05
CA ARG F 268 19.59 10.11 -28.07
C ARG F 268 20.66 11.19 -28.10
N ALA F 269 21.87 10.82 -27.67
CA ALA F 269 22.99 11.75 -27.62
C ALA F 269 24.17 11.25 -28.46
N VAL F 270 24.68 12.13 -29.31
CA VAL F 270 25.78 11.81 -30.22
C VAL F 270 27.15 12.06 -29.55
N THR F 271 27.33 13.26 -29.01
CA THR F 271 28.57 13.63 -28.35
C THR F 271 28.46 13.54 -26.82
N ALA F 272 29.61 13.51 -26.16
CA ALA F 272 29.67 13.47 -24.70
C ALA F 272 29.12 14.76 -24.07
N ASP F 273 29.21 15.85 -24.82
CA ASP F 273 28.63 17.13 -24.40
C ASP F 273 27.12 17.14 -24.51
N ALA F 274 26.60 16.53 -25.58
CA ALA F 274 25.15 16.44 -25.83
C ALA F 274 24.43 15.64 -24.74
N HIS F 275 25.10 14.63 -24.21
CA HIS F 275 24.56 13.82 -23.12
C HIS F 275 24.50 14.59 -21.84
N CYS F 276 25.56 15.35 -21.55
CA CYS F 276 25.66 16.12 -20.32
C CYS F 276 24.74 17.35 -20.31
N ALA F 277 24.63 18.00 -21.46
CA ALA F 277 23.83 19.22 -21.60
C ALA F 277 22.32 18.96 -21.44
N LEU F 278 21.87 17.80 -21.91
CA LEU F 278 20.46 17.41 -21.79
C LEU F 278 20.08 17.01 -20.36
N TRP F 279 21.04 16.45 -19.62
CA TRP F 279 20.81 16.06 -18.23
C TRP F 279 20.92 17.20 -17.26
N ARG F 280 21.58 18.27 -17.69
CA ARG F 280 21.55 19.54 -16.95
C ARG F 280 20.15 20.16 -17.08
N ALA F 281 19.53 19.94 -18.23
CA ALA F 281 18.19 20.44 -18.52
C ALA F 281 17.10 19.62 -17.83
N LEU F 282 17.26 18.30 -17.82
CA LEU F 282 16.28 17.39 -17.23
C LEU F 282 16.19 17.52 -15.71
N ILE F 283 17.33 17.73 -15.06
CA ILE F 283 17.37 17.97 -13.61
C ILE F 283 16.89 19.41 -13.32
N GLY F 284 16.86 20.23 -14.36
CA GLY F 284 16.35 21.60 -14.26
C GLY F 284 14.83 21.71 -14.14
N LEU F 285 14.13 20.59 -14.31
CA LEU F 285 12.68 20.54 -14.19
C LEU F 285 12.24 20.65 -12.73
N ASP F 286 12.17 21.88 -12.22
CA ASP F 286 11.85 22.14 -10.81
C ASP F 286 10.44 21.72 -10.39
N SER F 287 9.60 21.42 -11.38
CA SER F 287 8.23 20.95 -11.12
C SER F 287 8.19 19.48 -10.71
N MET F 288 9.26 18.75 -11.03
CA MET F 288 9.32 17.31 -10.78
C MET F 288 10.16 16.98 -9.55
N GLU F 289 9.91 15.80 -8.97
CA GLU F 289 10.71 15.27 -7.87
C GLU F 289 11.74 14.27 -8.38
N ARG F 290 11.31 13.44 -9.34
CA ARG F 290 12.12 12.34 -9.84
C ARG F 290 12.04 12.23 -11.37
N ILE F 291 13.17 11.87 -11.99
CA ILE F 291 13.23 11.67 -13.43
C ILE F 291 13.62 10.21 -13.72
N SER F 292 12.73 9.49 -14.40
CA SER F 292 12.96 8.10 -14.74
C SER F 292 13.31 7.91 -16.22
N ILE F 293 14.27 7.03 -16.49
CA ILE F 293 14.73 6.76 -17.85
C ILE F 293 15.18 5.30 -18.02
N ILE F 294 14.73 4.67 -19.10
CA ILE F 294 15.15 3.31 -19.43
C ILE F 294 16.34 3.37 -20.40
N THR F 295 17.53 3.16 -19.86
CA THR F 295 18.78 3.29 -20.63
C THR F 295 19.64 2.02 -20.59
N HIS F 296 20.94 2.15 -20.82
CA HIS F 296 21.88 1.02 -20.82
C HIS F 296 22.78 1.04 -19.61
N PRO F 297 23.34 -0.14 -19.23
CA PRO F 297 24.15 -0.27 -18.00
C PRO F 297 25.34 0.68 -17.92
N GLN F 298 25.98 0.96 -19.05
CA GLN F 298 27.18 1.80 -19.07
C GLN F 298 26.88 3.28 -19.32
N ASP F 299 25.74 3.75 -18.81
CA ASP F 299 25.38 5.16 -18.89
C ASP F 299 26.24 5.96 -17.89
N PRO F 300 26.87 7.05 -18.35
CA PRO F 300 27.77 7.83 -17.50
C PRO F 300 27.08 8.89 -16.64
N LEU F 301 25.76 8.79 -16.49
CA LEU F 301 24.98 9.75 -15.69
C LEU F 301 25.31 9.76 -14.19
N PRO F 302 25.48 8.56 -13.57
CA PRO F 302 25.84 8.55 -12.14
C PRO F 302 27.15 9.27 -11.83
N HIS F 303 28.14 9.11 -12.70
CA HIS F 303 29.46 9.73 -12.52
C HIS F 303 29.44 11.22 -12.79
N LEU F 304 28.37 11.67 -13.44
CA LEU F 304 28.20 13.08 -13.80
C LEU F 304 27.79 13.92 -12.60
N LEU F 305 27.28 13.26 -11.56
CA LEU F 305 26.84 13.92 -10.32
C LEU F 305 27.87 13.78 -9.21
N THR F 306 27.78 14.64 -8.20
CA THR F 306 28.64 14.56 -7.01
C THR F 306 28.33 13.31 -6.18
N ASP F 307 27.09 12.84 -6.30
CA ASP F 307 26.63 11.61 -5.64
C ASP F 307 26.19 10.62 -6.70
N THR F 308 26.99 9.55 -6.86
CA THR F 308 26.72 8.51 -7.85
C THR F 308 25.47 7.69 -7.51
N ARG F 309 25.16 7.61 -6.22
CA ARG F 309 24.04 6.81 -5.73
C ARG F 309 22.69 7.46 -5.97
N LEU F 310 22.69 8.76 -6.25
CA LEU F 310 21.45 9.50 -6.54
C LEU F 310 20.79 9.03 -7.84
N ALA F 311 21.59 8.47 -8.73
CA ALA F 311 21.08 7.83 -9.93
C ALA F 311 20.83 6.34 -9.64
N ARG F 312 19.77 6.07 -8.88
CA ARG F 312 19.42 4.72 -8.46
C ARG F 312 18.89 3.87 -9.62
N THR F 313 19.41 2.65 -9.72
CA THR F 313 18.88 1.67 -10.67
C THR F 313 17.67 0.98 -10.04
N THR F 314 16.49 1.30 -10.56
CA THR F 314 15.24 0.82 -9.99
C THR F 314 14.66 -0.39 -10.74
N TRP F 315 15.23 -0.68 -11.90
CA TRP F 315 14.71 -1.73 -12.78
C TRP F 315 15.77 -2.26 -13.71
N ARG F 316 15.75 -3.58 -13.91
CA ARG F 316 16.69 -4.27 -14.78
C ARG F 316 15.99 -5.39 -15.55
N GLN F 317 16.23 -5.45 -16.86
CA GLN F 317 15.64 -6.46 -17.72
C GLN F 317 16.43 -6.62 -19.02
N ASP F 318 16.18 -7.70 -19.75
CA ASP F 318 16.75 -7.89 -21.08
C ASP F 318 15.96 -7.09 -22.12
N GLY F 319 16.67 -6.56 -23.11
CA GLY F 319 16.07 -5.73 -24.15
C GLY F 319 15.84 -6.48 -25.45
N LEU F 320 16.84 -6.45 -26.31
CA LEU F 320 16.77 -7.06 -27.63
C LEU F 320 17.28 -8.50 -27.58
N TRP F 321 16.59 -9.40 -28.29
CA TRP F 321 17.00 -10.80 -28.38
C TRP F 321 17.52 -11.08 -29.76
N LEU F 322 18.63 -11.84 -29.82
CA LEU F 322 19.30 -12.12 -31.10
C LEU F 322 19.44 -13.60 -31.41
N ARG F 323 19.05 -13.96 -32.63
CA ARG F 323 19.24 -15.32 -33.16
C ARG F 323 20.05 -15.23 -34.44
N ILE F 324 21.32 -15.63 -34.36
CA ILE F 324 22.19 -15.61 -35.53
C ILE F 324 21.75 -16.69 -36.52
N MET F 325 21.26 -16.25 -37.68
CA MET F 325 20.78 -17.15 -38.73
C MET F 325 21.95 -17.72 -39.52
N ASN F 326 22.72 -16.83 -40.14
CA ASN F 326 23.93 -17.20 -40.86
C ASN F 326 25.15 -16.94 -39.99
N VAL F 327 25.71 -18.01 -39.45
CA VAL F 327 26.80 -17.94 -38.47
C VAL F 327 28.07 -17.25 -39.02
N PRO F 328 28.59 -17.72 -40.18
CA PRO F 328 29.81 -17.09 -40.71
C PRO F 328 29.62 -15.66 -41.21
N ALA F 329 28.43 -15.34 -41.73
CA ALA F 329 28.13 -14.02 -42.26
C ALA F 329 28.03 -12.96 -41.16
N ALA F 330 27.52 -13.37 -39.99
CA ALA F 330 27.33 -12.46 -38.87
C ALA F 330 28.63 -12.18 -38.12
N LEU F 331 29.39 -13.23 -37.83
CA LEU F 331 30.64 -13.11 -37.06
C LEU F 331 31.73 -12.30 -37.76
N GLU F 332 31.81 -12.44 -39.09
CA GLU F 332 32.79 -11.72 -39.90
C GLU F 332 32.48 -10.23 -40.01
N ALA F 333 31.19 -9.91 -40.09
CA ALA F 333 30.72 -8.53 -40.26
C ALA F 333 30.91 -7.67 -38.99
N ARG F 334 31.06 -8.33 -37.85
CA ARG F 334 31.20 -7.63 -36.58
C ARG F 334 32.62 -7.07 -36.39
N GLY F 335 32.71 -5.98 -35.64
CA GLY F 335 33.99 -5.37 -35.29
C GLY F 335 34.45 -5.81 -33.90
N TYR F 336 35.72 -6.17 -33.78
CA TYR F 336 36.27 -6.71 -32.55
C TYR F 336 37.34 -5.79 -31.95
N ALA F 337 37.75 -6.10 -30.72
CA ALA F 337 38.71 -5.26 -29.99
C ALA F 337 40.14 -5.37 -30.54
N HIS F 338 40.81 -4.23 -30.60
CA HIS F 338 42.18 -4.15 -31.10
C HIS F 338 43.21 -4.49 -30.05
N GLU F 339 42.77 -4.53 -28.80
CA GLU F 339 43.68 -4.73 -27.66
C GLU F 339 44.04 -6.20 -27.40
N VAL F 340 43.25 -7.12 -27.95
CA VAL F 340 43.47 -8.55 -27.77
C VAL F 340 44.48 -9.09 -28.80
N GLY F 341 45.32 -10.04 -28.37
CA GLY F 341 46.29 -10.68 -29.24
C GLY F 341 45.63 -11.60 -30.26
N GLU F 342 46.30 -11.78 -31.40
CA GLU F 342 45.77 -12.59 -32.50
C GLU F 342 45.69 -14.07 -32.13
N PHE F 343 44.53 -14.68 -32.36
CA PHE F 343 44.30 -16.09 -32.03
C PHE F 343 43.32 -16.77 -32.99
N SER F 344 43.40 -18.09 -33.07
CA SER F 344 42.51 -18.89 -33.91
C SER F 344 41.96 -20.10 -33.17
N THR F 345 40.69 -20.42 -33.43
CA THR F 345 40.01 -21.54 -32.78
C THR F 345 38.85 -22.10 -33.62
N VAL F 346 38.35 -23.27 -33.24
CA VAL F 346 37.20 -23.89 -33.91
C VAL F 346 35.99 -23.88 -32.97
N LEU F 347 34.91 -23.25 -33.42
CA LEU F 347 33.68 -23.12 -32.64
C LEU F 347 32.59 -24.07 -33.15
N GLU F 348 31.86 -24.68 -32.21
CA GLU F 348 30.76 -25.57 -32.56
C GLU F 348 29.42 -25.05 -32.05
N VAL F 349 28.46 -24.93 -32.95
CA VAL F 349 27.10 -24.53 -32.61
C VAL F 349 26.23 -25.78 -32.53
N SER F 350 25.48 -25.90 -31.43
CA SER F 350 24.68 -27.09 -31.10
C SER F 350 24.11 -27.85 -32.30
N ASP F 351 23.32 -27.17 -33.12
CA ASP F 351 22.67 -27.80 -34.25
C ASP F 351 22.85 -26.99 -35.54
N GLY F 352 23.85 -26.11 -35.52
CA GLY F 352 24.18 -25.27 -36.68
C GLY F 352 25.45 -25.67 -37.39
N GLY F 353 26.17 -26.65 -36.81
CA GLY F 353 27.41 -27.15 -37.39
C GLY F 353 28.66 -26.71 -36.65
N ARG F 354 29.78 -26.74 -37.36
CA ARG F 354 31.08 -26.38 -36.78
C ARG F 354 31.78 -25.35 -37.67
N PHE F 355 32.35 -24.33 -37.03
CA PHE F 355 32.94 -23.19 -37.75
C PHE F 355 34.33 -22.84 -37.24
N ALA F 356 35.21 -22.47 -38.17
CA ALA F 356 36.55 -22.02 -37.82
C ALA F 356 36.55 -20.51 -37.60
N LEU F 357 37.31 -20.07 -36.60
CA LEU F 357 37.33 -18.65 -36.22
C LEU F 357 38.75 -18.12 -36.05
N LYS F 358 39.05 -17.04 -36.75
CA LYS F 358 40.36 -16.38 -36.68
C LYS F 358 40.16 -14.89 -36.39
N ILE F 359 40.55 -14.47 -35.20
CA ILE F 359 40.38 -13.08 -34.75
C ILE F 359 41.73 -12.37 -34.59
N GLY F 360 41.83 -11.19 -35.18
CA GLY F 360 43.04 -10.37 -35.09
C GLY F 360 42.83 -8.98 -35.66
N ASP F 361 43.33 -7.97 -34.94
CA ASP F 361 43.28 -6.55 -35.35
C ASP F 361 41.87 -5.99 -35.56
N GLY F 362 40.86 -6.68 -35.05
CA GLY F 362 39.47 -6.23 -35.13
C GLY F 362 38.62 -6.98 -36.15
N ARG F 363 39.26 -7.57 -37.15
CA ARG F 363 38.54 -8.30 -38.20
C ARG F 363 38.64 -9.81 -37.97
N ALA F 364 37.61 -10.54 -38.40
CA ALA F 364 37.54 -11.98 -38.14
C ALA F 364 37.29 -12.82 -39.39
N ARG F 365 37.88 -14.02 -39.40
CA ARG F 365 37.62 -15.01 -40.44
C ARG F 365 36.71 -16.11 -39.91
N CYS F 366 35.64 -16.39 -40.64
CA CYS F 366 34.71 -17.46 -40.26
C CYS F 366 34.23 -18.26 -41.48
N THR F 367 34.60 -19.54 -41.50
CA THR F 367 34.23 -20.45 -42.57
C THR F 367 33.79 -21.80 -42.01
N PRO F 368 32.79 -22.46 -42.66
CA PRO F 368 32.33 -23.78 -42.23
C PRO F 368 33.45 -24.82 -42.31
N THR F 369 33.55 -25.65 -41.26
CA THR F 369 34.60 -26.67 -41.16
C THR F 369 34.11 -27.92 -40.43
N ASP F 370 34.97 -28.91 -40.30
CA ASP F 370 34.69 -30.13 -39.53
C ASP F 370 35.92 -30.64 -38.76
N ALA F 371 36.86 -29.74 -38.49
CA ALA F 371 38.03 -30.04 -37.68
C ALA F 371 37.67 -30.07 -36.19
N ALA F 372 38.57 -30.61 -35.37
CA ALA F 372 38.32 -30.79 -33.93
C ALA F 372 37.82 -29.51 -33.23
N ALA F 373 36.65 -29.62 -32.59
CA ALA F 373 36.02 -28.50 -31.90
C ALA F 373 36.67 -28.22 -30.55
N GLU F 374 36.82 -26.93 -30.24
CA GLU F 374 37.41 -26.49 -28.97
C GLU F 374 36.38 -25.87 -28.05
N ILE F 375 35.51 -25.04 -28.61
CA ILE F 375 34.43 -24.40 -27.86
C ILE F 375 33.07 -24.95 -28.31
N GLU F 376 32.23 -25.28 -27.34
CA GLU F 376 30.89 -25.80 -27.61
C GLU F 376 29.83 -24.96 -26.92
N MET F 377 28.90 -24.42 -27.71
CA MET F 377 27.81 -23.58 -27.18
C MET F 377 26.53 -23.74 -28.00
N ASP F 378 25.40 -23.47 -27.35
CA ASP F 378 24.09 -23.48 -28.01
C ASP F 378 23.91 -22.26 -28.91
N ARG F 379 22.85 -22.29 -29.71
CA ARG F 379 22.58 -21.23 -30.69
C ARG F 379 22.29 -19.87 -30.05
N ASP F 380 21.60 -19.89 -28.91
CA ASP F 380 21.23 -18.66 -28.21
C ASP F 380 22.39 -18.01 -27.44
N VAL F 381 23.38 -18.82 -27.07
CA VAL F 381 24.56 -18.35 -26.34
C VAL F 381 25.37 -17.36 -27.19
N LEU F 382 25.37 -17.60 -28.50
CA LEU F 382 26.04 -16.71 -29.46
C LEU F 382 25.30 -15.37 -29.57
N GLY F 383 23.98 -15.41 -29.42
CA GLY F 383 23.14 -14.22 -29.48
C GLY F 383 23.45 -13.18 -28.40
N SER F 384 23.71 -13.67 -27.19
CA SER F 384 24.04 -12.82 -26.05
C SER F 384 25.44 -12.22 -26.16
N LEU F 385 26.37 -13.03 -26.67
CA LEU F 385 27.77 -12.61 -26.82
C LEU F 385 28.01 -11.66 -27.98
N TYR F 386 27.14 -11.75 -29.00
CA TYR F 386 27.35 -11.05 -30.28
C TYR F 386 27.49 -9.54 -30.13
N LEU F 387 26.51 -8.89 -29.52
CA LEU F 387 26.55 -7.44 -29.33
C LEU F 387 27.54 -7.03 -28.24
N GLY F 388 27.92 -7.98 -27.40
CA GLY F 388 28.93 -7.75 -26.36
C GLY F 388 28.37 -7.21 -25.07
N ALA F 389 27.25 -7.77 -24.63
CA ALA F 389 26.61 -7.36 -23.38
C ALA F 389 26.94 -8.35 -22.26
N HIS F 390 26.96 -9.64 -22.59
CA HIS F 390 27.27 -10.69 -21.61
C HIS F 390 28.62 -11.29 -21.90
N ARG F 391 29.46 -11.33 -20.88
CA ARG F 391 30.82 -11.88 -20.99
C ARG F 391 30.80 -13.40 -21.13
N ALA F 392 31.82 -13.95 -21.79
CA ALA F 392 31.94 -15.40 -21.97
C ALA F 392 32.32 -16.13 -20.68
N SER F 393 32.97 -15.40 -19.76
CA SER F 393 33.33 -15.94 -18.45
C SER F 393 32.10 -16.23 -17.59
N THR F 394 31.07 -15.41 -17.75
CA THR F 394 29.80 -15.58 -17.05
C THR F 394 29.05 -16.81 -17.55
N LEU F 395 29.05 -16.99 -18.87
CA LEU F 395 28.36 -18.11 -19.51
C LEU F 395 29.12 -19.43 -19.34
N ALA F 396 30.42 -19.35 -19.11
CA ALA F 396 31.26 -20.52 -18.89
C ALA F 396 31.04 -21.12 -17.50
N ALA F 397 30.96 -20.26 -16.49
CA ALA F 397 30.68 -20.67 -15.12
C ALA F 397 29.25 -21.22 -15.00
N ALA F 398 28.38 -20.77 -15.91
CA ALA F 398 27.01 -21.27 -16.01
C ALA F 398 26.91 -22.48 -16.92
N ASN F 399 28.05 -22.85 -17.52
CA ASN F 399 28.19 -24.01 -18.41
C ASN F 399 27.33 -23.92 -19.69
N ARG F 400 27.04 -22.70 -20.12
CA ARG F 400 26.33 -22.48 -21.37
C ARG F 400 27.27 -22.63 -22.57
N LEU F 401 28.52 -22.26 -22.37
CA LEU F 401 29.59 -22.53 -23.33
C LEU F 401 30.70 -23.35 -22.66
N ARG F 402 31.14 -24.41 -23.34
CA ARG F 402 32.12 -25.34 -22.77
C ARG F 402 33.44 -25.34 -23.52
N THR F 403 34.54 -25.30 -22.77
CA THR F 403 35.89 -25.40 -23.31
C THR F 403 36.87 -25.89 -22.24
N LYS F 404 37.87 -26.66 -22.66
CA LYS F 404 38.89 -27.17 -21.76
C LYS F 404 40.06 -26.20 -21.63
N ASP F 405 40.12 -25.23 -22.54
CA ASP F 405 41.16 -24.20 -22.54
C ASP F 405 40.64 -22.95 -21.85
N SER F 406 41.23 -22.63 -20.69
CA SER F 406 40.80 -21.50 -19.87
C SER F 406 41.34 -20.15 -20.36
N GLN F 407 42.48 -20.19 -21.03
CA GLN F 407 43.09 -18.99 -21.61
C GLN F 407 42.29 -18.52 -22.83
N LEU F 408 41.68 -19.47 -23.54
CA LEU F 408 40.82 -19.20 -24.68
C LEU F 408 39.58 -18.39 -24.28
N LEU F 409 39.09 -18.65 -23.07
CA LEU F 409 37.97 -17.91 -22.48
C LEU F 409 38.29 -16.44 -22.23
N ARG F 410 39.48 -16.19 -21.68
CA ARG F 410 39.92 -14.84 -21.35
C ARG F 410 40.09 -13.97 -22.59
N ARG F 411 40.44 -14.59 -23.70
CA ARG F 411 40.56 -13.91 -24.99
C ARG F 411 39.19 -13.54 -25.57
N LEU F 412 38.23 -14.47 -25.42
CA LEU F 412 36.86 -14.26 -25.92
C LEU F 412 36.12 -13.14 -25.18
N ASP F 413 36.48 -12.94 -23.90
CA ASP F 413 35.94 -11.85 -23.10
C ASP F 413 36.40 -10.49 -23.65
N ALA F 414 37.68 -10.41 -24.03
CA ALA F 414 38.26 -9.18 -24.55
C ALA F 414 37.88 -8.92 -26.01
N ALA F 415 37.84 -9.99 -26.81
CA ALA F 415 37.56 -9.88 -28.25
C ALA F 415 36.13 -9.45 -28.56
N PHE F 416 35.17 -10.04 -27.85
CA PHE F 416 33.75 -9.73 -28.07
C PHE F 416 33.30 -8.45 -27.37
N ALA F 417 34.15 -7.89 -26.52
CA ALA F 417 33.86 -6.65 -25.81
C ALA F 417 33.79 -5.47 -26.77
N SER F 418 32.59 -4.90 -26.90
CA SER F 418 32.36 -3.75 -27.77
C SER F 418 32.95 -2.49 -27.15
N ASP F 419 33.70 -1.73 -27.96
CA ASP F 419 34.35 -0.50 -27.51
C ASP F 419 33.31 0.57 -27.17
N VAL F 420 32.37 0.80 -28.09
CA VAL F 420 31.25 1.71 -27.86
C VAL F 420 30.12 0.92 -27.17
N PRO F 421 29.72 1.36 -25.96
CA PRO F 421 28.68 0.70 -25.16
C PRO F 421 27.40 0.42 -25.93
N VAL F 422 26.83 -0.77 -25.70
CA VAL F 422 25.65 -1.24 -26.41
C VAL F 422 24.39 -0.59 -25.86
N GLN F 423 23.51 -0.16 -26.75
CA GLN F 423 22.23 0.47 -26.37
C GLN F 423 21.06 -0.19 -27.10
N THR F 424 19.89 -0.17 -26.45
CA THR F 424 18.66 -0.65 -27.07
C THR F 424 18.02 0.51 -27.83
N ALA F 425 17.70 0.28 -29.10
CA ALA F 425 17.13 1.31 -29.97
C ALA F 425 15.68 1.62 -29.59
N PHE F 426 14.75 0.80 -30.08
CA PHE F 426 13.33 0.94 -29.72
C PHE F 426 12.63 -0.41 -29.67
N GLU F 427 11.50 -0.43 -28.96
CA GLU F 427 10.72 -1.66 -28.77
C GLU F 427 9.84 -1.94 -29.98
N PHE F 428 9.97 -3.14 -30.54
CA PHE F 428 9.19 -3.55 -31.70
C PHE F 428 8.57 -4.93 -31.53
#